data_7VXQ
#
_entry.id   7VXQ
#
_cell.length_a   66.390
_cell.length_b   122.320
_cell.length_c   99.910
_cell.angle_alpha   90.000
_cell.angle_beta   103.115
_cell.angle_gamma   90.000
#
_symmetry.space_group_name_H-M   'P 1 21 1'
#
loop_
_entity.id
_entity.type
_entity.pdbx_description
1 polymer '[NiFe]-hydrogenase 2 large subunit'
2 polymer 'NiFe hydrogenase'
3 non-polymer 'MAGNESIUM ION'
4 non-polymer formyl[bis(hydrocyanato-1kappaC)]ironnickel(Fe-Ni)
5 non-polymer 'CARBON MONOXIDE'
6 non-polymer GLYCEROL
7 non-polymer 'IRON/SULFUR CLUSTER'
8 non-polymer 'FE3-S4 CLUSTER'
9 water water
#
loop_
_entity_poly.entity_id
_entity_poly.type
_entity_poly.pdbx_seq_one_letter_code
_entity_poly.pdbx_strand_id
1 'polypeptide(L)'
;MSQRITIDPVTRIEGHLRIDCEIENGVVSKAWASGTMWRGMEEIVKNRDPRDAWMIVQRICGVCTTTHAISSVRAAESAL
NIDVPVNAQYIRNIILAAHTTHDHIVHFYQLSALDWVDITSALKADPAKASAMLNGVSTWHLNSAEEFTKVQNKIKDLVA
SGQLGIFANGCWGHPAMQLPPEVNLIAVAHYLQALECQRDANRVVALLGGKTPHIQNLAVGGVANPINLDGLGVLNLERL
MYIKSFIDKLSDFVEQVYKVDTAVIAAFYPEWLERGQGAVNYLSAPEFPTDGKNGSFLFPGGYITDADLSTYRPITSHSD
EYLIKGIQESAKHAWYKDEAPQAPWEGTTVPDYTGWSDDGKYSWVKAPTFYGKTVEVGPLANMLCKLAAKRESTHAKLNE
IVAIYTKLTGKTIEVAQLHSTLGRIIGRTVHCCELQNVLQDQYNALIVNIGKGDHTTFVKPDIPATGEFKGVGFLEAPRG
MLSHWMVIKDGIISNYQAVVPSTWNSGPRNFNDEVGPYERSLVGTPIADPNKPLEVVRTIHSFDPCMSCAVH
;
A,C
2 'polypeptide(L)'
;EMAESVSRPQRPPVIWIGAQECTGCTESLLRATHPTVENLVLETISLEYHEVLSAAFGHQVEENKHNALEKYKGQYVLVV
DGSIPLKDNGIYCMVAGEPIVDHIRRAAEGAAAIIAIGSCAAWGGVAAAGVNPTGAVGLQEVLPGKTIINIPGCPPNPHN
FLATVAHIITYGKPPKLDAKNRPTFAYGRLIHEHCERRPHFDAGRFAKEFGDEGHREGWCLYHLGCKGPETYGNCSTLQF
CDVGGVWPVAIGHPCYGCNEEGIGFHKGIHQLAHVENQTPRSEKPDVNIKEGGNISAGAVGLLGGVVGLVAGVSVMAVRE
LGRQQKKDNADSRGE
;
B,D
#
loop_
_chem_comp.id
_chem_comp.type
_chem_comp.name
_chem_comp.formula
CMO non-polymer 'CARBON MONOXIDE' 'C O'
F3S non-polymer 'FE3-S4 CLUSTER' 'Fe3 S4'
GOL non-polymer GLYCEROL 'C3 H8 O3'
MG non-polymer 'MAGNESIUM ION' 'Mg 2'
NFU non-polymer formyl[bis(hydrocyanato-1kappaC)]ironnickel(Fe-Ni) 'C3 H Fe N2 Ni O'
SF4 non-polymer 'IRON/SULFUR CLUSTER' 'Fe4 S4'
#
# COMPACT_ATOMS: atom_id res chain seq x y z
N SER A 2 -32.61 -45.02 -12.36
CA SER A 2 -31.29 -44.43 -12.00
C SER A 2 -30.81 -43.52 -13.14
N GLN A 3 -30.92 -42.20 -12.94
CA GLN A 3 -30.43 -41.15 -13.87
C GLN A 3 -28.95 -40.82 -13.53
N ARG A 4 -28.14 -40.59 -14.55
CA ARG A 4 -26.67 -40.37 -14.48
C ARG A 4 -26.36 -38.93 -14.90
N ILE A 5 -25.73 -38.13 -14.02
CA ILE A 5 -25.30 -36.75 -14.38
C ILE A 5 -23.77 -36.68 -14.28
N THR A 6 -23.16 -35.77 -15.04
CA THR A 6 -21.74 -35.43 -14.89
C THR A 6 -21.64 -33.92 -14.69
N ILE A 7 -20.76 -33.49 -13.78
CA ILE A 7 -20.35 -32.08 -13.60
C ILE A 7 -18.88 -32.01 -13.97
N ASP A 8 -18.60 -31.44 -15.13
CA ASP A 8 -17.22 -31.39 -15.68
C ASP A 8 -17.16 -30.23 -16.64
N PRO A 9 -16.47 -29.12 -16.32
CA PRO A 9 -15.72 -28.96 -15.07
C PRO A 9 -16.53 -28.54 -13.83
N VAL A 10 -16.11 -28.98 -12.63
CA VAL A 10 -16.51 -28.33 -11.35
C VAL A 10 -15.70 -27.03 -11.22
N THR A 11 -16.35 -25.86 -11.12
CA THR A 11 -15.66 -24.55 -11.10
C THR A 11 -15.51 -24.10 -9.66
N ARG A 12 -14.76 -23.03 -9.41
CA ARG A 12 -14.60 -22.40 -8.07
C ARG A 12 -13.98 -23.42 -7.11
N ILE A 13 -13.02 -24.16 -7.67
CA ILE A 13 -12.06 -25.03 -6.96
C ILE A 13 -10.71 -24.73 -7.60
N GLU A 14 -9.63 -25.21 -7.01
CA GLU A 14 -8.33 -25.30 -7.72
C GLU A 14 -8.33 -26.56 -8.61
N GLY A 15 -7.96 -26.42 -9.88
CA GLY A 15 -7.61 -27.54 -10.78
C GLY A 15 -8.84 -28.18 -11.42
N HIS A 16 -8.68 -29.42 -11.90
CA HIS A 16 -9.59 -30.06 -12.88
C HIS A 16 -10.29 -31.25 -12.20
N LEU A 17 -11.55 -31.06 -11.84
CA LEU A 17 -12.39 -32.08 -11.17
C LEU A 17 -13.61 -32.42 -12.03
N ARG A 18 -13.88 -33.71 -12.16
CA ARG A 18 -15.12 -34.28 -12.71
C ARG A 18 -15.86 -35.01 -11.57
N ILE A 19 -17.14 -34.70 -11.40
CA ILE A 19 -18.02 -35.44 -10.46
C ILE A 19 -19.11 -36.12 -11.28
N ASP A 20 -19.35 -37.41 -11.06
CA ASP A 20 -20.53 -38.11 -11.64
C ASP A 20 -21.41 -38.57 -10.48
N CYS A 21 -22.72 -38.50 -10.65
CA CYS A 21 -23.71 -38.93 -9.66
C CYS A 21 -24.77 -39.79 -10.36
N GLU A 22 -25.17 -40.91 -9.75
CA GLU A 22 -26.42 -41.62 -10.08
C GLU A 22 -27.50 -41.00 -9.21
N ILE A 23 -28.64 -40.65 -9.79
CA ILE A 23 -29.76 -40.04 -9.00
C ILE A 23 -30.96 -40.98 -9.06
N GLU A 24 -31.43 -41.40 -7.89
CA GLU A 24 -32.65 -42.23 -7.74
C GLU A 24 -33.65 -41.43 -6.92
N ASN A 25 -34.83 -41.19 -7.48
CA ASN A 25 -35.96 -40.60 -6.72
C ASN A 25 -35.49 -39.24 -6.15
N GLY A 26 -34.91 -38.40 -7.00
CA GLY A 26 -34.52 -37.00 -6.64
C GLY A 26 -33.38 -36.90 -5.61
N VAL A 27 -32.63 -37.99 -5.37
CA VAL A 27 -31.56 -38.04 -4.32
C VAL A 27 -30.34 -38.72 -4.94
N VAL A 28 -29.12 -38.26 -4.68
CA VAL A 28 -27.98 -39.02 -5.27
C VAL A 28 -27.76 -40.28 -4.41
N SER A 29 -27.61 -41.41 -5.09
CA SER A 29 -27.45 -42.73 -4.43
C SER A 29 -26.00 -43.22 -4.53
N LYS A 30 -25.24 -42.71 -5.50
CA LYS A 30 -23.84 -43.20 -5.75
C LYS A 30 -23.05 -42.12 -6.48
N ALA A 31 -21.76 -41.94 -6.13
CA ALA A 31 -20.96 -40.87 -6.78
C ALA A 31 -19.53 -41.34 -7.08
N TRP A 32 -18.92 -40.67 -8.07
CA TRP A 32 -17.51 -40.83 -8.50
C TRP A 32 -16.86 -39.43 -8.54
N ALA A 33 -15.68 -39.29 -7.94
CA ALA A 33 -14.78 -38.12 -8.06
C ALA A 33 -13.61 -38.51 -8.96
N SER A 34 -13.29 -37.67 -9.93
CA SER A 34 -12.18 -37.90 -10.88
C SER A 34 -11.31 -36.63 -11.01
N GLY A 35 -10.03 -36.76 -10.69
CA GLY A 35 -9.04 -35.75 -11.08
C GLY A 35 -8.59 -36.05 -12.48
N THR A 36 -8.72 -35.07 -13.35
CA THR A 36 -8.62 -35.28 -14.81
C THR A 36 -7.31 -34.73 -15.37
N MET A 37 -6.39 -34.25 -14.54
CA MET A 37 -5.09 -33.70 -15.01
C MET A 37 -3.97 -34.21 -14.12
N TRP A 38 -2.89 -34.67 -14.76
CA TRP A 38 -1.68 -35.20 -14.07
C TRP A 38 -0.45 -34.50 -14.65
N ARG A 39 0.55 -34.20 -13.81
CA ARG A 39 1.85 -33.63 -14.27
C ARG A 39 3.03 -34.56 -13.98
N GLY A 40 2.93 -35.42 -12.97
CA GLY A 40 4.07 -36.29 -12.57
C GLY A 40 5.15 -35.50 -11.83
N MET A 41 4.73 -34.65 -10.90
CA MET A 41 5.65 -33.80 -10.12
C MET A 41 6.62 -34.66 -9.28
N GLU A 42 6.19 -35.83 -8.79
CA GLU A 42 7.00 -36.78 -7.97
C GLU A 42 8.12 -37.36 -8.83
N GLU A 43 7.89 -37.55 -10.14
CA GLU A 43 8.93 -38.03 -11.10
C GLU A 43 9.89 -36.88 -11.45
N ILE A 44 9.36 -35.68 -11.68
CA ILE A 44 10.15 -34.49 -12.11
C ILE A 44 11.23 -34.20 -11.07
N VAL A 45 10.93 -34.39 -9.79
CA VAL A 45 11.88 -34.00 -8.72
C VAL A 45 12.93 -35.09 -8.47
N LYS A 46 12.71 -36.30 -8.98
CA LYS A 46 13.59 -37.46 -8.71
C LYS A 46 14.99 -37.22 -9.29
N ASN A 47 16.02 -37.77 -8.63
CA ASN A 47 17.45 -37.77 -9.08
C ASN A 47 18.09 -36.38 -8.93
N ARG A 48 17.56 -35.54 -8.04
CA ARG A 48 18.09 -34.17 -7.79
C ARG A 48 18.72 -34.16 -6.41
N ASP A 49 19.57 -33.17 -6.16
CA ASP A 49 20.02 -32.79 -4.79
C ASP A 49 18.77 -32.64 -3.94
N PRO A 50 18.74 -33.14 -2.69
CA PRO A 50 17.59 -32.99 -1.79
C PRO A 50 17.25 -31.53 -1.49
N ARG A 51 18.26 -30.65 -1.57
CA ARG A 51 18.08 -29.21 -1.27
C ARG A 51 17.20 -28.56 -2.35
N ASP A 52 17.15 -29.10 -3.56
CA ASP A 52 16.44 -28.48 -4.70
C ASP A 52 14.92 -28.80 -4.67
N ALA A 53 14.50 -29.86 -3.98
CA ALA A 53 13.12 -30.38 -4.14
C ALA A 53 12.09 -29.26 -3.89
N TRP A 54 12.28 -28.50 -2.83
CA TRP A 54 11.22 -27.60 -2.30
C TRP A 54 10.81 -26.55 -3.34
N MET A 55 11.72 -26.09 -4.17
CA MET A 55 11.44 -25.05 -5.18
C MET A 55 10.63 -25.69 -6.30
N ILE A 56 10.84 -26.99 -6.58
CA ILE A 56 10.11 -27.70 -7.68
C ILE A 56 8.73 -28.11 -7.17
N VAL A 57 8.67 -28.75 -6.00
CA VAL A 57 7.38 -29.37 -5.53
C VAL A 57 6.49 -28.27 -4.92
N GLN A 58 7.00 -27.07 -4.67
CA GLN A 58 6.12 -25.94 -4.29
C GLN A 58 5.11 -25.70 -5.45
N ARG A 59 5.52 -25.96 -6.66
CA ARG A 59 4.66 -25.80 -7.86
C ARG A 59 3.61 -26.91 -8.01
N ILE A 60 3.48 -27.85 -7.09
CA ILE A 60 2.29 -28.72 -7.04
C ILE A 60 1.05 -27.83 -7.00
N CYS A 61 1.09 -26.71 -6.27
CA CYS A 61 -0.08 -25.84 -6.20
C CYS A 61 0.28 -24.40 -5.87
N GLY A 62 -0.39 -23.50 -6.57
CA GLY A 62 -0.28 -22.05 -6.34
C GLY A 62 -1.36 -21.47 -5.45
N VAL A 63 -2.43 -22.21 -5.18
CA VAL A 63 -3.51 -21.73 -4.27
C VAL A 63 -2.98 -21.99 -2.87
N CYS A 64 -2.55 -23.22 -2.60
CA CYS A 64 -1.88 -23.58 -1.31
C CYS A 64 -0.36 -23.47 -1.55
N THR A 65 0.05 -22.32 -2.01
CA THR A 65 1.46 -21.95 -2.08
C THR A 65 1.97 -21.95 -0.63
N THR A 66 3.27 -22.03 -0.47
CA THR A 66 3.98 -22.23 0.84
C THR A 66 3.95 -23.71 1.30
N THR A 67 2.81 -24.39 1.26
CA THR A 67 2.56 -25.66 2.00
C THR A 67 3.51 -26.74 1.52
N HIS A 68 3.58 -26.99 0.23
CA HIS A 68 4.48 -28.02 -0.33
C HIS A 68 5.95 -27.63 -0.11
N ALA A 69 6.27 -26.35 -0.08
CA ALA A 69 7.65 -25.89 0.13
C ALA A 69 8.07 -26.25 1.55
N ILE A 70 7.27 -25.88 2.54
CA ILE A 70 7.59 -26.16 3.96
C ILE A 70 7.63 -27.69 4.16
N SER A 71 6.65 -28.44 3.65
CA SER A 71 6.57 -29.92 3.81
C SER A 71 7.84 -30.56 3.21
N SER A 72 8.29 -30.11 2.03
CA SER A 72 9.51 -30.63 1.35
C SER A 72 10.75 -30.41 2.23
N VAL A 73 11.00 -29.20 2.72
CA VAL A 73 12.23 -28.96 3.54
C VAL A 73 12.07 -29.78 4.85
N ARG A 74 10.86 -29.90 5.44
CA ARG A 74 10.65 -30.73 6.65
C ARG A 74 10.98 -32.20 6.36
N ALA A 75 10.69 -32.69 5.16
CA ALA A 75 11.00 -34.09 4.76
C ALA A 75 12.52 -34.26 4.63
N ALA A 76 13.21 -33.31 4.01
CA ALA A 76 14.69 -33.40 3.84
C ALA A 76 15.34 -33.33 5.23
N GLU A 77 14.86 -32.43 6.08
CA GLU A 77 15.33 -32.25 7.47
C GLU A 77 15.08 -33.53 8.28
N SER A 78 13.95 -34.20 8.06
CA SER A 78 13.63 -35.49 8.71
C SER A 78 14.68 -36.53 8.27
N ALA A 79 14.96 -36.65 6.98
CA ALA A 79 15.92 -37.63 6.45
C ALA A 79 17.31 -37.39 7.07
N LEU A 80 17.68 -36.14 7.30
CA LEU A 80 19.07 -35.74 7.59
C LEU A 80 19.25 -35.47 9.08
N ASN A 81 18.23 -35.75 9.89
CA ASN A 81 18.20 -35.49 11.35
C ASN A 81 18.63 -34.06 11.65
N ILE A 82 18.06 -33.06 10.97
CA ILE A 82 18.31 -31.60 11.24
C ILE A 82 17.25 -31.10 12.23
N ASP A 83 17.73 -30.41 13.25
CA ASP A 83 16.96 -29.59 14.20
C ASP A 83 16.87 -28.15 13.65
N VAL A 84 15.67 -27.65 13.34
CA VAL A 84 15.55 -26.31 12.70
C VAL A 84 15.75 -25.22 13.75
N PRO A 85 16.57 -24.20 13.46
CA PRO A 85 16.73 -23.04 14.36
C PRO A 85 15.35 -22.46 14.68
N VAL A 86 15.13 -22.16 15.94
CA VAL A 86 13.78 -21.69 16.37
C VAL A 86 13.36 -20.41 15.59
N ASN A 87 14.28 -19.50 15.21
CA ASN A 87 13.86 -18.27 14.44
C ASN A 87 13.30 -18.71 13.08
N ALA A 88 13.87 -19.76 12.47
CA ALA A 88 13.41 -20.31 11.19
C ALA A 88 12.00 -20.89 11.37
N GLN A 89 11.70 -21.47 12.53
CA GLN A 89 10.33 -21.95 12.87
C GLN A 89 9.35 -20.75 12.98
N TYR A 90 9.73 -19.67 13.65
CA TYR A 90 8.86 -18.49 13.83
C TYR A 90 8.49 -17.93 12.44
N ILE A 91 9.47 -17.85 11.56
CA ILE A 91 9.27 -17.30 10.19
C ILE A 91 8.39 -18.25 9.36
N ARG A 92 8.63 -19.54 9.40
CA ARG A 92 7.84 -20.54 8.65
C ARG A 92 6.40 -20.49 9.14
N ASN A 93 6.24 -20.41 10.46
CA ASN A 93 4.89 -20.36 11.11
C ASN A 93 4.11 -19.09 10.71
N ILE A 94 4.75 -17.93 10.70
CA ILE A 94 4.09 -16.65 10.34
C ILE A 94 3.64 -16.79 8.88
N ILE A 95 4.51 -17.28 8.01
CA ILE A 95 4.14 -17.47 6.57
C ILE A 95 2.96 -18.43 6.43
N LEU A 96 2.99 -19.57 7.10
CA LEU A 96 1.93 -20.60 6.98
C LEU A 96 0.61 -20.03 7.51
N ALA A 97 0.64 -19.37 8.65
CA ALA A 97 -0.57 -18.82 9.28
C ALA A 97 -1.17 -17.70 8.42
N ALA A 98 -0.33 -16.80 7.89
CA ALA A 98 -0.78 -15.66 7.09
C ALA A 98 -1.33 -16.22 5.79
N HIS A 99 -0.63 -17.15 5.13
CA HIS A 99 -1.10 -17.77 3.88
C HIS A 99 -2.47 -18.43 4.08
N THR A 100 -2.60 -19.21 5.15
CA THR A 100 -3.86 -19.92 5.50
C THR A 100 -5.00 -18.93 5.73
N THR A 101 -4.71 -17.77 6.30
CA THR A 101 -5.70 -16.67 6.43
C THR A 101 -6.23 -16.27 5.04
N HIS A 102 -5.38 -15.82 4.14
CA HIS A 102 -5.74 -15.53 2.73
C HIS A 102 -6.57 -16.70 2.15
N ASP A 103 -6.09 -17.93 2.31
CA ASP A 103 -6.63 -19.14 1.63
C ASP A 103 -8.09 -19.35 2.07
N HIS A 104 -8.32 -19.43 3.37
CA HIS A 104 -9.66 -19.63 3.97
C HIS A 104 -10.63 -18.49 3.58
N ILE A 105 -10.23 -17.22 3.66
CA ILE A 105 -11.09 -16.07 3.29
C ILE A 105 -11.47 -16.22 1.83
N VAL A 106 -10.52 -16.49 0.94
CA VAL A 106 -10.87 -16.62 -0.51
C VAL A 106 -11.81 -17.83 -0.71
N HIS A 107 -11.62 -18.91 0.04
CA HIS A 107 -12.46 -20.12 -0.09
C HIS A 107 -13.91 -19.76 0.26
N PHE A 108 -14.12 -19.13 1.39
CA PHE A 108 -15.49 -18.82 1.86
C PHE A 108 -16.14 -17.86 0.88
N TYR A 109 -15.43 -16.80 0.46
CA TYR A 109 -16.05 -15.74 -0.39
C TYR A 109 -15.93 -16.09 -1.86
N GLN A 110 -14.75 -15.98 -2.46
CA GLN A 110 -14.62 -16.09 -3.93
C GLN A 110 -14.95 -17.51 -4.43
N LEU A 111 -14.63 -18.58 -3.71
CA LEU A 111 -14.90 -19.95 -4.23
C LEU A 111 -16.29 -20.48 -3.80
N SER A 112 -16.78 -20.21 -2.60
CA SER A 112 -18.00 -20.92 -2.07
C SER A 112 -19.28 -20.08 -2.08
N ALA A 113 -19.21 -18.78 -1.81
CA ALA A 113 -20.37 -17.97 -1.40
C ALA A 113 -21.45 -18.03 -2.49
N LEU A 114 -21.06 -18.09 -3.77
CA LEU A 114 -22.06 -18.01 -4.85
C LEU A 114 -22.76 -19.38 -5.01
N ASP A 115 -22.46 -20.38 -4.17
CA ASP A 115 -23.31 -21.59 -4.04
C ASP A 115 -24.54 -21.28 -3.16
N TRP A 116 -24.43 -20.32 -2.24
CA TRP A 116 -25.39 -20.04 -1.14
C TRP A 116 -26.06 -18.67 -1.32
N VAL A 117 -25.51 -17.84 -2.21
CA VAL A 117 -25.83 -16.41 -2.39
C VAL A 117 -26.32 -16.24 -3.82
N ASP A 118 -27.46 -15.59 -3.98
CA ASP A 118 -28.03 -15.23 -5.30
C ASP A 118 -27.82 -13.73 -5.52
N ILE A 119 -27.00 -13.32 -6.49
CA ILE A 119 -26.64 -11.89 -6.71
C ILE A 119 -27.83 -11.14 -7.32
N THR A 120 -28.65 -11.80 -8.15
CA THR A 120 -29.85 -11.17 -8.79
C THR A 120 -30.84 -10.80 -7.67
N SER A 121 -30.99 -11.64 -6.64
CA SER A 121 -31.82 -11.36 -5.43
C SER A 121 -31.27 -10.15 -4.63
N ALA A 122 -29.94 -9.97 -4.53
CA ALA A 122 -29.31 -8.78 -3.91
C ALA A 122 -29.82 -7.46 -4.52
N LEU A 123 -30.04 -7.44 -5.83
CA LEU A 123 -30.64 -6.31 -6.60
C LEU A 123 -31.99 -5.87 -6.01
N LYS A 124 -32.72 -6.75 -5.33
CA LYS A 124 -34.09 -6.44 -4.83
C LYS A 124 -34.01 -6.04 -3.36
N ALA A 125 -32.81 -6.01 -2.78
CA ALA A 125 -32.64 -5.73 -1.34
C ALA A 125 -32.92 -4.25 -1.08
N ASP A 126 -33.35 -3.95 0.14
CA ASP A 126 -33.36 -2.60 0.75
C ASP A 126 -32.07 -2.47 1.57
N PRO A 127 -31.08 -1.64 1.16
CA PRO A 127 -29.84 -1.51 1.93
C PRO A 127 -30.01 -1.12 3.42
N ALA A 128 -30.94 -0.20 3.74
CA ALA A 128 -31.19 0.22 5.14
C ALA A 128 -31.62 -0.97 5.98
N LYS A 129 -32.52 -1.80 5.49
CA LYS A 129 -32.97 -3.01 6.23
C LYS A 129 -31.79 -4.00 6.31
N ALA A 130 -31.01 -4.19 5.25
CA ALA A 130 -29.82 -5.09 5.27
C ALA A 130 -28.88 -4.63 6.38
N SER A 131 -28.58 -3.33 6.42
CA SER A 131 -27.71 -2.71 7.46
C SER A 131 -28.34 -2.90 8.84
N ALA A 132 -29.62 -2.58 9.02
CA ALA A 132 -30.32 -2.70 10.33
C ALA A 132 -30.24 -4.13 10.89
N MET A 133 -30.34 -5.18 10.08
CA MET A 133 -30.35 -6.57 10.63
C MET A 133 -28.96 -7.00 11.14
N LEU A 134 -27.88 -6.25 10.91
CA LEU A 134 -26.58 -6.61 11.54
C LEU A 134 -26.35 -5.83 12.84
N ASN A 135 -27.25 -4.91 13.23
CA ASN A 135 -27.16 -4.20 14.54
C ASN A 135 -27.09 -5.21 15.68
N GLY A 136 -26.08 -5.10 16.53
CA GLY A 136 -25.88 -5.98 17.70
C GLY A 136 -25.35 -7.37 17.33
N VAL A 137 -25.18 -7.67 16.04
CA VAL A 137 -24.72 -9.00 15.52
C VAL A 137 -23.23 -8.89 15.20
N SER A 138 -22.79 -7.75 14.68
CA SER A 138 -21.39 -7.47 14.30
C SER A 138 -21.04 -6.03 14.65
N THR A 139 -19.81 -5.79 15.08
CA THR A 139 -19.23 -4.43 15.29
C THR A 139 -18.44 -3.96 14.06
N TRP A 140 -18.45 -4.72 12.98
CA TRP A 140 -17.80 -4.31 11.69
C TRP A 140 -18.22 -2.90 11.32
N HIS A 141 -17.25 -2.11 10.87
CA HIS A 141 -17.42 -0.68 10.55
C HIS A 141 -17.87 -0.46 9.11
N LEU A 142 -17.99 -1.51 8.28
CA LEU A 142 -18.41 -1.34 6.85
C LEU A 142 -19.70 -2.12 6.53
N ASN A 143 -20.72 -1.97 7.37
CA ASN A 143 -22.05 -2.59 7.21
C ASN A 143 -23.13 -1.51 7.07
N SER A 144 -22.76 -0.29 6.67
CA SER A 144 -23.69 0.85 6.57
C SER A 144 -24.61 0.64 5.37
N ALA A 145 -25.83 1.19 5.43
CA ALA A 145 -26.72 1.31 4.26
C ALA A 145 -25.96 1.88 3.06
N GLU A 146 -25.13 2.92 3.28
CA GLU A 146 -24.37 3.62 2.20
C GLU A 146 -23.32 2.66 1.59
N GLU A 147 -22.61 1.87 2.39
CA GLU A 147 -21.72 0.81 1.82
C GLU A 147 -22.56 -0.17 0.97
N PHE A 148 -23.68 -0.65 1.50
CA PHE A 148 -24.49 -1.68 0.78
C PHE A 148 -25.08 -1.09 -0.51
N THR A 149 -25.39 0.21 -0.50
CA THR A 149 -25.87 0.93 -1.71
C THR A 149 -24.77 1.01 -2.76
N LYS A 150 -23.54 1.40 -2.40
CA LYS A 150 -22.38 1.41 -3.36
C LYS A 150 -22.27 0.01 -3.99
N VAL A 151 -22.38 -1.06 -3.19
CA VAL A 151 -22.21 -2.46 -3.68
C VAL A 151 -23.40 -2.80 -4.59
N GLN A 152 -24.62 -2.48 -4.15
CA GLN A 152 -25.84 -2.75 -4.96
C GLN A 152 -25.69 -2.08 -6.33
N ASN A 153 -25.20 -0.83 -6.38
CA ASN A 153 -25.01 -0.08 -7.66
C ASN A 153 -23.95 -0.74 -8.54
N LYS A 154 -22.90 -1.35 -7.96
CA LYS A 154 -21.90 -2.12 -8.77
C LYS A 154 -22.58 -3.32 -9.42
N ILE A 155 -23.43 -4.03 -8.68
CA ILE A 155 -24.16 -5.22 -9.21
C ILE A 155 -25.10 -4.73 -10.32
N LYS A 156 -25.81 -3.63 -10.07
CA LYS A 156 -26.80 -3.04 -11.02
C LYS A 156 -26.09 -2.67 -12.33
N ASP A 157 -24.91 -2.07 -12.25
CA ASP A 157 -24.16 -1.59 -13.44
C ASP A 157 -23.61 -2.79 -14.22
N LEU A 158 -23.20 -3.87 -13.54
CA LEU A 158 -22.68 -5.09 -14.21
C LEU A 158 -23.84 -5.69 -15.05
N VAL A 159 -25.00 -5.88 -14.43
CA VAL A 159 -26.23 -6.45 -15.08
C VAL A 159 -26.64 -5.56 -16.27
N ALA A 160 -26.70 -4.23 -16.10
CA ALA A 160 -27.07 -3.25 -17.14
C ALA A 160 -26.11 -3.28 -18.35
N SER A 161 -24.82 -3.57 -18.15
CA SER A 161 -23.81 -3.69 -19.25
C SER A 161 -24.15 -4.86 -20.17
N GLY A 162 -24.92 -5.84 -19.67
CA GLY A 162 -25.22 -7.10 -20.38
C GLY A 162 -24.02 -8.03 -20.46
N GLN A 163 -22.94 -7.69 -19.77
CA GLN A 163 -21.68 -8.47 -19.76
C GLN A 163 -21.44 -8.96 -18.33
N LEU A 164 -22.09 -10.06 -17.96
CA LEU A 164 -22.02 -10.57 -16.57
C LEU A 164 -20.71 -11.35 -16.37
N GLY A 165 -20.08 -11.77 -17.48
CA GLY A 165 -18.80 -12.50 -17.52
C GLY A 165 -18.78 -13.64 -16.51
N ILE A 166 -17.96 -13.48 -15.46
CA ILE A 166 -17.73 -14.44 -14.33
C ILE A 166 -19.05 -14.83 -13.65
N PHE A 167 -20.04 -13.93 -13.65
CA PHE A 167 -21.29 -14.05 -12.87
C PHE A 167 -22.45 -14.54 -13.75
N ALA A 168 -22.19 -14.78 -15.04
CA ALA A 168 -23.21 -15.16 -16.06
C ALA A 168 -23.72 -16.58 -15.77
N ASN A 169 -25.04 -16.74 -15.75
N ASN A 169 -25.05 -16.73 -15.77
CA ASN A 169 -25.73 -18.07 -15.79
CA ASN A 169 -25.77 -18.04 -15.77
C ASN A 169 -25.34 -18.91 -14.57
C ASN A 169 -25.32 -18.89 -14.58
N GLY A 170 -25.08 -18.27 -13.43
CA GLY A 170 -24.93 -18.95 -12.11
C GLY A 170 -26.31 -19.43 -11.68
N CYS A 171 -26.45 -19.98 -10.47
CA CYS A 171 -27.72 -20.67 -10.06
C CYS A 171 -28.71 -19.64 -9.47
N TRP A 172 -28.89 -18.54 -10.19
CA TRP A 172 -29.76 -17.41 -9.79
C TRP A 172 -31.22 -17.86 -9.91
N GLY A 173 -32.01 -17.71 -8.85
CA GLY A 173 -33.41 -18.16 -8.79
C GLY A 173 -33.55 -19.65 -8.48
N HIS A 174 -32.46 -20.43 -8.42
CA HIS A 174 -32.55 -21.88 -8.12
C HIS A 174 -33.32 -22.05 -6.80
N PRO A 175 -34.19 -23.07 -6.65
CA PRO A 175 -35.00 -23.21 -5.45
C PRO A 175 -34.23 -23.51 -4.17
N ALA A 176 -33.00 -24.02 -4.25
CA ALA A 176 -32.13 -24.28 -3.08
C ALA A 176 -31.45 -22.99 -2.58
N MET A 177 -31.57 -21.88 -3.31
CA MET A 177 -31.10 -20.54 -2.83
C MET A 177 -32.11 -19.98 -1.84
N GLN A 178 -31.76 -19.85 -0.56
CA GLN A 178 -32.74 -19.61 0.55
C GLN A 178 -32.50 -18.29 1.28
N LEU A 179 -31.54 -17.45 0.86
CA LEU A 179 -31.33 -16.17 1.60
C LEU A 179 -32.35 -15.17 1.10
N PRO A 180 -32.87 -14.32 2.00
CA PRO A 180 -33.67 -13.17 1.57
C PRO A 180 -32.77 -12.15 0.86
N PRO A 181 -33.34 -11.26 0.00
CA PRO A 181 -32.55 -10.27 -0.75
C PRO A 181 -31.49 -9.50 0.07
N GLU A 182 -31.83 -9.07 1.28
CA GLU A 182 -30.96 -8.28 2.17
C GLU A 182 -29.70 -9.09 2.51
N VAL A 183 -29.85 -10.39 2.79
CA VAL A 183 -28.71 -11.20 3.25
C VAL A 183 -27.87 -11.56 2.02
N ASN A 184 -28.44 -11.66 0.82
CA ASN A 184 -27.65 -11.77 -0.42
C ASN A 184 -26.78 -10.52 -0.57
N LEU A 185 -27.33 -9.33 -0.31
CA LEU A 185 -26.60 -8.07 -0.61
C LEU A 185 -25.46 -7.91 0.40
N ILE A 186 -25.72 -8.19 1.67
CA ILE A 186 -24.70 -8.26 2.74
C ILE A 186 -23.53 -9.16 2.29
N ALA A 187 -23.81 -10.39 1.88
CA ALA A 187 -22.79 -11.37 1.41
C ALA A 187 -21.96 -10.82 0.25
N VAL A 188 -22.56 -10.21 -0.77
CA VAL A 188 -21.83 -9.62 -1.92
C VAL A 188 -20.91 -8.50 -1.41
N ALA A 189 -21.40 -7.63 -0.52
CA ALA A 189 -20.60 -6.52 0.06
C ALA A 189 -19.39 -7.15 0.78
N HIS A 190 -19.59 -8.24 1.53
CA HIS A 190 -18.53 -8.93 2.30
C HIS A 190 -17.54 -9.66 1.36
N TYR A 191 -18.04 -10.19 0.25
CA TYR A 191 -17.24 -10.77 -0.86
C TYR A 191 -16.20 -9.76 -1.35
N LEU A 192 -16.63 -8.54 -1.64
CA LEU A 192 -15.73 -7.47 -2.15
C LEU A 192 -14.78 -7.02 -1.03
N GLN A 193 -15.25 -6.91 0.21
CA GLN A 193 -14.38 -6.49 1.34
C GLN A 193 -13.34 -7.58 1.62
N ALA A 194 -13.70 -8.86 1.47
CA ALA A 194 -12.80 -10.01 1.66
C ALA A 194 -11.53 -9.82 0.81
N LEU A 195 -11.67 -9.28 -0.39
CA LEU A 195 -10.51 -9.15 -1.33
C LEU A 195 -9.44 -8.23 -0.77
N GLU A 196 -9.81 -7.19 -0.01
N GLU A 196 -9.80 -7.21 0.01
CA GLU A 196 -8.85 -6.30 0.70
CA GLU A 196 -8.82 -6.32 0.68
C GLU A 196 -8.15 -7.07 1.81
C GLU A 196 -8.14 -7.07 1.82
N CYS A 197 -8.89 -7.83 2.61
CA CYS A 197 -8.33 -8.53 3.79
C CYS A 197 -7.31 -9.58 3.32
N GLN A 198 -7.63 -10.33 2.28
CA GLN A 198 -6.76 -11.45 1.83
C GLN A 198 -5.49 -10.84 1.26
N ARG A 199 -5.59 -9.65 0.64
CA ARG A 199 -4.40 -8.92 0.10
C ARG A 199 -3.46 -8.53 1.25
N ASP A 200 -3.97 -8.04 2.36
CA ASP A 200 -3.16 -7.75 3.57
C ASP A 200 -2.50 -9.03 4.12
N ALA A 201 -3.21 -10.15 4.16
CA ALA A 201 -2.64 -11.46 4.58
C ALA A 201 -1.43 -11.78 3.71
N ASN A 202 -1.58 -11.60 2.41
CA ASN A 202 -0.48 -11.94 1.50
C ASN A 202 0.66 -10.93 1.55
N ARG A 203 0.46 -9.71 2.04
CA ARG A 203 1.60 -8.77 2.24
C ARG A 203 2.49 -9.26 3.39
N VAL A 204 1.91 -9.91 4.39
CA VAL A 204 2.72 -10.59 5.45
C VAL A 204 3.62 -11.66 4.81
N VAL A 205 3.01 -12.56 4.04
CA VAL A 205 3.68 -13.67 3.33
C VAL A 205 4.80 -13.08 2.45
N ALA A 206 4.53 -12.02 1.69
CA ALA A 206 5.50 -11.46 0.73
C ALA A 206 6.73 -10.92 1.45
N LEU A 207 6.56 -10.23 2.57
CA LEU A 207 7.67 -9.55 3.28
C LEU A 207 8.64 -10.57 3.88
N LEU A 208 8.18 -11.78 4.20
CA LEU A 208 9.08 -12.88 4.66
C LEU A 208 9.42 -13.84 3.53
N GLY A 209 8.53 -14.08 2.56
CA GLY A 209 8.80 -15.07 1.50
C GLY A 209 9.56 -14.53 0.29
N GLY A 210 9.55 -13.21 0.04
CA GLY A 210 10.23 -12.62 -1.13
C GLY A 210 9.27 -12.40 -2.27
N LYS A 211 8.04 -12.89 -2.09
CA LYS A 211 6.90 -12.76 -3.04
C LYS A 211 5.86 -13.83 -2.68
N THR A 212 4.68 -13.72 -3.27
CA THR A 212 3.63 -14.77 -3.25
C THR A 212 2.71 -14.43 -4.41
N PRO A 213 2.26 -15.41 -5.18
CA PRO A 213 2.54 -16.82 -4.94
C PRO A 213 3.99 -17.32 -5.08
N HIS A 214 4.27 -18.46 -4.44
CA HIS A 214 5.50 -19.25 -4.48
C HIS A 214 6.58 -18.50 -3.71
N ILE A 215 6.67 -18.76 -2.41
CA ILE A 215 7.69 -18.09 -1.57
C ILE A 215 9.08 -18.55 -2.02
N GLN A 216 10.11 -17.83 -1.59
CA GLN A 216 11.49 -18.15 -2.01
C GLN A 216 12.44 -17.87 -0.87
N ASN A 217 12.03 -18.16 0.37
CA ASN A 217 12.88 -17.88 1.57
C ASN A 217 13.26 -19.13 2.33
N LEU A 218 12.98 -20.31 1.86
CA LEU A 218 13.26 -21.57 2.59
C LEU A 218 14.64 -22.15 2.25
N ALA A 219 15.02 -23.13 3.03
CA ALA A 219 16.24 -23.94 2.83
C ALA A 219 16.07 -25.19 3.67
N VAL A 220 16.58 -26.30 3.17
CA VAL A 220 16.81 -27.46 4.05
C VAL A 220 17.81 -26.97 5.09
N GLY A 221 17.39 -26.85 6.34
CA GLY A 221 18.22 -26.29 7.43
C GLY A 221 17.68 -25.00 8.01
N GLY A 222 16.68 -24.35 7.41
CA GLY A 222 15.99 -23.21 8.06
C GLY A 222 15.41 -22.25 7.06
N VAL A 223 15.82 -20.99 7.07
CA VAL A 223 15.31 -19.98 6.10
C VAL A 223 16.45 -19.13 5.55
N ALA A 224 16.17 -18.37 4.51
CA ALA A 224 17.18 -17.53 3.82
C ALA A 224 17.06 -16.07 4.28
N ASN A 225 16.16 -15.76 5.18
CA ASN A 225 16.01 -14.40 5.74
C ASN A 225 17.22 -14.10 6.61
N PRO A 226 17.97 -13.00 6.37
CA PRO A 226 19.10 -12.65 7.24
C PRO A 226 18.61 -11.71 8.33
N ILE A 227 18.64 -12.18 9.56
CA ILE A 227 18.16 -11.37 10.70
C ILE A 227 19.32 -10.48 11.15
N ASN A 228 19.11 -9.16 11.09
CA ASN A 228 20.09 -8.19 11.60
C ASN A 228 19.38 -6.85 11.78
N LEU A 229 18.97 -6.58 13.01
CA LEU A 229 18.27 -5.34 13.39
C LEU A 229 19.03 -4.12 12.87
N ASP A 230 20.36 -4.20 12.74
CA ASP A 230 21.23 -3.04 12.38
C ASP A 230 21.69 -3.07 10.92
N GLY A 231 21.17 -3.99 10.10
CA GLY A 231 21.70 -4.25 8.76
C GLY A 231 20.86 -3.52 7.74
N LEU A 232 21.50 -2.91 6.77
CA LEU A 232 20.84 -2.33 5.60
C LEU A 232 20.55 -3.47 4.60
N GLY A 233 19.33 -3.51 4.03
CA GLY A 233 18.94 -4.46 2.96
C GLY A 233 18.59 -5.88 3.43
N VAL A 234 18.38 -6.10 4.73
CA VAL A 234 18.11 -7.45 5.30
C VAL A 234 16.93 -7.35 6.28
N LEU A 235 16.67 -8.39 7.05
CA LEU A 235 15.47 -8.41 7.93
C LEU A 235 15.80 -7.65 9.20
N ASN A 236 15.46 -6.35 9.21
CA ASN A 236 15.85 -5.40 10.29
C ASN A 236 14.57 -5.02 11.05
N LEU A 237 14.68 -4.10 12.02
CA LEU A 237 13.49 -3.72 12.81
C LEU A 237 12.47 -3.03 11.90
N GLU A 238 12.88 -2.16 10.99
CA GLU A 238 11.94 -1.47 10.05
C GLU A 238 11.14 -2.53 9.27
N ARG A 239 11.79 -3.56 8.71
CA ARG A 239 11.08 -4.65 7.98
C ARG A 239 10.09 -5.39 8.89
N LEU A 240 10.45 -5.66 10.14
CA LEU A 240 9.62 -6.39 11.11
C LEU A 240 8.44 -5.52 11.51
N MET A 241 8.66 -4.21 11.66
CA MET A 241 7.54 -3.29 11.94
C MET A 241 6.57 -3.29 10.74
N TYR A 242 7.07 -3.39 9.54
CA TYR A 242 6.19 -3.38 8.32
C TYR A 242 5.33 -4.66 8.31
N ILE A 243 5.94 -5.80 8.62
CA ILE A 243 5.23 -7.12 8.76
C ILE A 243 4.12 -6.98 9.80
N LYS A 244 4.45 -6.42 10.97
CA LYS A 244 3.48 -6.29 12.07
C LYS A 244 2.30 -5.41 11.62
N SER A 245 2.55 -4.33 10.89
CA SER A 245 1.49 -3.41 10.42
C SER A 245 0.42 -4.18 9.61
N PHE A 246 0.78 -5.21 8.87
CA PHE A 246 -0.17 -6.00 8.04
C PHE A 246 -0.81 -7.12 8.87
N ILE A 247 -0.07 -7.74 9.79
CA ILE A 247 -0.64 -8.74 10.76
C ILE A 247 -1.82 -8.08 11.48
N ASP A 248 -1.63 -6.85 11.91
CA ASP A 248 -2.61 -6.05 12.73
C ASP A 248 -3.88 -5.77 11.95
N LYS A 249 -3.86 -5.79 10.63
CA LYS A 249 -5.03 -5.45 9.79
C LYS A 249 -5.99 -6.64 9.56
N LEU A 250 -5.64 -7.87 9.97
CA LEU A 250 -6.40 -9.09 9.55
C LEU A 250 -7.59 -9.36 10.49
N SER A 251 -7.36 -9.23 11.80
CA SER A 251 -8.25 -9.77 12.85
C SER A 251 -9.69 -9.25 12.71
N ASP A 252 -9.88 -7.94 12.49
CA ASP A 252 -11.24 -7.33 12.56
C ASP A 252 -12.14 -7.96 11.49
N PHE A 253 -11.66 -8.13 10.26
CA PHE A 253 -12.48 -8.72 9.17
C PHE A 253 -12.77 -10.20 9.51
N VAL A 254 -11.78 -10.94 10.01
CA VAL A 254 -11.93 -12.39 10.33
C VAL A 254 -13.00 -12.52 11.43
N GLU A 255 -12.91 -11.69 12.47
CA GLU A 255 -13.76 -11.80 13.68
C GLU A 255 -15.15 -11.18 13.43
N GLN A 256 -15.24 -10.07 12.69
CA GLN A 256 -16.50 -9.26 12.62
C GLN A 256 -17.27 -9.55 11.34
N VAL A 257 -16.65 -10.19 10.35
CA VAL A 257 -17.33 -10.41 9.06
C VAL A 257 -17.36 -11.91 8.77
N TYR A 258 -16.20 -12.54 8.54
CA TYR A 258 -16.08 -13.98 8.18
C TYR A 258 -16.78 -14.83 9.24
N LYS A 259 -16.42 -14.68 10.51
CA LYS A 259 -16.99 -15.52 11.60
C LYS A 259 -18.53 -15.32 11.64
N VAL A 260 -18.99 -14.11 11.44
CA VAL A 260 -20.43 -13.76 11.55
C VAL A 260 -21.18 -14.30 10.32
N ASP A 261 -20.61 -14.16 9.12
CA ASP A 261 -21.23 -14.68 7.87
C ASP A 261 -21.37 -16.22 7.90
N THR A 262 -20.48 -16.92 8.58
CA THR A 262 -20.52 -18.38 8.71
C THR A 262 -21.80 -18.77 9.48
N ALA A 263 -22.03 -18.13 10.63
CA ALA A 263 -23.24 -18.33 11.47
C ALA A 263 -24.49 -17.91 10.70
N VAL A 264 -24.45 -16.78 9.99
CA VAL A 264 -25.59 -16.27 9.17
C VAL A 264 -25.95 -17.30 8.09
N ILE A 265 -24.99 -17.82 7.31
CA ILE A 265 -25.30 -18.81 6.25
C ILE A 265 -25.89 -20.08 6.89
N ALA A 266 -25.33 -20.57 7.99
CA ALA A 266 -25.86 -21.73 8.73
C ALA A 266 -27.33 -21.47 9.10
N ALA A 267 -27.66 -20.26 9.54
CA ALA A 267 -28.99 -19.91 10.11
C ALA A 267 -30.07 -20.10 9.04
N PHE A 268 -29.78 -19.85 7.76
CA PHE A 268 -30.73 -19.92 6.62
C PHE A 268 -30.67 -21.27 5.90
N TYR A 269 -29.80 -22.17 6.33
CA TYR A 269 -29.50 -23.44 5.62
C TYR A 269 -29.36 -24.57 6.64
N PRO A 270 -30.30 -24.67 7.62
CA PRO A 270 -30.12 -25.59 8.74
C PRO A 270 -30.05 -27.08 8.36
N GLU A 271 -30.68 -27.54 7.28
CA GLU A 271 -30.62 -28.99 6.93
C GLU A 271 -29.19 -29.34 6.43
N TRP A 272 -28.37 -28.34 6.07
CA TRP A 272 -26.99 -28.61 5.60
C TRP A 272 -26.08 -28.88 6.81
N LEU A 273 -26.62 -28.82 8.03
CA LEU A 273 -25.95 -29.39 9.23
C LEU A 273 -26.29 -30.89 9.38
N GLU A 274 -27.12 -31.45 8.51
CA GLU A 274 -27.69 -32.83 8.63
C GLU A 274 -27.36 -33.67 7.39
N ARG A 275 -26.48 -33.20 6.51
CA ARG A 275 -26.01 -34.02 5.39
C ARG A 275 -24.56 -33.64 5.04
N GLY A 276 -23.89 -34.48 4.25
CA GLY A 276 -22.55 -34.22 3.72
C GLY A 276 -21.47 -34.79 4.60
N GLN A 277 -21.79 -35.70 5.50
CA GLN A 277 -20.75 -36.43 6.25
C GLN A 277 -19.87 -37.19 5.25
N GLY A 278 -18.56 -37.04 5.41
CA GLY A 278 -17.57 -37.62 4.49
C GLY A 278 -16.98 -38.91 5.02
N ALA A 279 -16.85 -39.03 6.34
CA ALA A 279 -16.04 -40.11 6.97
C ALA A 279 -16.45 -40.21 8.41
N VAL A 280 -16.04 -41.31 9.04
CA VAL A 280 -16.21 -41.55 10.50
C VAL A 280 -14.82 -41.53 11.12
N ASN A 281 -13.78 -41.42 10.30
CA ASN A 281 -12.38 -41.35 10.80
C ASN A 281 -11.78 -40.04 10.29
N TYR A 282 -11.01 -39.40 11.16
CA TYR A 282 -10.40 -38.06 10.90
C TYR A 282 -8.95 -38.02 11.37
N LEU A 283 -8.09 -37.37 10.56
CA LEU A 283 -6.64 -37.23 10.89
C LEU A 283 -6.24 -35.76 10.76
N SER A 284 -5.43 -35.27 11.65
CA SER A 284 -4.79 -33.95 11.53
C SER A 284 -3.40 -34.05 12.15
N ALA A 285 -2.42 -33.40 11.53
CA ALA A 285 -1.07 -33.26 12.09
C ALA A 285 -1.03 -32.08 13.05
N PRO A 286 -0.20 -32.14 14.13
CA PRO A 286 0.00 -30.96 14.94
C PRO A 286 0.77 -29.97 14.07
N GLU A 287 0.66 -28.69 14.39
CA GLU A 287 1.32 -27.65 13.56
C GLU A 287 1.82 -26.49 14.40
N PHE A 288 2.78 -25.75 13.82
CA PHE A 288 3.40 -24.52 14.35
C PHE A 288 4.36 -24.90 15.47
N PRO A 289 5.49 -25.55 15.14
CA PRO A 289 6.50 -25.90 16.16
C PRO A 289 7.18 -24.63 16.67
N THR A 290 7.49 -24.61 17.96
CA THR A 290 8.00 -23.40 18.65
C THR A 290 9.26 -23.69 19.46
N ASP A 291 9.87 -24.88 19.35
CA ASP A 291 11.18 -25.14 19.99
C ASP A 291 12.27 -25.33 18.94
N GLY A 292 13.48 -25.63 19.40
CA GLY A 292 14.69 -25.87 18.59
C GLY A 292 14.80 -27.31 18.13
N LYS A 293 13.79 -28.15 18.39
CA LYS A 293 13.83 -29.62 18.12
C LYS A 293 12.67 -30.06 17.24
N ASN A 294 12.09 -29.18 16.43
CA ASN A 294 11.02 -29.54 15.47
C ASN A 294 9.71 -29.94 16.16
N GLY A 295 9.52 -29.55 17.43
CA GLY A 295 8.35 -29.92 18.24
C GLY A 295 7.79 -28.74 19.02
N SER A 296 7.03 -29.01 20.10
CA SER A 296 6.27 -28.03 20.90
C SER A 296 5.30 -27.25 19.99
N PHE A 297 4.37 -27.96 19.35
CA PHE A 297 3.41 -27.35 18.41
C PHE A 297 2.38 -26.50 19.15
N LEU A 298 1.98 -25.36 18.60
CA LEU A 298 0.85 -24.56 19.12
C LEU A 298 -0.47 -25.30 18.90
N PHE A 299 -0.63 -25.99 17.78
CA PHE A 299 -1.89 -26.67 17.45
C PHE A 299 -1.67 -28.18 17.61
N PRO A 300 -2.52 -28.89 18.39
CA PRO A 300 -2.40 -30.34 18.50
C PRO A 300 -3.03 -31.03 17.29
N GLY A 301 -2.62 -32.28 17.04
CA GLY A 301 -3.24 -33.14 16.02
C GLY A 301 -3.69 -34.44 16.63
N GLY A 302 -4.06 -35.38 15.79
CA GLY A 302 -4.44 -36.74 16.23
C GLY A 302 -5.33 -37.46 15.25
N TYR A 303 -5.92 -38.55 15.76
CA TYR A 303 -6.71 -39.53 14.98
C TYR A 303 -7.99 -39.77 15.77
N ILE A 304 -9.13 -39.57 15.12
CA ILE A 304 -10.47 -39.89 15.67
C ILE A 304 -11.11 -40.97 14.79
N THR A 305 -11.76 -41.94 15.41
CA THR A 305 -12.41 -43.08 14.72
C THR A 305 -13.87 -43.21 15.22
N ASP A 306 -14.75 -43.85 14.43
CA ASP A 306 -16.16 -44.15 14.79
C ASP A 306 -16.95 -42.86 15.02
N ALA A 307 -16.52 -41.72 14.42
CA ALA A 307 -17.07 -40.35 14.60
C ALA A 307 -17.27 -40.03 16.10
N ASP A 308 -16.39 -40.54 16.96
CA ASP A 308 -16.58 -40.60 18.43
C ASP A 308 -15.31 -40.02 19.08
N LEU A 309 -15.40 -38.77 19.55
CA LEU A 309 -14.24 -37.96 20.00
C LEU A 309 -13.56 -38.61 21.22
N SER A 310 -14.20 -39.56 21.92
CA SER A 310 -13.60 -40.27 23.08
C SER A 310 -12.52 -41.26 22.59
N THR A 311 -12.56 -41.69 21.32
CA THR A 311 -11.50 -42.50 20.67
C THR A 311 -10.26 -41.65 20.35
N TYR A 312 -10.33 -40.33 20.53
CA TYR A 312 -9.23 -39.41 20.14
C TYR A 312 -7.89 -39.99 20.57
N ARG A 313 -7.01 -40.22 19.62
CA ARG A 313 -5.60 -40.60 19.87
C ARG A 313 -4.73 -39.39 19.53
N PRO A 314 -4.12 -38.70 20.52
CA PRO A 314 -3.26 -37.54 20.24
C PRO A 314 -2.01 -37.88 19.42
N ILE A 315 -1.61 -36.94 18.55
CA ILE A 315 -0.33 -36.98 17.82
C ILE A 315 0.35 -35.65 18.13
N THR A 316 1.51 -35.68 18.79
CA THR A 316 2.18 -34.48 19.35
C THR A 316 3.56 -34.33 18.72
N SER A 317 3.94 -35.23 17.83
CA SER A 317 5.26 -35.26 17.16
C SER A 317 5.09 -35.59 15.67
N HIS A 318 5.85 -34.93 14.80
CA HIS A 318 5.96 -35.28 13.35
C HIS A 318 6.84 -36.52 13.12
N SER A 319 7.42 -37.09 14.19
CA SER A 319 8.21 -38.34 14.17
C SER A 319 7.39 -39.50 14.71
N ASP A 320 6.11 -39.30 14.99
CA ASP A 320 5.27 -40.36 15.61
C ASP A 320 5.19 -41.59 14.66
N GLU A 321 5.78 -42.71 15.08
CA GLU A 321 5.82 -43.95 14.26
C GLU A 321 4.40 -44.47 14.03
N TYR A 322 3.47 -44.25 14.95
CA TYR A 322 2.06 -44.70 14.79
C TYR A 322 1.45 -44.02 13.55
N LEU A 323 1.65 -42.71 13.39
CA LEU A 323 1.21 -41.96 12.18
C LEU A 323 1.98 -42.44 10.93
N ILE A 324 3.30 -42.49 10.99
CA ILE A 324 4.18 -42.84 9.83
C ILE A 324 3.83 -44.25 9.28
N LYS A 325 3.64 -45.23 10.14
CA LYS A 325 3.50 -46.65 9.70
C LYS A 325 2.11 -46.91 9.12
N GLY A 326 1.11 -46.08 9.41
CA GLY A 326 -0.28 -46.34 9.03
C GLY A 326 -0.55 -45.94 7.59
N ILE A 327 0.22 -45.03 7.02
CA ILE A 327 -0.21 -44.33 5.78
C ILE A 327 0.14 -45.19 4.58
N GLN A 328 -0.83 -45.44 3.72
CA GLN A 328 -0.63 -46.17 2.45
C GLN A 328 -1.54 -45.54 1.41
N GLU A 329 -1.21 -45.75 0.15
CA GLU A 329 -2.06 -45.31 -1.00
C GLU A 329 -2.27 -46.48 -1.96
N SER A 330 -3.46 -46.55 -2.55
CA SER A 330 -3.85 -47.59 -3.53
C SER A 330 -4.30 -47.00 -4.85
N ALA A 331 -3.82 -47.54 -5.97
CA ALA A 331 -4.20 -47.15 -7.35
C ALA A 331 -5.10 -48.21 -7.97
N LYS A 332 -5.78 -49.02 -7.17
CA LYS A 332 -6.72 -50.04 -7.69
C LYS A 332 -7.73 -49.39 -8.63
N HIS A 333 -8.21 -48.18 -8.32
CA HIS A 333 -9.23 -47.45 -9.10
C HIS A 333 -8.65 -46.14 -9.67
N ALA A 334 -7.33 -45.99 -9.70
CA ALA A 334 -6.63 -44.83 -10.29
C ALA A 334 -5.84 -45.28 -11.50
N TRP A 335 -5.48 -44.32 -12.36
CA TRP A 335 -4.74 -44.58 -13.62
C TRP A 335 -3.25 -44.74 -13.36
N TYR A 336 -2.89 -45.69 -12.50
CA TYR A 336 -1.48 -46.10 -12.29
C TYR A 336 -1.39 -47.64 -12.28
N LYS A 337 -0.18 -48.11 -12.53
CA LYS A 337 0.13 -49.54 -12.78
C LYS A 337 0.02 -50.37 -11.50
N ASP A 338 0.62 -49.91 -10.40
CA ASP A 338 0.76 -50.73 -9.17
C ASP A 338 -0.46 -50.48 -8.26
N GLU A 339 -1.29 -51.49 -8.00
CA GLU A 339 -2.62 -51.28 -7.37
C GLU A 339 -2.69 -51.59 -5.86
N ALA A 340 -1.83 -52.47 -5.35
CA ALA A 340 -1.86 -52.84 -3.91
C ALA A 340 -1.49 -51.60 -3.09
N PRO A 341 -2.01 -51.42 -1.87
CA PRO A 341 -1.62 -50.31 -1.01
C PRO A 341 -0.08 -50.23 -0.83
N GLN A 342 0.48 -49.03 -1.02
CA GLN A 342 1.96 -48.77 -0.99
C GLN A 342 2.26 -47.76 0.11
N ALA A 343 3.20 -48.09 0.99
CA ALA A 343 3.79 -47.09 1.92
C ALA A 343 4.53 -46.08 1.05
N PRO A 344 4.37 -44.76 1.29
CA PRO A 344 4.94 -43.75 0.39
C PRO A 344 6.46 -43.82 0.14
N TRP A 345 7.25 -44.29 1.13
CA TRP A 345 8.71 -44.48 0.95
C TRP A 345 8.98 -45.56 -0.12
N GLU A 346 8.05 -46.50 -0.34
CA GLU A 346 8.17 -47.53 -1.42
C GLU A 346 7.18 -47.22 -2.55
N GLY A 347 6.64 -46.01 -2.57
CA GLY A 347 5.55 -45.71 -3.50
C GLY A 347 6.04 -45.59 -4.92
N THR A 348 5.17 -45.85 -5.88
CA THR A 348 5.46 -45.71 -7.31
C THR A 348 4.35 -44.86 -7.90
N THR A 349 4.60 -44.26 -9.05
CA THR A 349 3.62 -43.43 -9.78
C THR A 349 3.79 -43.68 -11.28
N VAL A 350 3.39 -44.87 -11.73
CA VAL A 350 3.60 -45.30 -13.13
C VAL A 350 2.26 -45.14 -13.84
N PRO A 351 2.14 -44.15 -14.74
CA PRO A 351 0.85 -43.82 -15.34
C PRO A 351 0.30 -45.01 -16.14
N ASP A 352 -1.00 -45.23 -16.10
CA ASP A 352 -1.70 -46.38 -16.76
C ASP A 352 -3.10 -45.90 -17.14
N TYR A 353 -3.20 -45.02 -18.12
CA TYR A 353 -4.51 -44.40 -18.48
C TYR A 353 -5.30 -45.41 -19.33
N THR A 354 -6.51 -45.76 -18.89
CA THR A 354 -7.40 -46.76 -19.53
C THR A 354 -8.75 -46.10 -19.84
N GLY A 355 -8.88 -44.78 -19.70
CA GLY A 355 -10.18 -44.09 -19.83
C GLY A 355 -11.11 -44.42 -18.68
N TRP A 356 -12.31 -43.86 -18.70
CA TRP A 356 -13.32 -43.96 -17.62
C TRP A 356 -13.96 -45.35 -17.55
N SER A 357 -13.92 -45.98 -16.37
CA SER A 357 -14.70 -47.20 -16.06
C SER A 357 -15.37 -47.05 -14.69
N ASP A 358 -16.70 -47.20 -14.63
CA ASP A 358 -17.50 -47.12 -13.37
C ASP A 358 -16.96 -48.12 -12.33
N ASP A 359 -16.48 -49.31 -12.75
CA ASP A 359 -16.07 -50.42 -11.84
C ASP A 359 -14.54 -50.53 -11.74
N GLY A 360 -13.80 -49.84 -12.62
CA GLY A 360 -12.34 -49.96 -12.71
C GLY A 360 -11.68 -48.63 -12.33
N LYS A 361 -10.80 -48.17 -13.19
CA LYS A 361 -9.98 -46.97 -12.99
C LYS A 361 -10.76 -45.75 -13.49
N TYR A 362 -10.85 -44.69 -12.67
CA TYR A 362 -11.60 -43.49 -13.08
C TYR A 362 -10.95 -42.17 -12.63
N SER A 363 -9.70 -42.15 -12.17
CA SER A 363 -9.13 -40.90 -11.58
C SER A 363 -7.62 -40.92 -11.61
N TRP A 364 -6.98 -39.75 -11.66
CA TRP A 364 -5.50 -39.62 -11.47
C TRP A 364 -5.18 -39.48 -9.96
N VAL A 365 -6.21 -39.42 -9.11
CA VAL A 365 -6.01 -39.34 -7.64
C VAL A 365 -5.80 -40.75 -7.09
N LYS A 366 -4.78 -40.98 -6.27
CA LYS A 366 -4.59 -42.25 -5.53
C LYS A 366 -5.56 -42.28 -4.35
N ALA A 367 -5.84 -43.47 -3.77
CA ALA A 367 -6.74 -43.59 -2.60
C ALA A 367 -5.91 -43.84 -1.34
N PRO A 368 -5.71 -42.85 -0.45
CA PRO A 368 -4.96 -43.06 0.79
C PRO A 368 -5.81 -43.78 1.83
N THR A 369 -5.15 -44.55 2.68
CA THR A 369 -5.76 -45.15 3.88
C THR A 369 -4.80 -44.97 5.06
N PHE A 370 -5.38 -45.01 6.24
CA PHE A 370 -4.63 -45.03 7.51
C PHE A 370 -4.96 -46.34 8.22
N TYR A 371 -3.99 -47.25 8.33
CA TYR A 371 -4.20 -48.67 8.79
C TYR A 371 -5.43 -49.25 8.10
N GLY A 372 -5.52 -49.09 6.78
CA GLY A 372 -6.61 -49.60 5.92
C GLY A 372 -7.92 -48.82 6.00
N LYS A 373 -8.06 -47.79 6.84
CA LYS A 373 -9.32 -47.02 6.95
C LYS A 373 -9.35 -45.78 6.02
N THR A 374 -10.54 -45.46 5.54
CA THR A 374 -10.82 -44.19 4.80
C THR A 374 -10.89 -43.06 5.83
N VAL A 375 -10.24 -41.95 5.54
CA VAL A 375 -10.09 -40.83 6.51
C VAL A 375 -10.39 -39.50 5.83
N GLU A 376 -11.15 -38.66 6.51
CA GLU A 376 -11.33 -37.24 6.12
C GLU A 376 -10.27 -36.38 6.82
N VAL A 377 -9.68 -35.47 6.03
CA VAL A 377 -8.71 -34.49 6.54
C VAL A 377 -9.26 -33.10 6.26
N GLY A 378 -8.65 -32.12 6.90
CA GLY A 378 -8.98 -30.72 6.71
C GLY A 378 -9.51 -30.09 7.99
N PRO A 379 -9.99 -28.84 7.90
CA PRO A 379 -10.35 -28.08 9.10
C PRO A 379 -11.43 -28.73 10.00
N LEU A 380 -12.37 -29.49 9.44
CA LEU A 380 -13.31 -30.29 10.27
C LEU A 380 -12.50 -31.28 11.12
N ALA A 381 -11.61 -32.03 10.48
CA ALA A 381 -10.69 -32.96 11.17
C ALA A 381 -9.91 -32.20 12.22
N ASN A 382 -9.29 -31.05 11.89
CA ASN A 382 -8.40 -30.40 12.88
C ASN A 382 -9.28 -29.83 14.02
N MET A 383 -10.48 -29.41 13.72
CA MET A 383 -11.39 -28.85 14.76
C MET A 383 -11.84 -29.99 15.69
N LEU A 384 -12.17 -31.17 15.16
CA LEU A 384 -12.63 -32.32 16.00
C LEU A 384 -11.51 -32.75 16.93
N CYS A 385 -10.26 -32.80 16.43
CA CYS A 385 -9.08 -33.23 17.21
C CYS A 385 -8.81 -32.24 18.34
N LYS A 386 -8.92 -30.94 18.05
CA LYS A 386 -8.69 -29.88 19.06
C LYS A 386 -9.81 -29.90 20.12
N LEU A 387 -11.06 -30.10 19.71
CA LEU A 387 -12.20 -30.24 20.66
C LEU A 387 -11.93 -31.47 21.57
N ALA A 388 -11.44 -32.56 20.99
CA ALA A 388 -11.26 -33.86 21.68
C ALA A 388 -10.07 -33.71 22.61
N ALA A 389 -9.09 -32.87 22.27
CA ALA A 389 -7.92 -32.55 23.11
C ALA A 389 -8.27 -31.51 24.19
N LYS A 390 -9.52 -31.02 24.22
CA LYS A 390 -10.06 -30.10 25.24
C LYS A 390 -9.35 -28.74 25.12
N ARG A 391 -8.97 -28.33 23.91
CA ARG A 391 -8.34 -27.03 23.66
C ARG A 391 -9.40 -25.95 23.90
N GLU A 392 -9.24 -25.18 24.96
CA GLU A 392 -10.27 -24.20 25.41
C GLU A 392 -10.46 -23.12 24.33
N SER A 393 -9.37 -22.71 23.67
CA SER A 393 -9.39 -21.70 22.57
C SER A 393 -10.38 -22.13 21.47
N THR A 394 -10.32 -23.41 21.06
CA THR A 394 -11.16 -23.96 19.96
C THR A 394 -12.61 -24.05 20.43
N HIS A 395 -12.82 -24.54 21.66
CA HIS A 395 -14.18 -24.63 22.26
C HIS A 395 -14.81 -23.23 22.29
N ALA A 396 -14.08 -22.26 22.81
CA ALA A 396 -14.51 -20.85 22.96
C ALA A 396 -14.87 -20.28 21.58
N LYS A 397 -14.04 -20.55 20.57
CA LYS A 397 -14.28 -19.98 19.22
C LYS A 397 -15.50 -20.62 18.58
N LEU A 398 -15.60 -21.96 18.57
CA LEU A 398 -16.81 -22.63 18.05
C LEU A 398 -18.05 -22.10 18.79
N ASN A 399 -17.98 -21.94 20.11
CA ASN A 399 -19.16 -21.50 20.91
C ASN A 399 -19.56 -20.08 20.52
N GLU A 400 -18.61 -19.24 20.10
CA GLU A 400 -18.93 -17.85 19.64
C GLU A 400 -19.76 -17.94 18.36
N ILE A 401 -19.37 -18.80 17.41
CA ILE A 401 -20.15 -18.99 16.15
C ILE A 401 -21.54 -19.53 16.52
N VAL A 402 -21.58 -20.54 17.36
CA VAL A 402 -22.88 -21.17 17.76
C VAL A 402 -23.78 -20.11 18.43
N ALA A 403 -23.27 -19.29 19.35
CA ALA A 403 -24.03 -18.18 19.99
C ALA A 403 -24.69 -17.28 18.93
N ILE A 404 -23.97 -16.88 17.86
CA ILE A 404 -24.59 -16.03 16.79
C ILE A 404 -25.71 -16.82 16.12
N TYR A 405 -25.49 -18.10 15.85
CA TYR A 405 -26.49 -18.98 15.22
C TYR A 405 -27.73 -19.05 16.12
N THR A 406 -27.51 -19.20 17.43
CA THR A 406 -28.58 -19.34 18.45
C THR A 406 -29.39 -18.05 18.51
N LYS A 407 -28.72 -16.89 18.55
CA LYS A 407 -29.38 -15.58 18.53
C LYS A 407 -30.26 -15.46 17.28
N LEU A 408 -29.85 -15.99 16.13
CA LEU A 408 -30.55 -15.76 14.84
C LEU A 408 -31.71 -16.74 14.66
N THR A 409 -31.68 -17.93 15.28
CA THR A 409 -32.61 -19.06 14.99
C THR A 409 -33.32 -19.59 16.25
N GLY A 410 -32.76 -19.39 17.45
CA GLY A 410 -33.28 -19.98 18.69
C GLY A 410 -32.80 -21.41 18.91
N LYS A 411 -32.18 -22.06 17.90
CA LYS A 411 -31.67 -23.46 17.99
C LYS A 411 -30.18 -23.45 18.36
N THR A 412 -29.62 -24.61 18.67
CA THR A 412 -28.17 -24.79 18.92
C THR A 412 -27.59 -25.81 17.92
N ILE A 413 -26.28 -26.04 18.05
CA ILE A 413 -25.48 -26.95 17.19
C ILE A 413 -24.75 -27.91 18.13
N GLU A 414 -25.09 -29.19 18.10
CA GLU A 414 -24.40 -30.25 18.88
C GLU A 414 -23.17 -30.66 18.06
N VAL A 415 -22.19 -31.30 18.69
CA VAL A 415 -20.98 -31.83 18.00
C VAL A 415 -21.41 -32.83 16.90
N ALA A 416 -22.49 -33.58 17.09
CA ALA A 416 -22.97 -34.55 16.09
C ALA A 416 -23.30 -33.84 14.76
N GLN A 417 -23.72 -32.58 14.80
CA GLN A 417 -24.15 -31.82 13.61
C GLN A 417 -22.93 -31.23 12.85
N LEU A 418 -21.75 -31.27 13.47
CA LEU A 418 -20.48 -30.80 12.85
C LEU A 418 -20.05 -31.75 11.75
N HIS A 419 -20.51 -33.01 11.78
CA HIS A 419 -20.14 -34.08 10.82
C HIS A 419 -20.97 -33.87 9.56
N SER A 420 -20.74 -32.76 8.88
CA SER A 420 -21.67 -32.26 7.83
C SER A 420 -21.03 -31.17 6.97
N THR A 421 -21.67 -30.86 5.85
CA THR A 421 -21.26 -29.80 4.90
C THR A 421 -21.06 -28.48 5.64
N LEU A 422 -22.02 -28.00 6.43
CA LEU A 422 -21.82 -26.76 7.20
C LEU A 422 -20.85 -26.96 8.37
N GLY A 423 -20.76 -28.14 8.98
CA GLY A 423 -19.74 -28.37 10.03
C GLY A 423 -18.31 -28.18 9.50
N ARG A 424 -18.08 -28.60 8.27
CA ARG A 424 -16.77 -28.50 7.58
C ARG A 424 -16.44 -27.02 7.33
N ILE A 425 -17.43 -26.24 6.92
CA ILE A 425 -17.30 -24.78 6.69
C ILE A 425 -17.02 -24.12 8.04
N ILE A 426 -17.78 -24.46 9.08
CA ILE A 426 -17.53 -23.92 10.45
C ILE A 426 -16.10 -24.25 10.90
N GLY A 427 -15.61 -25.48 10.74
CA GLY A 427 -14.25 -25.86 11.14
C GLY A 427 -13.18 -24.96 10.48
N ARG A 428 -13.40 -24.57 9.23
CA ARG A 428 -12.45 -23.75 8.45
C ARG A 428 -12.49 -22.33 9.04
N THR A 429 -13.69 -21.85 9.36
CA THR A 429 -13.85 -20.50 9.95
C THR A 429 -13.14 -20.45 11.31
N VAL A 430 -13.35 -21.48 12.15
CA VAL A 430 -12.69 -21.57 13.48
C VAL A 430 -11.17 -21.56 13.28
N HIS A 431 -10.68 -22.37 12.35
CA HIS A 431 -9.24 -22.40 12.01
C HIS A 431 -8.74 -20.98 11.70
N CYS A 432 -9.37 -20.28 10.77
CA CYS A 432 -8.99 -18.91 10.38
C CYS A 432 -8.95 -17.98 11.61
N CYS A 433 -9.96 -18.04 12.47
CA CYS A 433 -10.02 -17.21 13.71
C CYS A 433 -8.85 -17.54 14.67
N GLU A 434 -8.51 -18.82 14.89
CA GLU A 434 -7.45 -19.18 15.87
C GLU A 434 -6.08 -18.80 15.29
N LEU A 435 -5.94 -18.77 13.98
CA LEU A 435 -4.65 -18.43 13.34
C LEU A 435 -4.25 -16.97 13.62
N GLN A 436 -5.20 -16.07 13.90
CA GLN A 436 -4.89 -14.64 14.14
C GLN A 436 -4.03 -14.59 15.44
N ASN A 437 -4.34 -15.39 16.45
CA ASN A 437 -3.51 -15.47 17.67
C ASN A 437 -2.16 -16.15 17.42
N VAL A 438 -2.07 -17.15 16.53
CA VAL A 438 -0.77 -17.73 16.08
C VAL A 438 0.10 -16.59 15.50
N LEU A 439 -0.45 -15.76 14.61
CA LEU A 439 0.35 -14.66 14.01
C LEU A 439 0.87 -13.72 15.09
N GLN A 440 0.03 -13.28 16.04
CA GLN A 440 0.49 -12.33 17.10
C GLN A 440 1.54 -12.99 17.97
N ASP A 441 1.30 -14.25 18.36
CA ASP A 441 2.20 -15.03 19.28
C ASP A 441 3.56 -15.19 18.62
N GLN A 442 3.60 -15.59 17.34
CA GLN A 442 4.88 -15.95 16.68
C GLN A 442 5.66 -14.68 16.33
N TYR A 443 4.98 -13.59 15.96
CA TYR A 443 5.69 -12.30 15.73
C TYR A 443 6.37 -11.89 17.06
N ASN A 444 5.62 -11.88 18.16
CA ASN A 444 6.16 -11.49 19.49
CA ASN A 444 6.17 -11.47 19.48
C ASN A 444 7.33 -12.40 19.87
N ALA A 445 7.18 -13.73 19.72
CA ALA A 445 8.24 -14.72 20.02
C ALA A 445 9.50 -14.37 19.20
N LEU A 446 9.35 -13.97 17.94
CA LEU A 446 10.50 -13.64 17.07
C LEU A 446 11.18 -12.36 17.61
N ILE A 447 10.42 -11.31 17.91
CA ILE A 447 10.97 -10.02 18.40
C ILE A 447 11.77 -10.28 19.70
N VAL A 448 11.16 -11.02 20.63
CA VAL A 448 11.74 -11.40 21.97
C VAL A 448 13.04 -12.18 21.74
N ASN A 449 13.02 -13.22 20.89
CA ASN A 449 14.21 -14.06 20.60
C ASN A 449 15.33 -13.25 19.97
N ILE A 450 15.06 -12.39 18.98
CA ILE A 450 16.09 -11.48 18.42
C ILE A 450 16.69 -10.61 19.53
N GLY A 451 15.87 -10.19 20.51
CA GLY A 451 16.27 -9.32 21.64
C GLY A 451 17.25 -10.02 22.57
N LYS A 452 17.07 -11.33 22.78
CA LYS A 452 18.01 -12.19 23.56
C LYS A 452 19.33 -12.43 22.82
N GLY A 453 19.49 -11.93 21.59
CA GLY A 453 20.75 -12.04 20.83
C GLY A 453 20.76 -13.19 19.84
N ASP A 454 19.68 -13.97 19.69
CA ASP A 454 19.65 -15.11 18.75
C ASP A 454 19.26 -14.60 17.37
N HIS A 455 20.20 -14.55 16.43
CA HIS A 455 19.93 -14.21 15.01
C HIS A 455 20.11 -15.43 14.10
N THR A 456 20.24 -16.63 14.66
N THR A 456 20.27 -16.64 14.65
CA THR A 456 20.51 -17.88 13.89
CA THR A 456 20.54 -17.88 13.86
C THR A 456 19.25 -18.23 13.09
C THR A 456 19.26 -18.25 13.11
N THR A 457 19.41 -18.51 11.81
CA THR A 457 18.30 -18.83 10.88
C THR A 457 18.52 -20.14 10.12
N PHE A 458 19.73 -20.68 10.11
CA PHE A 458 20.12 -21.76 9.19
C PHE A 458 21.13 -22.69 9.86
N VAL A 459 20.92 -24.01 9.71
CA VAL A 459 21.90 -25.09 10.02
C VAL A 459 22.29 -25.72 8.69
N LYS A 460 23.58 -25.81 8.38
CA LYS A 460 24.03 -26.41 7.10
C LYS A 460 23.78 -27.92 7.13
N PRO A 461 23.00 -28.50 6.18
CA PRO A 461 22.85 -29.93 6.10
C PRO A 461 24.16 -30.60 5.72
N ASP A 462 24.45 -31.73 6.35
CA ASP A 462 25.45 -32.72 5.92
C ASP A 462 24.70 -33.82 5.17
N ILE A 463 24.84 -33.85 3.84
CA ILE A 463 24.25 -34.87 2.95
C ILE A 463 25.34 -35.87 2.57
N PRO A 464 25.40 -37.08 3.18
CA PRO A 464 26.44 -38.06 2.85
C PRO A 464 26.37 -38.49 1.38
N ALA A 465 27.52 -38.59 0.70
CA ALA A 465 27.63 -39.01 -0.71
C ALA A 465 27.23 -40.48 -0.86
N THR A 466 27.22 -41.26 0.22
CA THR A 466 26.91 -42.71 0.20
C THR A 466 25.88 -42.96 1.31
N GLY A 467 25.05 -44.00 1.15
CA GLY A 467 24.06 -44.39 2.16
C GLY A 467 22.65 -44.04 1.69
N GLU A 468 21.65 -44.56 2.39
CA GLU A 468 20.19 -44.38 2.12
C GLU A 468 19.56 -43.73 3.34
N PHE A 469 18.78 -42.67 3.16
CA PHE A 469 18.15 -41.88 4.24
C PHE A 469 16.71 -41.60 3.83
N LYS A 470 15.79 -41.84 4.75
CA LYS A 470 14.33 -41.72 4.53
C LYS A 470 13.82 -40.60 5.41
N GLY A 471 13.02 -39.71 4.84
CA GLY A 471 12.48 -38.58 5.61
C GLY A 471 11.02 -38.35 5.30
N VAL A 472 10.27 -37.91 6.29
CA VAL A 472 8.86 -37.49 6.08
C VAL A 472 8.63 -36.13 6.74
N GLY A 473 7.99 -35.26 5.98
CA GLY A 473 7.59 -33.91 6.39
C GLY A 473 6.09 -33.83 6.47
N PHE A 474 5.58 -33.63 7.68
CA PHE A 474 4.14 -33.39 7.94
C PHE A 474 3.90 -31.89 8.03
N LEU A 475 2.75 -31.46 7.53
CA LEU A 475 2.28 -30.06 7.66
C LEU A 475 0.74 -30.05 7.70
N GLU A 476 0.13 -29.25 8.57
CA GLU A 476 -1.34 -29.09 8.59
C GLU A 476 -1.65 -27.92 7.65
N ALA A 477 -2.01 -28.26 6.42
CA ALA A 477 -2.26 -27.31 5.33
C ALA A 477 -3.69 -26.81 5.43
N PRO A 478 -4.05 -25.72 4.71
CA PRO A 478 -5.42 -25.23 4.78
C PRO A 478 -6.46 -26.33 4.53
N ARG A 479 -6.13 -27.35 3.74
CA ARG A 479 -7.10 -28.40 3.33
C ARG A 479 -6.87 -29.67 4.15
N GLY A 480 -5.88 -29.69 5.05
CA GLY A 480 -5.67 -30.84 5.94
C GLY A 480 -4.26 -31.36 5.94
N MET A 481 -4.09 -32.56 6.49
CA MET A 481 -2.74 -33.12 6.71
C MET A 481 -2.05 -33.40 5.35
N LEU A 482 -0.88 -32.80 5.16
CA LEU A 482 0.03 -32.96 4.01
C LEU A 482 1.27 -33.72 4.46
N SER A 483 1.77 -34.63 3.63
CA SER A 483 3.02 -35.36 3.92
C SER A 483 3.81 -35.53 2.63
N HIS A 484 5.09 -35.19 2.71
CA HIS A 484 6.10 -35.39 1.67
C HIS A 484 7.07 -36.44 2.18
N TRP A 485 7.40 -37.39 1.32
CA TRP A 485 8.17 -38.59 1.72
C TRP A 485 9.37 -38.68 0.79
N MET A 486 10.56 -38.48 1.35
CA MET A 486 11.80 -38.38 0.57
C MET A 486 12.67 -39.58 0.90
N VAL A 487 13.14 -40.27 -0.13
CA VAL A 487 14.24 -41.24 0.05
C VAL A 487 15.47 -40.63 -0.64
N ILE A 488 16.56 -40.57 0.09
CA ILE A 488 17.89 -40.14 -0.41
C ILE A 488 18.79 -41.38 -0.52
N LYS A 489 19.40 -41.55 -1.68
CA LYS A 489 20.38 -42.64 -1.92
C LYS A 489 21.58 -42.03 -2.63
N ASP A 490 22.77 -42.21 -2.05
CA ASP A 490 24.05 -41.73 -2.63
C ASP A 490 23.92 -40.23 -2.91
N GLY A 491 23.35 -39.49 -1.98
CA GLY A 491 23.31 -38.01 -2.03
C GLY A 491 22.25 -37.42 -2.95
N ILE A 492 21.41 -38.21 -3.60
CA ILE A 492 20.35 -37.69 -4.50
C ILE A 492 18.99 -38.31 -4.15
N ILE A 493 17.91 -37.70 -4.66
CA ILE A 493 16.51 -38.20 -4.43
C ILE A 493 16.31 -39.46 -5.31
N SER A 494 16.18 -40.63 -4.67
CA SER A 494 15.84 -41.93 -5.31
C SER A 494 14.32 -42.16 -5.30
N ASN A 495 13.60 -41.62 -4.33
CA ASN A 495 12.11 -41.69 -4.36
C ASN A 495 11.53 -40.44 -3.72
N TYR A 496 10.42 -39.97 -4.26
CA TYR A 496 9.69 -38.82 -3.68
C TYR A 496 8.21 -39.05 -3.92
N GLN A 497 7.45 -39.03 -2.83
CA GLN A 497 6.00 -39.24 -2.88
C GLN A 497 5.36 -38.16 -2.00
N ALA A 498 4.34 -37.53 -2.55
CA ALA A 498 3.50 -36.59 -1.79
C ALA A 498 2.13 -37.24 -1.58
N VAL A 499 1.64 -37.19 -0.36
CA VAL A 499 0.25 -37.59 0.02
C VAL A 499 -0.43 -36.31 0.52
N VAL A 500 -1.33 -35.78 -0.29
CA VAL A 500 -1.78 -34.37 -0.15
C VAL A 500 -3.21 -34.41 0.40
N PRO A 501 -3.66 -33.40 1.18
CA PRO A 501 -4.96 -33.49 1.86
C PRO A 501 -6.12 -33.80 0.91
N SER A 502 -6.18 -33.12 -0.23
CA SER A 502 -7.20 -33.41 -1.27
C SER A 502 -7.00 -34.82 -1.87
N THR A 503 -5.82 -35.44 -1.78
CA THR A 503 -5.69 -36.89 -2.12
C THR A 503 -6.56 -37.71 -1.16
N TRP A 504 -6.47 -37.46 0.14
CA TRP A 504 -7.33 -38.17 1.12
C TRP A 504 -8.80 -37.97 0.78
N ASN A 505 -9.21 -36.73 0.54
CA ASN A 505 -10.66 -36.40 0.53
C ASN A 505 -11.25 -36.76 -0.83
N SER A 506 -10.53 -36.52 -1.93
CA SER A 506 -11.02 -36.70 -3.32
C SER A 506 -10.67 -38.09 -3.87
N GLY A 507 -9.98 -38.92 -3.10
CA GLY A 507 -9.51 -40.26 -3.53
C GLY A 507 -10.67 -41.13 -4.02
N PRO A 508 -10.45 -41.94 -5.06
CA PRO A 508 -11.49 -42.82 -5.59
C PRO A 508 -11.62 -44.02 -4.65
N ARG A 509 -12.52 -44.92 -4.98
CA ARG A 509 -12.63 -46.23 -4.29
C ARG A 509 -11.23 -46.83 -4.08
N ASN A 510 -10.99 -47.35 -2.90
CA ASN A 510 -9.66 -47.87 -2.51
C ASN A 510 -9.52 -49.37 -2.81
N PHE A 511 -8.51 -50.03 -2.24
CA PHE A 511 -8.18 -51.45 -2.54
C PHE A 511 -9.36 -52.36 -2.12
N ASN A 512 -10.14 -51.97 -1.11
CA ASN A 512 -11.31 -52.79 -0.63
C ASN A 512 -12.60 -52.16 -1.12
N ASP A 513 -12.50 -51.30 -2.13
CA ASP A 513 -13.62 -50.69 -2.88
C ASP A 513 -14.40 -49.68 -2.04
N GLU A 514 -13.85 -49.22 -0.90
CA GLU A 514 -14.54 -48.21 -0.04
C GLU A 514 -14.39 -46.82 -0.68
N VAL A 515 -15.51 -46.11 -0.85
CA VAL A 515 -15.55 -44.77 -1.50
C VAL A 515 -14.76 -43.76 -0.63
N GLY A 516 -14.16 -42.76 -1.26
CA GLY A 516 -13.52 -41.65 -0.53
C GLY A 516 -14.53 -40.66 0.04
N PRO A 517 -14.04 -39.71 0.88
CA PRO A 517 -14.91 -38.72 1.50
C PRO A 517 -15.84 -37.95 0.56
N TYR A 518 -15.33 -37.36 -0.53
CA TYR A 518 -16.20 -36.67 -1.53
C TYR A 518 -17.32 -37.62 -1.92
N GLU A 519 -16.97 -38.84 -2.33
CA GLU A 519 -17.93 -39.81 -2.91
C GLU A 519 -18.98 -40.20 -1.86
N ARG A 520 -18.59 -40.41 -0.61
CA ARG A 520 -19.52 -40.73 0.49
C ARG A 520 -20.42 -39.54 0.81
N SER A 521 -19.86 -38.33 0.81
CA SER A 521 -20.57 -37.13 1.27
C SER A 521 -21.77 -36.84 0.34
N LEU A 522 -21.67 -37.22 -0.93
CA LEU A 522 -22.74 -36.92 -1.93
C LEU A 522 -23.95 -37.87 -1.75
N VAL A 523 -23.83 -38.96 -1.00
CA VAL A 523 -24.94 -39.96 -0.87
C VAL A 523 -26.03 -39.30 -0.01
N GLY A 524 -27.23 -39.17 -0.56
CA GLY A 524 -28.33 -38.53 0.15
C GLY A 524 -28.51 -37.07 -0.22
N THR A 525 -27.71 -36.53 -1.14
CA THR A 525 -27.88 -35.12 -1.57
C THR A 525 -29.18 -35.04 -2.36
N PRO A 526 -30.13 -34.17 -1.95
CA PRO A 526 -31.32 -33.91 -2.75
C PRO A 526 -30.97 -33.08 -3.99
N ILE A 527 -31.57 -33.42 -5.12
CA ILE A 527 -31.42 -32.68 -6.40
C ILE A 527 -32.81 -32.19 -6.84
N ALA A 528 -33.05 -30.89 -6.75
CA ALA A 528 -34.32 -30.26 -7.21
C ALA A 528 -34.35 -30.25 -8.73
N ASP A 529 -33.21 -30.08 -9.40
CA ASP A 529 -33.12 -30.03 -10.89
C ASP A 529 -31.79 -30.66 -11.32
N PRO A 530 -31.81 -31.88 -11.90
CA PRO A 530 -30.56 -32.56 -12.27
C PRO A 530 -29.76 -31.89 -13.39
N ASN A 531 -30.37 -30.94 -14.12
CA ASN A 531 -29.65 -30.14 -15.14
C ASN A 531 -28.85 -29.03 -14.43
N LYS A 532 -29.17 -28.71 -13.17
CA LYS A 532 -28.57 -27.61 -12.37
C LYS A 532 -28.27 -28.13 -10.97
N PRO A 533 -27.29 -29.04 -10.83
CA PRO A 533 -27.03 -29.72 -9.56
C PRO A 533 -26.22 -28.92 -8.50
N LEU A 534 -26.73 -27.75 -8.17
CA LEU A 534 -26.19 -26.87 -7.11
C LEU A 534 -25.89 -27.65 -5.83
N GLU A 535 -26.76 -28.58 -5.44
CA GLU A 535 -26.65 -29.24 -4.13
C GLU A 535 -25.38 -30.09 -4.08
N VAL A 536 -24.98 -30.68 -5.19
CA VAL A 536 -23.73 -31.51 -5.29
C VAL A 536 -22.53 -30.54 -5.10
N VAL A 537 -22.53 -29.46 -5.85
CA VAL A 537 -21.44 -28.44 -5.88
C VAL A 537 -21.30 -27.84 -4.49
N ARG A 538 -22.39 -27.60 -3.77
CA ARG A 538 -22.32 -27.09 -2.37
C ARG A 538 -21.56 -28.04 -1.48
N THR A 539 -21.86 -29.34 -1.55
CA THR A 539 -21.22 -30.35 -0.67
C THR A 539 -19.73 -30.47 -1.03
N ILE A 540 -19.42 -30.57 -2.32
CA ILE A 540 -18.02 -30.73 -2.78
C ILE A 540 -17.19 -29.47 -2.43
N HIS A 541 -17.70 -28.27 -2.63
CA HIS A 541 -16.97 -27.04 -2.27
C HIS A 541 -16.70 -27.01 -0.78
N SER A 542 -17.54 -27.63 0.07
CA SER A 542 -17.24 -27.53 1.53
C SER A 542 -15.87 -28.15 1.85
N PHE A 543 -15.36 -29.10 1.06
CA PHE A 543 -14.03 -29.74 1.27
C PHE A 543 -12.88 -28.91 0.72
N ASP A 544 -13.17 -27.82 -0.01
CA ASP A 544 -12.15 -26.89 -0.55
C ASP A 544 -11.23 -27.68 -1.50
N PRO A 545 -11.78 -28.34 -2.53
CA PRO A 545 -11.00 -29.23 -3.38
C PRO A 545 -9.84 -28.49 -4.04
N CYS A 546 -8.71 -29.19 -4.14
CA CYS A 546 -7.53 -28.69 -4.86
C CYS A 546 -6.96 -29.88 -5.63
N MET A 547 -7.24 -29.95 -6.92
CA MET A 547 -6.94 -31.18 -7.72
C MET A 547 -5.49 -31.15 -8.23
N SER A 548 -4.85 -30.00 -8.35
CA SER A 548 -3.40 -29.98 -8.61
C SER A 548 -2.68 -30.57 -7.38
N CYS A 549 -3.18 -30.25 -6.18
CA CYS A 549 -2.70 -30.92 -4.95
C CYS A 549 -3.02 -32.42 -4.99
N ALA A 550 -4.27 -32.76 -5.26
CA ALA A 550 -4.73 -34.16 -5.10
C ALA A 550 -3.87 -35.08 -5.97
N VAL A 551 -3.52 -34.66 -7.19
CA VAL A 551 -2.91 -35.52 -8.24
C VAL A 551 -1.40 -35.29 -8.35
N HIS A 552 -0.98 -34.02 -8.40
CA HIS A 552 0.43 -33.60 -8.58
C HIS A 552 1.04 -34.34 -9.77
N PRO B 9 -21.46 1.23 -21.69
CA PRO B 9 -20.04 1.15 -22.08
C PRO B 9 -19.54 -0.31 -21.92
N GLN B 10 -19.12 -0.92 -23.03
CA GLN B 10 -18.79 -2.37 -23.15
C GLN B 10 -17.32 -2.59 -22.81
N ARG B 11 -17.00 -3.68 -22.12
CA ARG B 11 -15.61 -3.96 -21.69
C ARG B 11 -15.04 -5.04 -22.59
N PRO B 12 -13.74 -4.92 -22.94
CA PRO B 12 -13.11 -5.85 -23.87
C PRO B 12 -13.12 -7.26 -23.30
N PRO B 13 -13.49 -8.25 -24.13
CA PRO B 13 -13.63 -9.64 -23.67
C PRO B 13 -12.30 -10.40 -23.51
N VAL B 14 -12.25 -11.25 -22.49
CA VAL B 14 -11.09 -12.12 -22.17
C VAL B 14 -11.60 -13.52 -21.85
N ILE B 15 -10.97 -14.51 -22.44
CA ILE B 15 -11.24 -15.95 -22.19
C ILE B 15 -9.93 -16.52 -21.64
N TRP B 16 -10.04 -17.14 -20.48
CA TRP B 16 -8.87 -17.67 -19.75
C TRP B 16 -9.03 -19.19 -19.63
N ILE B 17 -8.14 -19.95 -20.26
CA ILE B 17 -8.16 -21.43 -20.21
C ILE B 17 -6.94 -21.90 -19.41
N GLY B 18 -7.14 -22.76 -18.42
CA GLY B 18 -6.04 -23.39 -17.67
C GLY B 18 -5.79 -24.79 -18.18
N ALA B 19 -4.56 -25.10 -18.58
CA ALA B 19 -4.12 -26.46 -18.93
C ALA B 19 -3.46 -27.12 -17.69
N GLN B 20 -2.17 -27.48 -17.75
CA GLN B 20 -1.47 -28.10 -16.59
C GLN B 20 -0.98 -26.96 -15.69
N GLU B 21 -1.92 -26.30 -15.00
CA GLU B 21 -1.68 -25.07 -14.21
C GLU B 21 -1.70 -25.46 -12.72
N CYS B 22 -0.95 -24.77 -11.87
CA CYS B 22 -0.99 -24.97 -10.41
C CYS B 22 -1.96 -23.95 -9.83
N THR B 23 -2.41 -23.01 -10.67
CA THR B 23 -3.36 -21.89 -10.36
C THR B 23 -2.60 -20.68 -9.77
N GLY B 24 -1.26 -20.74 -9.67
CA GLY B 24 -0.46 -19.61 -9.20
C GLY B 24 -0.58 -18.38 -10.09
N CYS B 25 -0.76 -18.58 -11.41
CA CYS B 25 -0.86 -17.46 -12.38
C CYS B 25 -2.18 -16.74 -12.15
N THR B 26 -3.30 -17.46 -11.92
CA THR B 26 -4.58 -16.83 -11.51
C THR B 26 -4.43 -16.17 -10.14
N GLU B 27 -3.85 -16.87 -9.17
CA GLU B 27 -3.67 -16.34 -7.80
C GLU B 27 -2.90 -15.02 -7.83
N SER B 28 -1.96 -14.83 -8.76
CA SER B 28 -1.17 -13.58 -8.85
C SER B 28 -2.12 -12.36 -8.99
N LEU B 29 -3.25 -12.50 -9.68
CA LEU B 29 -4.22 -11.40 -9.85
C LEU B 29 -4.78 -10.94 -8.50
N LEU B 30 -4.82 -11.84 -7.52
CA LEU B 30 -5.38 -11.49 -6.17
C LEU B 30 -4.40 -10.64 -5.38
N ARG B 31 -3.16 -10.45 -5.86
CA ARG B 31 -2.16 -9.61 -5.18
C ARG B 31 -2.08 -8.26 -5.87
N ALA B 32 -2.66 -8.15 -7.07
CA ALA B 32 -2.51 -6.94 -7.92
C ALA B 32 -3.21 -5.74 -7.27
N THR B 33 -2.72 -4.56 -7.55
CA THR B 33 -3.28 -3.30 -7.00
C THR B 33 -3.60 -2.31 -8.12
N HIS B 34 -3.18 -2.52 -9.37
CA HIS B 34 -3.42 -1.49 -10.42
C HIS B 34 -3.60 -2.12 -11.79
N PRO B 35 -4.75 -2.74 -12.08
CA PRO B 35 -5.88 -2.80 -11.16
C PRO B 35 -5.90 -3.96 -10.18
N THR B 36 -6.68 -3.79 -9.10
CA THR B 36 -7.12 -4.92 -8.24
C THR B 36 -7.96 -5.89 -9.07
N VAL B 37 -8.04 -7.15 -8.63
CA VAL B 37 -8.83 -8.16 -9.37
C VAL B 37 -10.29 -7.70 -9.46
N GLU B 38 -10.84 -7.06 -8.43
CA GLU B 38 -12.27 -6.68 -8.46
C GLU B 38 -12.44 -5.56 -9.51
N ASN B 39 -11.54 -4.59 -9.57
CA ASN B 39 -11.57 -3.53 -10.63
C ASN B 39 -11.26 -4.13 -12.01
N LEU B 40 -10.35 -5.10 -12.11
CA LEU B 40 -10.12 -5.84 -13.39
C LEU B 40 -11.45 -6.38 -13.94
N VAL B 41 -12.20 -7.16 -13.16
CA VAL B 41 -13.35 -7.96 -13.68
C VAL B 41 -14.61 -7.10 -13.78
N LEU B 42 -14.74 -6.04 -12.97
CA LEU B 42 -15.95 -5.18 -12.97
C LEU B 42 -15.77 -3.98 -13.92
N GLU B 43 -14.55 -3.47 -14.12
CA GLU B 43 -14.35 -2.17 -14.81
C GLU B 43 -13.47 -2.31 -16.06
N THR B 44 -12.42 -3.14 -16.06
CA THR B 44 -11.34 -3.08 -17.09
C THR B 44 -11.64 -4.02 -18.27
N ILE B 45 -12.02 -5.26 -17.96
CA ILE B 45 -12.30 -6.33 -18.95
C ILE B 45 -13.66 -6.95 -18.61
N SER B 46 -14.21 -7.74 -19.52
CA SER B 46 -15.28 -8.71 -19.23
C SER B 46 -14.61 -10.07 -19.26
N LEU B 47 -14.48 -10.70 -18.10
CA LEU B 47 -13.85 -12.05 -18.02
C LEU B 47 -14.95 -13.05 -18.32
N GLU B 48 -15.03 -13.48 -19.59
CA GLU B 48 -16.18 -14.24 -20.17
C GLU B 48 -16.07 -15.70 -19.73
N TYR B 49 -14.87 -16.16 -19.41
CA TYR B 49 -14.63 -17.56 -18.99
C TYR B 49 -13.40 -17.62 -18.11
N HIS B 50 -13.57 -18.22 -16.93
CA HIS B 50 -12.48 -18.53 -15.97
C HIS B 50 -13.01 -19.57 -14.96
N GLU B 51 -12.50 -20.80 -15.05
CA GLU B 51 -12.96 -21.98 -14.25
C GLU B 51 -12.86 -21.67 -12.75
N VAL B 52 -11.82 -20.96 -12.31
CA VAL B 52 -11.60 -20.74 -10.85
C VAL B 52 -12.66 -19.78 -10.32
N LEU B 53 -13.09 -18.77 -11.08
CA LEU B 53 -13.95 -17.70 -10.49
C LEU B 53 -15.40 -17.82 -10.95
N SER B 54 -15.71 -18.61 -11.99
CA SER B 54 -17.06 -18.65 -12.64
C SER B 54 -18.14 -19.08 -11.64
N ALA B 55 -19.22 -18.32 -11.52
CA ALA B 55 -20.46 -18.75 -10.84
C ALA B 55 -20.98 -20.06 -11.45
N ALA B 56 -21.12 -20.14 -12.78
CA ALA B 56 -21.61 -21.34 -13.52
C ALA B 56 -20.60 -22.51 -13.43
N PHE B 57 -21.11 -23.75 -13.48
CA PHE B 57 -20.29 -24.99 -13.50
C PHE B 57 -20.80 -25.93 -14.59
N GLY B 58 -19.99 -26.93 -14.94
CA GLY B 58 -20.32 -28.05 -15.84
C GLY B 58 -20.86 -27.59 -17.18
N HIS B 59 -22.02 -28.13 -17.59
CA HIS B 59 -22.68 -27.87 -18.91
C HIS B 59 -22.89 -26.37 -19.14
N GLN B 60 -23.43 -25.69 -18.12
CA GLN B 60 -23.73 -24.23 -18.13
C GLN B 60 -22.45 -23.41 -18.38
N VAL B 61 -21.31 -23.76 -17.77
CA VAL B 61 -20.08 -22.94 -17.93
C VAL B 61 -19.49 -23.24 -19.32
N GLU B 62 -19.59 -24.47 -19.80
CA GLU B 62 -19.17 -24.80 -21.19
C GLU B 62 -20.13 -24.11 -22.17
N GLU B 63 -21.39 -23.86 -21.79
CA GLU B 63 -22.33 -23.01 -22.58
C GLU B 63 -21.77 -21.58 -22.69
N ASN B 64 -21.41 -20.96 -21.55
CA ASN B 64 -20.84 -19.59 -21.49
C ASN B 64 -19.62 -19.50 -22.42
N LYS B 65 -18.73 -20.50 -22.38
CA LYS B 65 -17.55 -20.54 -23.25
C LYS B 65 -18.00 -20.48 -24.72
N HIS B 66 -18.88 -21.38 -25.14
CA HIS B 66 -19.34 -21.47 -26.55
C HIS B 66 -20.02 -20.14 -26.95
N ASN B 67 -21.00 -19.66 -26.17
CA ASN B 67 -21.66 -18.34 -26.36
C ASN B 67 -20.60 -17.26 -26.64
N ALA B 68 -19.55 -17.15 -25.80
CA ALA B 68 -18.52 -16.08 -25.84
C ALA B 68 -17.60 -16.22 -27.08
N LEU B 69 -17.18 -17.44 -27.39
CA LEU B 69 -16.29 -17.71 -28.55
C LEU B 69 -16.97 -17.23 -29.86
N GLU B 70 -18.29 -17.36 -29.94
CA GLU B 70 -19.14 -16.97 -31.10
C GLU B 70 -19.37 -15.46 -31.10
N LYS B 71 -20.04 -14.95 -30.07
CA LYS B 71 -20.36 -13.50 -29.93
C LYS B 71 -19.13 -12.59 -30.13
N TYR B 72 -17.96 -12.97 -29.61
CA TYR B 72 -16.75 -12.12 -29.52
C TYR B 72 -15.67 -12.59 -30.48
N LYS B 73 -16.04 -13.43 -31.45
CA LYS B 73 -15.11 -13.92 -32.51
C LYS B 73 -14.34 -12.74 -33.11
N GLY B 74 -13.01 -12.86 -33.23
CA GLY B 74 -12.12 -11.78 -33.71
C GLY B 74 -11.85 -10.70 -32.68
N GLN B 75 -12.47 -10.72 -31.49
CA GLN B 75 -12.36 -9.59 -30.52
C GLN B 75 -11.68 -9.99 -29.19
N TYR B 76 -11.76 -11.23 -28.69
CA TYR B 76 -11.33 -11.58 -27.30
C TYR B 76 -9.81 -11.77 -27.24
N VAL B 77 -9.25 -11.46 -26.06
CA VAL B 77 -7.88 -11.88 -25.67
C VAL B 77 -8.00 -13.29 -25.07
N LEU B 78 -7.29 -14.25 -25.64
CA LEU B 78 -7.17 -15.62 -25.09
C LEU B 78 -5.93 -15.65 -24.18
N VAL B 79 -6.14 -16.02 -22.94
CA VAL B 79 -5.06 -16.22 -21.94
C VAL B 79 -5.02 -17.71 -21.63
N VAL B 80 -3.84 -18.31 -21.68
CA VAL B 80 -3.62 -19.71 -21.22
C VAL B 80 -2.53 -19.71 -20.13
N ASP B 81 -2.79 -20.39 -19.00
CA ASP B 81 -1.78 -20.71 -17.98
C ASP B 81 -1.63 -22.23 -17.94
N GLY B 82 -0.45 -22.68 -17.59
CA GLY B 82 -0.10 -24.11 -17.56
C GLY B 82 0.42 -24.60 -18.91
N SER B 83 1.15 -25.69 -18.85
CA SER B 83 1.77 -26.39 -20.00
C SER B 83 0.66 -27.20 -20.69
N ILE B 84 0.90 -27.58 -21.94
CA ILE B 84 -0.04 -28.40 -22.75
C ILE B 84 0.63 -29.76 -22.98
N PRO B 85 0.03 -30.86 -22.46
CA PRO B 85 0.65 -32.18 -22.56
C PRO B 85 0.25 -32.83 -23.89
N LEU B 86 1.22 -33.18 -24.73
CA LEU B 86 0.94 -33.79 -26.06
C LEU B 86 1.12 -35.31 -26.01
N LYS B 87 1.76 -35.88 -24.99
CA LYS B 87 2.01 -37.34 -24.93
C LYS B 87 0.67 -38.07 -24.86
N ASP B 88 0.57 -39.22 -25.56
CA ASP B 88 -0.58 -40.15 -25.49
C ASP B 88 -1.85 -39.40 -25.92
N ASN B 89 -1.73 -38.54 -26.93
CA ASN B 89 -2.88 -37.88 -27.61
C ASN B 89 -3.64 -36.97 -26.63
N GLY B 90 -2.98 -36.35 -25.65
CA GLY B 90 -3.55 -35.21 -24.90
C GLY B 90 -4.29 -35.61 -23.62
N ILE B 91 -4.22 -36.86 -23.19
CA ILE B 91 -5.14 -37.38 -22.14
C ILE B 91 -4.65 -36.99 -20.74
N TYR B 92 -3.46 -36.40 -20.59
CA TYR B 92 -2.92 -35.98 -19.27
C TYR B 92 -3.61 -34.68 -18.84
N CYS B 93 -4.44 -34.04 -19.69
CA CYS B 93 -5.29 -32.91 -19.25
C CYS B 93 -6.59 -32.92 -20.03
N MET B 94 -7.66 -33.37 -19.41
CA MET B 94 -8.99 -33.59 -20.03
C MET B 94 -10.00 -32.74 -19.26
N VAL B 95 -10.68 -31.86 -19.99
CA VAL B 95 -11.78 -31.01 -19.48
C VAL B 95 -13.04 -31.28 -20.30
N ALA B 96 -14.16 -31.54 -19.63
CA ALA B 96 -15.45 -31.89 -20.25
C ALA B 96 -15.24 -33.01 -21.28
N GLY B 97 -14.39 -33.98 -20.99
CA GLY B 97 -14.26 -35.20 -21.81
C GLY B 97 -13.36 -35.00 -23.01
N GLU B 98 -12.65 -33.87 -23.16
CA GLU B 98 -11.77 -33.62 -24.34
C GLU B 98 -10.37 -33.20 -23.90
N PRO B 99 -9.30 -33.49 -24.68
CA PRO B 99 -7.97 -32.94 -24.42
C PRO B 99 -7.97 -31.40 -24.45
N ILE B 100 -7.30 -30.80 -23.46
CA ILE B 100 -7.29 -29.31 -23.33
C ILE B 100 -6.69 -28.70 -24.61
N VAL B 101 -5.74 -29.39 -25.22
CA VAL B 101 -5.08 -28.96 -26.50
C VAL B 101 -6.16 -28.64 -27.55
N ASP B 102 -7.26 -29.39 -27.55
CA ASP B 102 -8.40 -29.17 -28.48
C ASP B 102 -9.19 -27.92 -28.09
N HIS B 103 -9.52 -27.72 -26.81
CA HIS B 103 -10.18 -26.48 -26.32
C HIS B 103 -9.34 -25.26 -26.72
N ILE B 104 -8.02 -25.35 -26.56
CA ILE B 104 -7.07 -24.24 -26.82
C ILE B 104 -7.03 -23.92 -28.33
N ARG B 105 -6.89 -24.92 -29.20
CA ARG B 105 -6.84 -24.70 -30.68
C ARG B 105 -8.16 -24.07 -31.18
N ARG B 106 -9.29 -24.52 -30.65
CA ARG B 106 -10.64 -23.94 -30.92
C ARG B 106 -10.68 -22.46 -30.52
N ALA B 107 -10.27 -22.12 -29.28
CA ALA B 107 -10.34 -20.74 -28.77
C ALA B 107 -9.35 -19.84 -29.52
N ALA B 108 -8.20 -20.39 -29.94
CA ALA B 108 -7.13 -19.62 -30.62
C ALA B 108 -7.62 -19.09 -31.97
N GLU B 109 -8.62 -19.75 -32.60
CA GLU B 109 -9.01 -19.43 -34.00
C GLU B 109 -9.70 -18.06 -34.05
N GLY B 110 -10.55 -17.76 -33.07
CA GLY B 110 -11.27 -16.47 -32.97
C GLY B 110 -10.53 -15.38 -32.18
N ALA B 111 -9.31 -15.60 -31.69
CA ALA B 111 -8.63 -14.66 -30.74
C ALA B 111 -8.13 -13.42 -31.48
N ALA B 112 -8.33 -12.23 -30.90
CA ALA B 112 -7.73 -10.95 -31.32
C ALA B 112 -6.25 -10.93 -30.89
N ALA B 113 -5.95 -11.45 -29.70
CA ALA B 113 -4.60 -11.52 -29.11
C ALA B 113 -4.50 -12.80 -28.27
N ILE B 114 -3.33 -13.39 -28.18
CA ILE B 114 -3.13 -14.63 -27.37
C ILE B 114 -1.94 -14.39 -26.45
N ILE B 115 -2.16 -14.65 -25.16
CA ILE B 115 -1.13 -14.48 -24.07
C ILE B 115 -0.90 -15.83 -23.40
N ALA B 116 0.36 -16.24 -23.34
CA ALA B 116 0.85 -17.30 -22.44
C ALA B 116 1.31 -16.65 -21.13
N ILE B 117 0.51 -16.78 -20.07
CA ILE B 117 0.89 -16.24 -18.74
C ILE B 117 1.60 -17.34 -17.97
N GLY B 118 2.81 -17.04 -17.49
CA GLY B 118 3.62 -17.95 -16.67
C GLY B 118 4.56 -18.79 -17.51
N SER B 119 5.63 -19.25 -16.88
CA SER B 119 6.69 -20.09 -17.48
C SER B 119 6.11 -21.39 -18.05
N CYS B 120 5.07 -21.99 -17.44
CA CYS B 120 4.47 -23.27 -17.94
C CYS B 120 3.91 -23.04 -19.34
N ALA B 121 3.10 -22.01 -19.49
CA ALA B 121 2.48 -21.66 -20.78
C ALA B 121 3.51 -21.07 -21.75
N ALA B 122 4.49 -20.34 -21.25
CA ALA B 122 5.47 -19.65 -22.09
C ALA B 122 6.45 -20.65 -22.74
N TRP B 123 6.96 -21.62 -21.99
CA TRP B 123 8.02 -22.54 -22.50
C TRP B 123 7.94 -23.96 -21.94
N GLY B 124 6.92 -24.31 -21.15
CA GLY B 124 6.76 -25.67 -20.59
C GLY B 124 6.98 -25.67 -19.08
N GLY B 125 7.85 -24.78 -18.60
CA GLY B 125 8.09 -24.55 -17.15
C GLY B 125 8.33 -25.85 -16.38
N VAL B 126 7.90 -25.90 -15.13
CA VAL B 126 8.24 -27.03 -14.22
C VAL B 126 7.58 -28.30 -14.77
N ALA B 127 6.43 -28.18 -15.44
CA ALA B 127 5.67 -29.38 -15.88
C ALA B 127 6.46 -30.15 -16.95
N ALA B 128 7.35 -29.46 -17.65
CA ALA B 128 8.11 -30.03 -18.79
C ALA B 128 9.54 -30.27 -18.42
N ALA B 129 9.91 -30.09 -17.15
CA ALA B 129 11.27 -30.28 -16.63
C ALA B 129 11.56 -31.78 -16.43
N GLY B 130 12.81 -32.10 -16.13
CA GLY B 130 13.33 -33.49 -16.02
C GLY B 130 12.90 -34.36 -17.19
N VAL B 131 12.37 -35.54 -16.90
CA VAL B 131 11.98 -36.57 -17.90
C VAL B 131 10.71 -36.14 -18.64
N ASN B 132 10.06 -35.05 -18.20
CA ASN B 132 8.82 -34.55 -18.84
C ASN B 132 7.81 -35.68 -19.00
N PRO B 133 7.25 -36.21 -17.89
CA PRO B 133 6.34 -37.34 -17.93
C PRO B 133 5.14 -37.23 -18.91
N THR B 134 4.60 -36.03 -19.15
CA THR B 134 3.34 -35.83 -19.93
C THR B 134 3.64 -35.24 -21.32
N GLY B 135 4.91 -35.12 -21.72
CA GLY B 135 5.29 -34.36 -22.93
C GLY B 135 4.67 -32.97 -22.93
N ALA B 136 4.78 -32.27 -21.80
CA ALA B 136 4.32 -30.88 -21.65
C ALA B 136 5.08 -29.97 -22.62
N VAL B 137 4.38 -29.08 -23.30
CA VAL B 137 5.01 -28.03 -24.16
C VAL B 137 4.39 -26.68 -23.80
N GLY B 138 4.99 -25.61 -24.30
CA GLY B 138 4.48 -24.24 -24.22
C GLY B 138 3.47 -23.92 -25.31
N LEU B 139 2.79 -22.78 -25.19
CA LEU B 139 1.60 -22.49 -26.03
C LEU B 139 2.03 -22.29 -27.49
N GLN B 140 3.16 -21.64 -27.72
CA GLN B 140 3.64 -21.29 -29.08
C GLN B 140 3.84 -22.59 -29.89
N GLU B 141 4.32 -23.66 -29.25
CA GLU B 141 4.49 -24.99 -29.90
C GLU B 141 3.13 -25.61 -30.27
N VAL B 142 2.03 -25.36 -29.55
CA VAL B 142 0.75 -25.98 -29.96
C VAL B 142 0.05 -25.08 -31.00
N LEU B 143 0.47 -23.81 -31.12
CA LEU B 143 -0.17 -22.81 -32.03
C LEU B 143 0.90 -22.25 -32.96
N PRO B 144 1.56 -23.08 -33.80
CA PRO B 144 2.60 -22.59 -34.70
C PRO B 144 1.87 -21.62 -35.65
N GLY B 145 2.55 -20.58 -36.11
CA GLY B 145 1.96 -19.56 -37.01
C GLY B 145 0.86 -18.75 -36.35
N LYS B 146 0.82 -18.68 -35.01
CA LYS B 146 0.07 -17.63 -34.28
C LYS B 146 1.10 -16.87 -33.44
N THR B 147 0.90 -15.55 -33.27
CA THR B 147 1.75 -14.65 -32.45
C THR B 147 1.30 -14.83 -31.00
N ILE B 148 2.11 -15.48 -30.19
CA ILE B 148 1.85 -15.65 -28.73
C ILE B 148 2.66 -14.61 -27.96
N ILE B 149 2.02 -13.82 -27.11
CA ILE B 149 2.77 -12.94 -26.18
C ILE B 149 3.11 -13.78 -24.95
N ASN B 150 4.39 -13.87 -24.63
CA ASN B 150 4.90 -14.68 -23.50
C ASN B 150 5.15 -13.73 -22.31
N ILE B 151 4.49 -14.02 -21.19
CA ILE B 151 4.69 -13.30 -19.91
C ILE B 151 5.19 -14.32 -18.89
N PRO B 152 6.49 -14.67 -18.91
CA PRO B 152 6.99 -15.76 -18.08
C PRO B 152 7.26 -15.34 -16.63
N GLY B 153 7.60 -16.33 -15.82
CA GLY B 153 7.72 -16.19 -14.35
C GLY B 153 6.80 -17.17 -13.70
N CYS B 154 7.07 -17.55 -12.46
CA CYS B 154 6.38 -18.70 -11.85
C CYS B 154 5.86 -18.34 -10.46
N PRO B 155 4.83 -17.47 -10.33
CA PRO B 155 4.20 -16.76 -11.47
C PRO B 155 4.83 -15.39 -11.68
N PRO B 156 4.56 -14.74 -12.83
CA PRO B 156 5.05 -13.38 -13.06
C PRO B 156 4.43 -12.39 -12.06
N ASN B 157 5.05 -11.24 -11.83
CA ASN B 157 4.34 -10.10 -11.22
C ASN B 157 3.05 -9.89 -12.04
N PRO B 158 1.85 -9.82 -11.41
CA PRO B 158 0.61 -9.79 -12.20
C PRO B 158 0.52 -8.54 -13.09
N HIS B 159 1.22 -7.46 -12.72
CA HIS B 159 1.26 -6.23 -13.55
C HIS B 159 2.04 -6.46 -14.85
N ASN B 160 2.87 -7.49 -14.97
CA ASN B 160 3.55 -7.80 -16.25
C ASN B 160 2.47 -8.22 -17.27
N PHE B 161 1.47 -8.93 -16.78
CA PHE B 161 0.27 -9.33 -17.54
C PHE B 161 -0.68 -8.14 -17.68
N LEU B 162 -1.05 -7.50 -16.59
CA LEU B 162 -2.12 -6.47 -16.61
C LEU B 162 -1.72 -5.27 -17.51
N ALA B 163 -0.48 -4.78 -17.42
CA ALA B 163 0.01 -3.64 -18.22
C ALA B 163 0.12 -4.06 -19.71
N THR B 164 0.39 -5.33 -20.02
CA THR B 164 0.30 -5.89 -21.41
C THR B 164 -1.13 -5.79 -21.96
N VAL B 165 -2.11 -6.24 -21.20
CA VAL B 165 -3.55 -6.17 -21.58
C VAL B 165 -3.95 -4.70 -21.68
N ALA B 166 -3.47 -3.87 -20.74
CA ALA B 166 -3.82 -2.42 -20.72
C ALA B 166 -3.30 -1.75 -22.01
N HIS B 167 -2.11 -2.11 -22.48
CA HIS B 167 -1.50 -1.55 -23.70
C HIS B 167 -2.40 -1.89 -24.89
N ILE B 168 -2.83 -3.15 -24.97
CA ILE B 168 -3.73 -3.67 -26.04
C ILE B 168 -5.02 -2.87 -26.01
N ILE B 169 -5.62 -2.69 -24.85
CA ILE B 169 -6.91 -1.95 -24.70
C ILE B 169 -6.70 -0.45 -24.99
N THR B 170 -5.68 0.20 -24.44
CA THR B 170 -5.57 1.68 -24.44
C THR B 170 -5.04 2.15 -25.80
N TYR B 171 -4.04 1.47 -26.36
CA TYR B 171 -3.33 1.92 -27.58
C TYR B 171 -3.67 1.02 -28.77
N GLY B 172 -4.48 -0.02 -28.58
CA GLY B 172 -5.04 -0.84 -29.68
C GLY B 172 -4.02 -1.78 -30.29
N LYS B 173 -2.91 -2.04 -29.62
CA LYS B 173 -1.85 -2.96 -30.11
C LYS B 173 -1.06 -3.54 -28.94
N PRO B 174 -0.29 -4.63 -29.13
CA PRO B 174 0.57 -5.15 -28.09
C PRO B 174 1.71 -4.21 -27.75
N PRO B 175 2.30 -4.35 -26.54
CA PRO B 175 3.53 -3.65 -26.22
C PRO B 175 4.66 -4.16 -27.12
N LYS B 176 5.77 -3.42 -27.19
CA LYS B 176 7.00 -3.85 -27.90
C LYS B 176 7.47 -5.18 -27.29
N LEU B 177 7.77 -6.15 -28.15
CA LEU B 177 8.18 -7.52 -27.76
C LEU B 177 9.65 -7.76 -28.13
N ASP B 178 10.38 -8.57 -27.37
CA ASP B 178 11.77 -9.02 -27.66
C ASP B 178 11.69 -10.24 -28.61
N ALA B 179 12.83 -10.87 -28.88
CA ALA B 179 12.96 -12.00 -29.84
C ALA B 179 12.15 -13.21 -29.36
N LYS B 180 11.88 -13.33 -28.04
CA LYS B 180 11.10 -14.44 -27.47
C LYS B 180 9.65 -13.99 -27.22
N ASN B 181 9.26 -12.86 -27.81
CA ASN B 181 7.87 -12.34 -27.78
C ASN B 181 7.47 -11.97 -26.35
N ARG B 182 8.45 -11.63 -25.49
CA ARG B 182 8.19 -11.10 -24.12
C ARG B 182 8.12 -9.58 -24.17
N PRO B 183 7.16 -8.91 -23.50
CA PRO B 183 7.17 -7.45 -23.42
C PRO B 183 8.46 -6.86 -22.83
N THR B 184 9.09 -5.94 -23.57
CA THR B 184 10.40 -5.34 -23.24
C THR B 184 10.29 -4.52 -21.97
N PHE B 185 9.13 -3.93 -21.64
CA PHE B 185 9.01 -3.14 -20.37
C PHE B 185 9.29 -4.03 -19.13
N ALA B 186 9.02 -5.34 -19.23
CA ALA B 186 9.12 -6.31 -18.10
C ALA B 186 10.30 -7.25 -18.31
N TYR B 187 10.69 -7.57 -19.56
CA TYR B 187 11.70 -8.63 -19.79
C TYR B 187 12.87 -8.16 -20.66
N GLY B 188 13.05 -6.85 -20.84
CA GLY B 188 14.05 -6.29 -21.79
C GLY B 188 15.50 -6.36 -21.29
N ARG B 189 15.75 -6.70 -20.03
CA ARG B 189 17.09 -6.63 -19.40
C ARG B 189 17.28 -7.80 -18.45
N LEU B 190 18.52 -8.27 -18.32
CA LEU B 190 18.92 -9.26 -17.28
C LEU B 190 18.70 -8.66 -15.89
N ILE B 191 18.24 -9.47 -14.95
CA ILE B 191 18.09 -9.03 -13.55
C ILE B 191 19.45 -8.50 -13.05
N HIS B 192 20.54 -9.22 -13.33
CA HIS B 192 21.93 -8.85 -12.96
C HIS B 192 22.38 -7.53 -13.62
N GLU B 193 21.79 -7.11 -14.73
CA GLU B 193 22.17 -5.81 -15.36
C GLU B 193 21.31 -4.67 -14.76
N HIS B 194 20.53 -4.94 -13.71
CA HIS B 194 19.76 -3.89 -12.98
C HIS B 194 19.51 -4.31 -11.53
N CYS B 195 20.52 -4.87 -10.88
CA CYS B 195 20.41 -5.41 -9.52
C CYS B 195 21.20 -4.57 -8.53
N GLU B 196 20.58 -4.24 -7.38
CA GLU B 196 21.16 -3.30 -6.42
C GLU B 196 22.35 -3.94 -5.69
N ARG B 197 22.58 -5.25 -5.81
CA ARG B 197 23.73 -5.92 -5.16
C ARG B 197 24.94 -5.95 -6.09
N ARG B 198 24.80 -5.44 -7.30
CA ARG B 198 25.92 -5.44 -8.29
C ARG B 198 27.20 -4.84 -7.69
N PRO B 199 27.16 -3.77 -6.88
CA PRO B 199 28.38 -3.25 -6.26
C PRO B 199 29.14 -4.26 -5.40
N HIS B 200 28.40 -5.11 -4.70
CA HIS B 200 28.97 -6.20 -3.87
C HIS B 200 29.61 -7.25 -4.79
N PHE B 201 28.94 -7.60 -5.88
CA PHE B 201 29.42 -8.55 -6.90
C PHE B 201 30.75 -8.02 -7.45
N ASP B 202 30.81 -6.72 -7.74
CA ASP B 202 31.99 -6.11 -8.41
C ASP B 202 33.20 -6.16 -7.47
N ALA B 203 32.96 -5.95 -6.18
CA ALA B 203 33.98 -5.82 -5.13
C ALA B 203 34.39 -7.20 -4.56
N GLY B 204 33.70 -8.28 -4.91
CA GLY B 204 33.94 -9.62 -4.34
C GLY B 204 33.35 -9.82 -2.95
N ARG B 205 32.28 -9.07 -2.61
CA ARG B 205 31.54 -9.20 -1.33
C ARG B 205 30.35 -10.14 -1.55
N PHE B 206 30.47 -11.38 -1.07
CA PHE B 206 29.54 -12.49 -1.39
C PHE B 206 29.05 -13.13 -0.11
N ALA B 207 27.75 -13.43 -0.05
CA ALA B 207 27.20 -14.41 0.92
C ALA B 207 27.66 -15.80 0.50
N LYS B 208 28.21 -16.59 1.43
CA LYS B 208 28.64 -18.00 1.15
C LYS B 208 27.67 -19.02 1.71
N GLU B 209 27.10 -18.74 2.88
N GLU B 209 26.97 -18.66 2.79
CA GLU B 209 26.03 -19.57 3.52
CA GLU B 209 26.04 -19.55 3.51
C GLU B 209 24.92 -18.62 3.95
C GLU B 209 24.94 -18.70 4.15
N PHE B 210 23.68 -19.11 4.02
CA PHE B 210 22.57 -18.38 4.65
C PHE B 210 22.97 -18.20 6.12
N GLY B 211 22.80 -16.99 6.64
CA GLY B 211 23.06 -16.65 8.04
C GLY B 211 24.47 -16.17 8.31
N ASP B 212 25.38 -16.22 7.33
CA ASP B 212 26.82 -15.82 7.48
C ASP B 212 26.91 -14.29 7.51
N GLU B 213 28.10 -13.77 7.76
CA GLU B 213 28.32 -12.31 7.95
C GLU B 213 27.92 -11.54 6.70
N GLY B 214 28.34 -12.00 5.51
CA GLY B 214 28.05 -11.38 4.20
C GLY B 214 26.56 -11.39 3.90
N HIS B 215 25.91 -12.50 4.20
CA HIS B 215 24.45 -12.67 4.02
C HIS B 215 23.71 -11.64 4.87
N ARG B 216 24.15 -11.44 6.12
CA ARG B 216 23.50 -10.56 7.12
C ARG B 216 23.86 -9.10 6.82
N GLU B 217 24.76 -8.82 5.87
CA GLU B 217 25.05 -7.43 5.45
C GLU B 217 24.41 -7.16 4.09
N GLY B 218 23.67 -8.12 3.53
CA GLY B 218 22.97 -7.92 2.24
C GLY B 218 23.91 -7.91 1.06
N TRP B 219 24.97 -8.72 1.10
CA TRP B 219 25.90 -8.83 -0.05
C TRP B 219 25.29 -9.67 -1.15
N CYS B 220 26.00 -9.74 -2.27
CA CYS B 220 25.64 -10.46 -3.51
C CYS B 220 25.46 -11.96 -3.24
N LEU B 221 24.47 -12.54 -3.92
CA LEU B 221 24.05 -13.96 -3.70
C LEU B 221 24.60 -14.84 -4.82
N TYR B 222 25.53 -14.34 -5.65
CA TYR B 222 26.04 -15.10 -6.84
C TYR B 222 26.47 -16.51 -6.44
N HIS B 223 27.27 -16.62 -5.38
CA HIS B 223 27.92 -17.86 -4.90
C HIS B 223 26.94 -18.73 -4.09
N LEU B 224 25.70 -18.29 -3.88
CA LEU B 224 24.62 -19.17 -3.38
C LEU B 224 23.82 -19.74 -4.56
N GLY B 225 24.17 -19.38 -5.79
CA GLY B 225 23.53 -19.88 -7.02
C GLY B 225 22.56 -18.88 -7.67
N CYS B 226 22.67 -17.59 -7.39
CA CYS B 226 21.82 -16.56 -8.04
C CYS B 226 21.88 -16.67 -9.57
N LYS B 227 20.71 -16.75 -10.18
CA LYS B 227 20.54 -16.91 -11.64
C LYS B 227 20.30 -15.56 -12.31
N GLY B 228 20.38 -14.47 -11.57
CA GLY B 228 20.16 -13.11 -12.06
C GLY B 228 21.04 -12.89 -13.29
N PRO B 229 22.29 -13.39 -13.37
CA PRO B 229 23.10 -13.17 -14.58
C PRO B 229 22.58 -13.79 -15.88
N GLU B 230 21.66 -14.76 -15.79
CA GLU B 230 21.19 -15.55 -16.94
C GLU B 230 19.69 -15.37 -17.14
N THR B 231 19.03 -14.47 -16.37
CA THR B 231 17.54 -14.41 -16.33
C THR B 231 17.04 -13.01 -16.68
N TYR B 232 16.21 -12.89 -17.71
CA TYR B 232 15.55 -11.64 -18.11
C TYR B 232 14.28 -11.47 -17.28
N GLY B 233 14.09 -10.26 -16.76
CA GLY B 233 12.94 -9.95 -15.90
C GLY B 233 13.03 -8.56 -15.29
N ASN B 234 12.05 -8.22 -14.46
CA ASN B 234 11.99 -6.93 -13.77
C ASN B 234 11.87 -7.13 -12.26
N CYS B 235 12.29 -8.28 -11.76
CA CYS B 235 12.17 -8.64 -10.32
C CYS B 235 12.92 -7.65 -9.41
N SER B 236 14.04 -7.09 -9.87
CA SER B 236 14.86 -6.16 -9.08
C SER B 236 14.26 -4.76 -9.09
N THR B 237 13.43 -4.38 -10.07
CA THR B 237 12.90 -2.98 -10.19
C THR B 237 11.40 -2.97 -9.86
N LEU B 238 10.57 -3.61 -10.66
CA LEU B 238 9.15 -3.74 -10.25
C LEU B 238 8.98 -4.54 -8.96
N GLN B 239 9.74 -5.63 -8.76
CA GLN B 239 9.70 -6.44 -7.52
C GLN B 239 8.30 -7.04 -7.41
N PHE B 240 7.80 -7.26 -6.18
CA PHE B 240 6.53 -8.00 -5.98
C PHE B 240 5.67 -7.32 -4.92
N CYS B 241 4.35 -7.38 -5.14
N CYS B 241 4.34 -7.41 -5.10
CA CYS B 241 3.28 -7.15 -4.13
CA CYS B 241 3.28 -7.15 -4.08
C CYS B 241 3.17 -5.66 -3.76
C CYS B 241 3.14 -5.65 -3.78
N ASP B 242 3.94 -4.78 -4.42
CA ASP B 242 3.78 -3.30 -4.33
C ASP B 242 3.87 -2.80 -2.88
N VAL B 243 4.68 -3.43 -2.01
CA VAL B 243 4.88 -2.94 -0.62
C VAL B 243 6.24 -2.25 -0.53
N GLY B 244 7.08 -2.52 -1.52
CA GLY B 244 8.44 -1.96 -1.63
C GLY B 244 9.47 -2.87 -1.00
N GLY B 245 10.53 -3.15 -1.77
CA GLY B 245 11.72 -3.90 -1.30
C GLY B 245 11.56 -5.40 -1.31
N VAL B 246 10.52 -5.95 -1.95
CA VAL B 246 10.20 -7.40 -1.88
C VAL B 246 10.43 -8.07 -3.23
N TRP B 247 11.56 -8.75 -3.30
CA TRP B 247 11.86 -9.77 -4.32
C TRP B 247 12.78 -10.79 -3.66
N PRO B 248 12.96 -11.97 -4.27
CA PRO B 248 13.70 -13.05 -3.63
C PRO B 248 15.09 -12.65 -3.14
N VAL B 249 15.87 -11.95 -3.97
CA VAL B 249 17.23 -11.49 -3.57
C VAL B 249 17.16 -10.51 -2.40
N ALA B 250 16.25 -9.52 -2.43
CA ALA B 250 16.11 -8.59 -1.27
C ALA B 250 15.80 -9.38 0.00
N ILE B 251 15.05 -10.48 -0.09
CA ILE B 251 14.64 -11.28 1.10
C ILE B 251 15.81 -12.10 1.62
N GLY B 252 16.84 -12.34 0.79
CA GLY B 252 18.04 -13.14 1.15
C GLY B 252 18.26 -14.41 0.36
N HIS B 253 17.48 -14.68 -0.69
CA HIS B 253 17.59 -15.95 -1.44
C HIS B 253 17.96 -15.66 -2.88
N PRO B 254 18.85 -16.47 -3.46
CA PRO B 254 19.22 -16.29 -4.86
C PRO B 254 18.00 -16.37 -5.80
N CYS B 255 18.02 -15.65 -6.92
CA CYS B 255 17.16 -15.90 -8.09
C CYS B 255 17.41 -17.36 -8.52
N TYR B 256 16.31 -18.06 -8.86
CA TYR B 256 16.30 -19.48 -9.31
C TYR B 256 16.20 -19.53 -10.82
N GLY B 257 15.99 -18.39 -11.45
CA GLY B 257 15.80 -18.29 -12.91
C GLY B 257 14.44 -18.77 -13.38
N CYS B 258 13.38 -18.60 -12.57
CA CYS B 258 12.05 -19.17 -12.90
C CYS B 258 11.51 -18.60 -14.21
N ASN B 259 11.91 -17.38 -14.61
CA ASN B 259 11.41 -16.76 -15.85
C ASN B 259 12.00 -17.46 -17.07
N GLU B 260 13.20 -18.02 -16.95
CA GLU B 260 14.09 -18.30 -18.12
C GLU B 260 14.19 -19.81 -18.43
N GLU B 261 13.79 -20.22 -19.65
CA GLU B 261 13.92 -21.61 -20.14
C GLU B 261 15.37 -22.11 -20.03
N GLY B 262 15.59 -23.31 -19.50
CA GLY B 262 16.95 -23.89 -19.35
C GLY B 262 17.58 -23.46 -18.05
N ILE B 263 16.95 -22.53 -17.32
CA ILE B 263 17.52 -22.06 -16.02
C ILE B 263 16.64 -22.62 -14.88
N GLY B 264 15.53 -21.95 -14.58
CA GLY B 264 14.51 -22.43 -13.60
C GLY B 264 14.13 -23.88 -13.85
N PHE B 265 14.18 -24.70 -12.81
CA PHE B 265 13.67 -26.10 -12.75
C PHE B 265 14.62 -27.04 -13.52
N HIS B 266 15.70 -26.51 -14.06
CA HIS B 266 16.76 -27.31 -14.76
C HIS B 266 18.07 -27.23 -13.94
N LYS B 267 18.57 -26.05 -13.62
CA LYS B 267 19.76 -25.89 -12.76
C LYS B 267 19.40 -26.03 -11.28
N GLY B 268 20.32 -26.59 -10.49
CA GLY B 268 20.18 -26.67 -9.04
C GLY B 268 20.15 -25.27 -8.42
N ILE B 269 19.44 -25.09 -7.29
CA ILE B 269 19.39 -23.80 -6.56
C ILE B 269 20.83 -23.26 -6.46
N HIS B 270 21.78 -24.09 -6.00
CA HIS B 270 23.14 -23.66 -5.63
C HIS B 270 24.13 -23.81 -6.79
N GLN B 271 23.68 -24.25 -7.95
CA GLN B 271 24.51 -24.28 -9.17
C GLN B 271 24.74 -22.85 -9.66
N LEU B 272 25.97 -22.51 -10.02
CA LEU B 272 26.40 -21.14 -10.37
C LEU B 272 25.88 -20.81 -11.77
N ALA B 273 25.48 -19.56 -12.02
CA ALA B 273 25.07 -19.13 -13.38
C ALA B 273 26.31 -18.82 -14.21
N HIS B 274 26.18 -18.84 -15.53
CA HIS B 274 27.15 -18.23 -16.49
C HIS B 274 26.94 -16.71 -16.42
N VAL B 275 28.02 -15.94 -16.34
CA VAL B 275 27.99 -14.45 -16.41
C VAL B 275 28.55 -14.00 -17.77
N GLU B 276 27.81 -13.15 -18.51
CA GLU B 276 28.15 -12.60 -19.85
C GLU B 276 29.53 -11.92 -19.81
N SER C 2 -7.09 48.32 25.48
CA SER C 2 -6.71 48.42 26.94
C SER C 2 -5.91 47.18 27.36
N GLN C 3 -6.50 45.97 27.33
CA GLN C 3 -5.77 44.70 27.62
C GLN C 3 -4.96 44.26 26.37
N ARG C 4 -3.69 43.90 26.58
CA ARG C 4 -2.72 43.49 25.53
C ARG C 4 -2.45 41.99 25.72
N ILE C 5 -2.70 41.18 24.68
CA ILE C 5 -2.41 39.72 24.71
C ILE C 5 -1.42 39.35 23.62
N THR C 6 -0.71 38.26 23.88
CA THR C 6 0.24 37.65 22.93
C THR C 6 -0.12 36.17 22.77
N ILE C 7 -0.13 35.68 21.54
CA ILE C 7 -0.27 34.23 21.25
C ILE C 7 1.04 33.84 20.57
N ASP C 8 1.91 33.17 21.31
CA ASP C 8 3.29 32.88 20.88
C ASP C 8 3.73 31.59 21.56
N PRO C 9 3.76 30.38 20.90
CA PRO C 9 3.49 30.22 19.47
C PRO C 9 2.03 29.99 19.10
N VAL C 10 1.66 30.41 17.90
CA VAL C 10 0.42 29.92 17.24
C VAL C 10 0.76 28.51 16.78
N THR C 11 -0.03 27.53 17.19
CA THR C 11 0.19 26.12 16.81
C THR C 11 -0.69 25.80 15.61
N ARG C 12 -0.55 24.58 15.08
CA ARG C 12 -1.39 24.06 13.99
C ARG C 12 -1.35 25.03 12.81
N ILE C 13 -0.13 25.50 12.54
CA ILE C 13 0.29 26.22 11.32
C ILE C 13 1.62 25.63 10.93
N GLU C 14 2.16 26.04 9.80
CA GLU C 14 3.58 25.81 9.52
C GLU C 14 4.41 26.98 10.08
N GLY C 15 5.44 26.67 10.85
CA GLY C 15 6.50 27.61 11.25
C GLY C 15 6.14 28.45 12.46
N HIS C 16 6.82 29.59 12.60
CA HIS C 16 6.87 30.37 13.88
C HIS C 16 6.17 31.71 13.71
N LEU C 17 5.02 31.83 14.37
CA LEU C 17 4.11 32.99 14.31
C LEU C 17 3.81 33.43 15.74
N ARG C 18 3.95 34.73 15.96
CA ARG C 18 3.41 35.45 17.12
C ARG C 18 2.30 36.38 16.66
N ILE C 19 1.19 36.39 17.37
CA ILE C 19 0.05 37.32 17.17
C ILE C 19 -0.15 38.09 18.48
N ASP C 20 -0.07 39.42 18.43
CA ASP C 20 -0.48 40.32 19.55
C ASP C 20 -1.77 41.03 19.23
N CYS C 21 -2.62 41.22 20.24
CA CYS C 21 -3.93 41.88 20.11
C CYS C 21 -4.11 42.85 21.29
N GLU C 22 -4.62 44.03 20.97
CA GLU C 22 -5.22 44.95 21.94
C GLU C 22 -6.68 44.57 22.00
N ILE C 23 -7.21 44.50 23.22
CA ILE C 23 -8.63 44.16 23.47
C ILE C 23 -9.27 45.36 24.20
N GLU C 24 -10.41 45.83 23.68
CA GLU C 24 -11.27 46.86 24.31
C GLU C 24 -12.69 46.33 24.36
N ASN C 25 -13.34 46.35 25.53
CA ASN C 25 -14.77 45.95 25.63
C ASN C 25 -14.93 44.51 25.17
N GLY C 26 -13.93 43.66 25.45
CA GLY C 26 -13.88 42.24 25.04
C GLY C 26 -13.89 42.00 23.54
N VAL C 27 -13.51 42.99 22.72
CA VAL C 27 -13.38 42.83 21.25
C VAL C 27 -11.97 43.29 20.86
N VAL C 28 -11.35 42.58 19.92
CA VAL C 28 -10.02 42.98 19.40
C VAL C 28 -10.17 44.32 18.66
N SER C 29 -9.35 45.28 19.03
CA SER C 29 -9.36 46.67 18.50
C SER C 29 -8.20 46.86 17.54
N LYS C 30 -7.13 46.09 17.68
CA LYS C 30 -5.89 46.27 16.90
C LYS C 30 -5.06 44.99 16.98
N ALA C 31 -4.35 44.64 15.93
CA ALA C 31 -3.53 43.42 15.97
C ALA C 31 -2.18 43.63 15.27
N TRP C 32 -1.24 42.79 15.64
CA TRP C 32 0.10 42.64 15.04
C TRP C 32 0.36 41.16 14.71
N ALA C 33 0.87 40.90 13.50
CA ALA C 33 1.33 39.57 13.08
C ALA C 33 2.83 39.65 12.93
N SER C 34 3.54 38.66 13.48
CA SER C 34 5.02 38.66 13.51
C SER C 34 5.56 37.28 13.14
N GLY C 35 6.38 37.22 12.10
CA GLY C 35 7.14 36.04 11.73
C GLY C 35 8.42 36.08 12.54
N THR C 36 8.70 35.05 13.34
CA THR C 36 9.76 35.14 14.39
C THR C 36 11.01 34.36 14.01
N MET C 37 11.04 33.78 12.81
CA MET C 37 12.18 32.96 12.34
C MET C 37 12.55 33.40 10.94
N TRP C 38 13.84 33.55 10.69
CA TRP C 38 14.41 33.88 9.36
C TRP C 38 15.57 32.93 9.03
N ARG C 39 15.71 32.55 7.76
CA ARG C 39 16.85 31.72 7.27
C ARG C 39 17.69 32.45 6.23
N GLY C 40 17.12 33.34 5.43
CA GLY C 40 17.86 34.00 4.33
C GLY C 40 18.05 33.08 3.13
N MET C 41 16.98 32.38 2.75
CA MET C 41 16.98 31.43 1.61
C MET C 41 17.31 32.19 0.32
N GLU C 42 16.87 33.45 0.21
CA GLU C 42 17.14 34.32 -0.97
C GLU C 42 18.65 34.57 -1.13
N GLU C 43 19.38 34.76 -0.03
CA GLU C 43 20.85 34.99 -0.04
C GLU C 43 21.57 33.64 -0.25
N ILE C 44 21.10 32.56 0.37
CA ILE C 44 21.73 31.21 0.24
C ILE C 44 21.76 30.81 -1.25
N VAL C 45 20.74 31.16 -2.02
CA VAL C 45 20.62 30.70 -3.42
C VAL C 45 21.43 31.57 -4.39
N LYS C 46 21.88 32.74 -3.96
CA LYS C 46 22.59 33.71 -4.85
C LYS C 46 23.95 33.14 -5.28
N ASN C 47 24.36 33.53 -6.51
CA ASN C 47 25.68 33.29 -7.12
C ASN C 47 25.80 31.85 -7.59
N ARG C 48 24.68 31.16 -7.75
CA ARG C 48 24.68 29.75 -8.22
C ARG C 48 24.24 29.74 -9.67
N ASP C 49 24.57 28.65 -10.36
CA ASP C 49 23.91 28.25 -11.62
C ASP C 49 22.40 28.37 -11.46
N PRO C 50 21.67 29.01 -12.41
CA PRO C 50 20.22 29.10 -12.35
C PRO C 50 19.49 27.75 -12.21
N ARG C 51 20.08 26.70 -12.80
CA ARG C 51 19.53 25.32 -12.78
C ARG C 51 19.48 24.78 -11.35
N ASP C 52 20.33 25.27 -10.43
CA ASP C 52 20.44 24.69 -9.08
C ASP C 52 19.36 25.24 -8.13
N ALA C 53 18.78 26.39 -8.47
CA ALA C 53 17.94 27.18 -7.53
C ALA C 53 16.82 26.30 -6.97
N TRP C 54 16.11 25.56 -7.83
CA TRP C 54 14.83 24.87 -7.47
C TRP C 54 15.05 23.86 -6.34
N MET C 55 16.19 23.16 -6.29
CA MET C 55 16.45 22.12 -5.25
C MET C 55 16.69 22.84 -3.91
N ILE C 56 17.25 24.07 -3.98
CA ILE C 56 17.57 24.84 -2.75
C ILE C 56 16.30 25.53 -2.23
N VAL C 57 15.55 26.25 -3.09
CA VAL C 57 14.40 27.11 -2.65
C VAL C 57 13.17 26.23 -2.43
N GLN C 58 13.16 24.99 -2.92
CA GLN C 58 12.06 24.07 -2.52
C GLN C 58 12.02 23.98 -0.99
N ARG C 59 13.17 24.06 -0.33
CA ARG C 59 13.31 23.92 1.14
C ARG C 59 12.87 25.20 1.87
N ILE C 60 12.34 26.18 1.16
CA ILE C 60 11.56 27.25 1.85
C ILE C 60 10.49 26.61 2.72
N CYS C 61 9.84 25.55 2.21
CA CYS C 61 8.69 24.95 2.93
C CYS C 61 8.47 23.47 2.54
N GLY C 62 8.22 22.64 3.54
CA GLY C 62 7.92 21.21 3.38
C GLY C 62 6.42 20.87 3.48
N VAL C 63 5.58 21.80 3.94
CA VAL C 63 4.12 21.62 3.96
C VAL C 63 3.66 21.91 2.52
N CYS C 64 4.00 23.08 1.97
CA CYS C 64 3.80 23.39 0.54
C CYS C 64 5.08 23.00 -0.20
N THR C 65 5.48 21.74 -0.02
CA THR C 65 6.48 21.11 -0.91
C THR C 65 5.92 21.13 -2.34
N THR C 66 6.80 21.02 -3.33
CA THR C 66 6.52 21.15 -4.80
C THR C 66 6.44 22.62 -5.21
N THR C 67 5.79 23.51 -4.45
CA THR C 67 5.34 24.84 -4.95
C THR C 67 6.56 25.72 -5.31
N HIS C 68 7.55 25.84 -4.42
CA HIS C 68 8.77 26.67 -4.65
C HIS C 68 9.64 26.04 -5.73
N ALA C 69 9.65 24.71 -5.82
CA ALA C 69 10.41 23.98 -6.85
C ALA C 69 9.86 24.36 -8.23
N ILE C 70 8.56 24.26 -8.40
CA ILE C 70 7.95 24.55 -9.73
C ILE C 70 8.09 26.06 -10.04
N SER C 71 7.79 26.95 -9.08
CA SER C 71 7.91 28.41 -9.27
C SER C 71 9.35 28.79 -9.66
N SER C 72 10.35 28.17 -9.05
CA SER C 72 11.79 28.41 -9.31
C SER C 72 12.15 28.04 -10.76
N VAL C 73 11.73 26.86 -11.23
CA VAL C 73 12.03 26.45 -12.63
C VAL C 73 11.25 27.35 -13.58
N ARG C 74 10.00 27.71 -13.27
CA ARG C 74 9.20 28.68 -14.06
C ARG C 74 9.92 30.04 -14.14
N ALA C 75 10.64 30.49 -13.09
CA ALA C 75 11.35 31.78 -13.07
C ALA C 75 12.56 31.75 -14.00
N ALA C 76 13.31 30.65 -13.96
CA ALA C 76 14.50 30.41 -14.81
C ALA C 76 14.05 30.30 -16.28
N GLU C 77 12.94 29.60 -16.52
CA GLU C 77 12.32 29.44 -17.85
C GLU C 77 11.90 30.79 -18.44
N SER C 78 11.22 31.62 -17.65
CA SER C 78 10.86 33.01 -18.03
C SER C 78 12.15 33.81 -18.37
N ALA C 79 13.21 33.71 -17.56
CA ALA C 79 14.44 34.47 -17.77
C ALA C 79 15.12 34.03 -19.07
N LEU C 80 14.99 32.76 -19.48
CA LEU C 80 15.68 32.21 -20.68
C LEU C 80 14.73 31.97 -21.85
N ASN C 81 13.47 32.41 -21.79
CA ASN C 81 12.46 32.24 -22.87
C ASN C 81 12.32 30.78 -23.27
N ILE C 82 12.26 29.87 -22.30
CA ILE C 82 12.06 28.41 -22.53
C ILE C 82 10.56 28.14 -22.61
N ASP C 83 10.14 27.50 -23.70
CA ASP C 83 8.79 26.92 -23.81
C ASP C 83 8.86 25.50 -23.24
N VAL C 84 8.09 25.22 -22.17
CA VAL C 84 8.19 23.92 -21.46
C VAL C 84 7.47 22.89 -22.31
N PRO C 85 8.07 21.70 -22.57
CA PRO C 85 7.37 20.63 -23.27
C PRO C 85 6.03 20.33 -22.58
N VAL C 86 4.97 20.13 -23.36
CA VAL C 86 3.63 19.94 -22.80
C VAL C 86 3.59 18.72 -21.83
N ASN C 87 4.32 17.63 -22.09
CA ASN C 87 4.29 16.41 -21.22
C ASN C 87 4.85 16.80 -19.82
N ALA C 88 5.83 17.69 -19.79
CA ALA C 88 6.40 18.24 -18.54
C ALA C 88 5.32 19.07 -17.82
N GLN C 89 4.44 19.74 -18.57
CA GLN C 89 3.34 20.53 -17.98
C GLN C 89 2.32 19.56 -17.37
N TYR C 90 1.99 18.48 -18.08
CA TYR C 90 1.03 17.47 -17.56
C TYR C 90 1.56 16.95 -16.22
N ILE C 91 2.83 16.64 -16.14
CA ILE C 91 3.43 15.99 -14.92
C ILE C 91 3.52 17.02 -13.78
N ARG C 92 3.98 18.23 -14.05
CA ARG C 92 4.01 19.33 -13.06
C ARG C 92 2.61 19.56 -12.52
N ASN C 93 1.62 19.54 -13.41
CA ASN C 93 0.23 19.86 -13.01
C ASN C 93 -0.33 18.73 -12.14
N ILE C 94 -0.07 17.48 -12.48
CA ILE C 94 -0.56 16.32 -11.66
C ILE C 94 0.09 16.45 -10.28
N ILE C 95 1.37 16.73 -10.20
CA ILE C 95 2.08 16.85 -8.87
C ILE C 95 1.44 17.98 -8.06
N LEU C 96 1.23 19.15 -8.67
CA LEU C 96 0.69 20.32 -7.95
C LEU C 96 -0.73 20.05 -7.48
N ALA C 97 -1.59 19.49 -8.31
CA ALA C 97 -2.98 19.18 -7.94
C ALA C 97 -3.02 18.11 -6.82
N ALA C 98 -2.21 17.06 -6.88
CA ALA C 98 -2.25 15.95 -5.90
C ALA C 98 -1.66 16.48 -4.59
N HIS C 99 -0.56 17.22 -4.65
CA HIS C 99 0.04 17.88 -3.46
C HIS C 99 -1.01 18.77 -2.78
N THR C 100 -1.71 19.59 -3.55
CA THR C 100 -2.68 20.58 -3.05
C THR C 100 -3.86 19.85 -2.39
N THR C 101 -4.30 18.72 -2.97
CA THR C 101 -5.31 17.85 -2.34
C THR C 101 -4.85 17.44 -0.93
N HIS C 102 -3.67 16.88 -0.81
CA HIS C 102 -3.08 16.50 0.50
C HIS C 102 -3.10 17.73 1.41
N ASP C 103 -2.61 18.87 0.91
CA ASP C 103 -2.40 20.09 1.72
C ASP C 103 -3.72 20.57 2.33
N HIS C 104 -4.72 20.81 1.49
CA HIS C 104 -6.06 21.25 1.90
C HIS C 104 -6.71 20.25 2.87
N ILE C 105 -6.62 18.93 2.64
CA ILE C 105 -7.27 17.96 3.55
C ILE C 105 -6.63 18.08 4.94
N VAL C 106 -5.32 18.14 4.96
CA VAL C 106 -4.56 18.20 6.24
C VAL C 106 -4.88 19.54 6.91
N HIS C 107 -5.05 20.62 6.16
CA HIS C 107 -5.37 21.95 6.72
C HIS C 107 -6.72 21.88 7.42
N PHE C 108 -7.75 21.44 6.73
CA PHE C 108 -9.09 21.41 7.34
C PHE C 108 -9.10 20.53 8.60
N TYR C 109 -8.53 19.32 8.54
CA TYR C 109 -8.67 18.33 9.63
C TYR C 109 -7.53 18.50 10.66
N GLN C 110 -6.29 18.21 10.29
CA GLN C 110 -5.19 18.18 11.29
C GLN C 110 -4.87 19.58 11.81
N LEU C 111 -4.92 20.61 10.98
CA LEU C 111 -4.50 21.96 11.42
C LEU C 111 -5.72 22.70 11.98
N SER C 112 -6.94 22.56 11.44
CA SER C 112 -8.01 23.53 11.76
C SER C 112 -9.12 22.96 12.64
N ALA C 113 -9.50 21.71 12.46
CA ALA C 113 -10.74 21.17 13.06
C ALA C 113 -10.77 21.40 14.58
N LEU C 114 -9.67 21.29 15.30
CA LEU C 114 -9.73 21.33 16.78
C LEU C 114 -9.92 22.77 17.30
N ASP C 115 -10.06 23.75 16.41
CA ASP C 115 -10.55 25.11 16.73
C ASP C 115 -12.07 25.06 16.93
N TRP C 116 -12.76 24.13 16.27
CA TRP C 116 -14.23 24.12 16.11
C TRP C 116 -14.85 22.93 16.83
N VAL C 117 -14.03 21.95 17.15
CA VAL C 117 -14.43 20.57 17.54
C VAL C 117 -13.86 20.36 18.93
N ASP C 118 -14.71 19.86 19.80
CA ASP C 118 -14.33 19.60 21.21
C ASP C 118 -14.26 18.09 21.43
N ILE C 119 -13.07 17.55 21.70
CA ILE C 119 -12.90 16.06 21.79
C ILE C 119 -13.53 15.53 23.08
N THR C 120 -13.66 16.34 24.14
CA THR C 120 -14.32 15.94 25.42
C THR C 120 -15.82 15.81 25.20
N SER C 121 -16.40 16.64 24.32
CA SER C 121 -17.82 16.56 23.95
C SER C 121 -18.07 15.32 23.09
N ALA C 122 -17.10 14.92 22.26
CA ALA C 122 -17.28 13.73 21.38
C ALA C 122 -17.46 12.47 22.24
N LEU C 123 -16.77 12.36 23.39
CA LEU C 123 -16.90 11.21 24.32
C LEU C 123 -18.34 11.06 24.82
N LYS C 124 -19.11 12.14 24.88
CA LYS C 124 -20.49 12.16 25.44
C LYS C 124 -21.52 11.83 24.36
N ALA C 125 -21.10 11.62 23.10
CA ALA C 125 -22.02 11.49 21.94
C ALA C 125 -22.67 10.10 21.93
N ASP C 126 -23.82 9.97 21.27
CA ASP C 126 -24.49 8.68 20.92
C ASP C 126 -24.09 8.34 19.48
N PRO C 127 -23.27 7.30 19.25
CA PRO C 127 -22.82 6.96 17.90
C PRO C 127 -23.97 6.75 16.91
N ALA C 128 -25.07 6.11 17.33
CA ALA C 128 -26.26 5.87 16.47
C ALA C 128 -26.88 7.21 16.02
N LYS C 129 -27.03 8.16 16.93
CA LYS C 129 -27.61 9.50 16.62
C LYS C 129 -26.68 10.24 15.66
N ALA C 130 -25.36 10.15 15.88
CA ALA C 130 -24.33 10.76 14.99
C ALA C 130 -24.50 10.23 13.57
N SER C 131 -24.62 8.91 13.43
CA SER C 131 -24.78 8.26 12.11
C SER C 131 -26.10 8.71 11.46
N ALA C 132 -27.18 8.71 12.25
CA ALA C 132 -28.55 9.08 11.81
C ALA C 132 -28.56 10.48 11.21
N MET C 133 -27.84 11.43 11.80
CA MET C 133 -27.75 12.84 11.33
C MET C 133 -27.27 12.94 9.88
N LEU C 134 -26.44 12.03 9.37
CA LEU C 134 -25.81 12.17 8.01
C LEU C 134 -26.62 11.43 6.96
N ASN C 135 -27.71 10.77 7.36
CA ASN C 135 -28.65 10.09 6.43
C ASN C 135 -29.20 11.13 5.45
N GLY C 136 -29.04 10.89 4.15
CA GLY C 136 -29.52 11.81 3.10
C GLY C 136 -28.63 13.04 2.97
N VAL C 137 -27.63 13.22 3.85
CA VAL C 137 -26.67 14.37 3.79
C VAL C 137 -25.42 13.95 3.01
N SER C 138 -24.86 12.78 3.29
CA SER C 138 -23.67 12.23 2.59
C SER C 138 -23.90 10.77 2.21
N THR C 139 -23.37 10.32 1.07
CA THR C 139 -23.34 8.90 0.66
C THR C 139 -22.04 8.21 1.10
N TRP C 140 -21.18 8.87 1.88
CA TRP C 140 -19.92 8.24 2.41
C TRP C 140 -20.23 6.90 3.07
N HIS C 141 -19.38 5.91 2.81
CA HIS C 141 -19.55 4.50 3.27
C HIS C 141 -19.00 4.27 4.68
N LEU C 142 -18.29 5.23 5.29
CA LEU C 142 -17.68 5.06 6.65
C LEU C 142 -18.29 6.06 7.65
N ASN C 143 -19.62 6.18 7.63
CA ASN C 143 -20.36 6.99 8.63
C ASN C 143 -21.26 6.11 9.49
N SER C 144 -20.99 4.81 9.61
CA SER C 144 -21.82 3.89 10.42
C SER C 144 -21.67 4.22 11.89
N ALA C 145 -22.70 3.88 12.71
CA ALA C 145 -22.62 3.87 14.18
C ALA C 145 -21.43 3.04 14.65
N GLU C 146 -21.17 1.94 13.97
CA GLU C 146 -20.06 1.03 14.31
C GLU C 146 -18.72 1.75 14.09
N GLU C 147 -18.55 2.43 12.96
CA GLU C 147 -17.31 3.26 12.75
C GLU C 147 -17.19 4.30 13.87
N PHE C 148 -18.28 5.03 14.16
CA PHE C 148 -18.19 6.14 15.15
C PHE C 148 -17.93 5.57 16.53
N THR C 149 -18.42 4.36 16.82
CA THR C 149 -18.15 3.68 18.12
C THR C 149 -16.66 3.35 18.22
N LYS C 150 -16.07 2.81 17.16
CA LYS C 150 -14.63 2.44 17.16
C LYS C 150 -13.83 3.73 17.41
N VAL C 151 -14.23 4.83 16.78
CA VAL C 151 -13.52 6.15 16.94
C VAL C 151 -13.71 6.62 18.39
N GLN C 152 -14.96 6.60 18.88
CA GLN C 152 -15.23 7.12 20.24
C GLN C 152 -14.40 6.33 21.27
N ASN C 153 -14.28 5.01 21.09
CA ASN C 153 -13.46 4.14 21.95
C ASN C 153 -11.98 4.51 21.88
N LYS C 154 -11.43 4.86 20.71
CA LYS C 154 -10.01 5.31 20.65
C LYS C 154 -9.86 6.58 21.47
N ILE C 155 -10.81 7.52 21.43
CA ILE C 155 -10.65 8.78 22.20
C ILE C 155 -10.75 8.45 23.70
N LYS C 156 -11.75 7.64 24.09
CA LYS C 156 -11.96 7.17 25.49
C LYS C 156 -10.67 6.59 26.05
N ASP C 157 -10.05 5.67 25.30
CA ASP C 157 -8.76 5.04 25.69
C ASP C 157 -7.67 6.10 25.81
N LEU C 158 -7.63 7.08 24.92
CA LEU C 158 -6.58 8.13 25.02
C LEU C 158 -6.77 8.91 26.34
N VAL C 159 -7.98 9.39 26.60
CA VAL C 159 -8.28 10.25 27.79
C VAL C 159 -8.02 9.40 29.05
N ALA C 160 -8.44 8.14 29.05
CA ALA C 160 -8.32 7.25 30.22
C ALA C 160 -6.85 7.02 30.56
N SER C 161 -5.95 7.05 29.57
CA SER C 161 -4.51 6.77 29.76
C SER C 161 -3.91 7.89 30.62
N GLY C 162 -4.54 9.06 30.67
CA GLY C 162 -3.99 10.27 31.30
C GLY C 162 -2.91 10.92 30.45
N GLN C 163 -2.68 10.46 29.22
CA GLN C 163 -1.63 11.00 28.33
C GLN C 163 -2.32 11.51 27.07
N LEU C 164 -2.82 12.74 27.09
CA LEU C 164 -3.68 13.22 25.98
C LEU C 164 -2.80 13.69 24.80
N GLY C 165 -1.53 13.91 25.07
CA GLY C 165 -0.49 14.27 24.09
C GLY C 165 -0.89 15.51 23.31
N ILE C 166 -1.09 15.35 22.01
CA ILE C 166 -1.39 16.50 21.11
C ILE C 166 -2.77 17.07 21.48
N PHE C 167 -3.62 16.32 22.18
CA PHE C 167 -5.00 16.77 22.55
C PHE C 167 -5.01 17.42 23.94
N ALA C 168 -3.91 17.43 24.68
CA ALA C 168 -3.79 17.98 26.05
C ALA C 168 -4.07 19.49 26.06
N ASN C 169 -5.04 19.91 26.90
CA ASN C 169 -5.15 21.32 27.33
C ASN C 169 -5.63 22.15 26.12
N GLY C 170 -6.40 21.54 25.22
CA GLY C 170 -7.10 22.23 24.12
C GLY C 170 -8.23 23.05 24.71
N CYS C 171 -9.06 23.68 23.88
CA CYS C 171 -10.11 24.62 24.35
C CYS C 171 -11.37 23.80 24.70
N TRP C 172 -11.20 22.71 25.43
CA TRP C 172 -12.31 21.79 25.75
C TRP C 172 -13.25 22.52 26.73
N GLY C 173 -14.54 22.57 26.45
CA GLY C 173 -15.57 23.23 27.31
C GLY C 173 -15.55 24.74 27.16
N HIS C 174 -14.77 25.27 26.22
CA HIS C 174 -14.68 26.72 25.96
C HIS C 174 -16.02 27.18 25.42
N PRO C 175 -16.50 28.38 25.80
CA PRO C 175 -17.83 28.83 25.37
C PRO C 175 -18.07 28.97 23.86
N ALA C 176 -17.02 29.18 23.08
CA ALA C 176 -17.09 29.36 21.61
C ALA C 176 -17.21 28.00 20.87
N MET C 177 -17.00 26.89 21.56
CA MET C 177 -17.27 25.51 21.04
C MET C 177 -18.77 25.27 20.99
N GLN C 178 -19.33 25.16 19.79
CA GLN C 178 -20.81 25.17 19.57
C GLN C 178 -21.33 23.89 18.95
N LEU C 179 -20.47 22.92 18.59
CA LEU C 179 -21.00 21.65 18.05
C LEU C 179 -21.65 20.83 19.16
N PRO C 180 -22.74 20.15 18.87
CA PRO C 180 -23.26 19.14 19.77
C PRO C 180 -22.31 17.95 19.79
N PRO C 181 -22.37 17.13 20.86
CA PRO C 181 -21.54 15.93 21.00
C PRO C 181 -21.48 15.04 19.75
N GLU C 182 -22.62 14.80 19.11
CA GLU C 182 -22.70 13.91 17.91
C GLU C 182 -21.82 14.49 16.80
N VAL C 183 -21.86 15.80 16.55
CA VAL C 183 -21.15 16.40 15.39
C VAL C 183 -19.64 16.42 15.70
N ASN C 184 -19.30 16.59 16.97
CA ASN C 184 -17.90 16.51 17.42
C ASN C 184 -17.36 15.13 17.07
N LEU C 185 -18.12 14.06 17.34
CA LEU C 185 -17.65 12.66 17.12
C LEU C 185 -17.49 12.43 15.62
N ILE C 186 -18.46 12.91 14.84
CA ILE C 186 -18.39 12.88 13.35
C ILE C 186 -17.08 13.48 12.88
N ALA C 187 -16.80 14.72 13.29
CA ALA C 187 -15.58 15.47 12.92
C ALA C 187 -14.33 14.70 13.31
N VAL C 188 -14.30 14.06 14.49
CA VAL C 188 -13.10 13.26 14.90
C VAL C 188 -12.98 12.01 14.02
N ALA C 189 -14.08 11.33 13.69
CA ALA C 189 -14.05 10.15 12.81
C ALA C 189 -13.41 10.59 11.48
N HIS C 190 -13.83 11.73 10.94
CA HIS C 190 -13.39 12.28 9.63
C HIS C 190 -11.94 12.72 9.73
N TYR C 191 -11.52 13.23 10.89
CA TYR C 191 -10.11 13.59 11.16
C TYR C 191 -9.22 12.38 10.88
N LEU C 192 -9.56 11.23 11.43
CA LEU C 192 -8.75 9.98 11.28
C LEU C 192 -8.87 9.46 9.84
N GLN C 193 -10.06 9.48 9.26
CA GLN C 193 -10.25 9.04 7.84
C GLN C 193 -9.50 9.94 6.85
N ALA C 194 -9.42 11.24 7.12
CA ALA C 194 -8.67 12.22 6.28
C ALA C 194 -7.22 11.77 6.12
N LEU C 195 -6.62 11.18 7.16
CA LEU C 195 -5.19 10.84 7.10
C LEU C 195 -4.96 9.77 6.03
N GLU C 196 -5.93 8.90 5.75
CA GLU C 196 -5.84 7.84 4.71
C GLU C 196 -5.94 8.53 3.33
N CYS C 197 -6.87 9.44 3.18
CA CYS C 197 -7.06 10.18 1.91
C CYS C 197 -5.80 10.98 1.58
N GLN C 198 -5.21 11.70 2.53
CA GLN C 198 -4.03 12.55 2.24
C GLN C 198 -2.83 11.66 1.91
N ARG C 199 -2.73 10.44 2.47
CA ARG C 199 -1.64 9.48 2.10
C ARG C 199 -1.77 9.08 0.61
N ASP C 200 -2.98 8.77 0.12
CA ASP C 200 -3.23 8.43 -1.30
C ASP C 200 -2.82 9.58 -2.22
N ALA C 201 -3.14 10.83 -1.85
CA ALA C 201 -2.77 12.02 -2.63
C ALA C 201 -1.24 12.06 -2.75
N ASN C 202 -0.52 11.83 -1.65
CA ASN C 202 0.96 11.91 -1.69
C ASN C 202 1.59 10.73 -2.41
N ARG C 203 0.88 9.60 -2.58
CA ARG C 203 1.39 8.47 -3.40
C ARG C 203 1.44 8.92 -4.89
N VAL C 204 0.49 9.74 -5.31
CA VAL C 204 0.48 10.30 -6.71
C VAL C 204 1.72 11.17 -6.84
N VAL C 205 1.93 12.08 -5.89
CA VAL C 205 3.11 12.98 -5.92
C VAL C 205 4.38 12.14 -5.97
N ALA C 206 4.50 11.13 -5.12
CA ALA C 206 5.76 10.35 -4.96
C ALA C 206 6.07 9.63 -6.28
N LEU C 207 5.06 9.11 -6.96
CA LEU C 207 5.32 8.24 -8.14
C LEU C 207 5.87 9.11 -9.29
N LEU C 208 5.54 10.40 -9.33
CA LEU C 208 6.11 11.33 -10.35
C LEU C 208 7.28 12.13 -9.78
N GLY C 209 7.28 12.48 -8.50
CA GLY C 209 8.34 13.32 -7.90
C GLY C 209 9.60 12.56 -7.50
N GLY C 210 9.49 11.26 -7.23
CA GLY C 210 10.58 10.40 -6.74
C GLY C 210 10.63 10.32 -5.23
N LYS C 211 9.76 11.09 -4.58
CA LYS C 211 9.48 11.11 -3.13
C LYS C 211 8.65 12.35 -2.83
N THR C 212 8.14 12.43 -1.60
CA THR C 212 7.56 13.63 -0.98
C THR C 212 7.56 13.39 0.53
N PRO C 213 7.92 14.37 1.35
CA PRO C 213 8.22 15.74 0.91
C PRO C 213 9.45 15.90 0.02
N HIS C 214 9.44 17.01 -0.72
CA HIS C 214 10.53 17.56 -1.56
C HIS C 214 10.75 16.69 -2.79
N ILE C 215 9.98 16.98 -3.81
CA ILE C 215 10.09 16.23 -5.08
C ILE C 215 11.47 16.46 -5.68
N GLN C 216 11.85 15.55 -6.58
CA GLN C 216 13.20 15.58 -7.18
C GLN C 216 13.12 15.22 -8.68
N ASN C 217 12.10 15.65 -9.39
CA ASN C 217 11.90 15.27 -10.82
C ASN C 217 11.82 16.49 -11.77
N LEU C 218 12.15 17.69 -11.29
CA LEU C 218 12.03 18.90 -12.12
C LEU C 218 13.36 19.14 -12.84
N ALA C 219 13.32 20.12 -13.71
CA ALA C 219 14.50 20.70 -14.36
C ALA C 219 14.11 22.03 -14.99
N VAL C 220 15.03 22.99 -14.99
CA VAL C 220 14.84 24.16 -15.86
C VAL C 220 14.87 23.59 -17.28
N GLY C 221 13.75 23.64 -17.96
CA GLY C 221 13.59 23.02 -19.28
C GLY C 221 12.54 21.92 -19.33
N GLY C 222 12.02 21.44 -18.18
CA GLY C 222 10.90 20.47 -18.15
C GLY C 222 10.95 19.53 -16.93
N VAL C 223 11.01 18.21 -17.14
CA VAL C 223 11.09 17.21 -16.04
C VAL C 223 12.15 16.15 -16.33
N ALA C 224 12.50 15.39 -15.29
CA ALA C 224 13.52 14.33 -15.31
C ALA C 224 12.83 12.97 -15.48
N ASN C 225 11.48 12.90 -15.54
CA ASN C 225 10.77 11.63 -15.80
C ASN C 225 11.07 11.18 -17.23
N PRO C 226 11.57 9.95 -17.48
CA PRO C 226 11.77 9.45 -18.85
C PRO C 226 10.53 8.69 -19.30
N ILE C 227 9.79 9.25 -20.24
CA ILE C 227 8.56 8.59 -20.75
C ILE C 227 9.00 7.52 -21.74
N ASN C 228 8.63 6.26 -21.50
CA ASN C 228 8.88 5.16 -22.46
C ASN C 228 7.97 4.00 -22.06
N LEU C 229 6.84 3.84 -22.76
CA LEU C 229 5.81 2.79 -22.49
C LEU C 229 6.45 1.40 -22.47
N ASP C 230 7.58 1.21 -23.17
CA ASP C 230 8.20 -0.12 -23.36
C ASP C 230 9.50 -0.27 -22.58
N GLY C 231 9.84 0.70 -21.72
CA GLY C 231 11.13 0.74 -21.05
C GLY C 231 11.04 0.13 -19.66
N LEU C 232 12.03 -0.63 -19.23
CA LEU C 232 12.00 -1.11 -17.82
C LEU C 232 12.81 -0.13 -16.96
N GLY C 233 12.30 0.15 -15.75
CA GLY C 233 12.92 1.10 -14.80
C GLY C 233 12.64 2.57 -15.10
N VAL C 234 11.73 2.91 -16.01
CA VAL C 234 11.37 4.32 -16.35
C VAL C 234 9.85 4.49 -16.25
N LEU C 235 9.31 5.63 -16.69
CA LEU C 235 7.87 5.92 -16.63
C LEU C 235 7.19 5.21 -17.80
N ASN C 236 6.77 3.98 -17.56
CA ASN C 236 6.08 3.13 -18.56
C ASN C 236 4.59 3.04 -18.21
N LEU C 237 3.84 2.17 -18.90
CA LEU C 237 2.37 2.11 -18.75
C LEU C 237 2.03 1.51 -17.38
N GLU C 238 2.84 0.58 -16.87
CA GLU C 238 2.58 -0.02 -15.53
C GLU C 238 2.65 1.09 -14.46
N ARG C 239 3.68 1.95 -14.52
CA ARG C 239 3.86 3.08 -13.57
C ARG C 239 2.69 4.04 -13.70
N LEU C 240 2.24 4.33 -14.93
CA LEU C 240 1.12 5.26 -15.12
C LEU C 240 -0.18 4.67 -14.58
N MET C 241 -0.42 3.36 -14.76
CA MET C 241 -1.62 2.72 -14.17
C MET C 241 -1.51 2.82 -12.65
N TYR C 242 -0.31 2.74 -12.08
CA TYR C 242 -0.16 2.79 -10.59
C TYR C 242 -0.57 4.19 -10.09
N ILE C 243 -0.07 5.25 -10.74
CA ILE C 243 -0.47 6.65 -10.49
C ILE C 243 -1.99 6.78 -10.59
N LYS C 244 -2.58 6.27 -11.64
CA LYS C 244 -4.04 6.41 -11.82
C LYS C 244 -4.80 5.70 -10.69
N SER C 245 -4.32 4.54 -10.23
CA SER C 245 -4.99 3.81 -9.12
C SER C 245 -5.14 4.75 -7.88
N PHE C 246 -4.16 5.61 -7.60
CA PHE C 246 -4.14 6.52 -6.43
C PHE C 246 -5.00 7.76 -6.75
N ILE C 247 -4.88 8.33 -7.95
CA ILE C 247 -5.76 9.45 -8.36
C ILE C 247 -7.22 9.05 -8.10
N ASP C 248 -7.59 7.82 -8.44
CA ASP C 248 -9.00 7.36 -8.38
C ASP C 248 -9.45 7.21 -6.93
N LYS C 249 -8.56 7.15 -5.94
CA LYS C 249 -8.98 6.93 -4.53
C LYS C 249 -9.34 8.26 -3.83
N LEU C 250 -9.13 9.43 -4.44
CA LEU C 250 -9.23 10.74 -3.71
C LEU C 250 -10.65 11.27 -3.71
N SER C 251 -11.38 11.13 -4.82
CA SER C 251 -12.61 11.89 -5.10
C SER C 251 -13.69 11.63 -4.04
N ASP C 252 -13.90 10.37 -3.63
CA ASP C 252 -15.02 10.04 -2.71
C ASP C 252 -14.87 10.79 -1.38
N PHE C 253 -13.71 10.75 -0.75
CA PHE C 253 -13.51 11.45 0.53
C PHE C 253 -13.71 12.95 0.32
N VAL C 254 -13.11 13.52 -0.71
CA VAL C 254 -13.16 14.99 -0.94
C VAL C 254 -14.64 15.40 -1.10
N GLU C 255 -15.39 14.66 -1.89
CA GLU C 255 -16.80 15.06 -2.21
C GLU C 255 -17.77 14.66 -1.10
N GLN C 256 -17.62 13.50 -0.46
CA GLN C 256 -18.67 12.98 0.46
C GLN C 256 -18.31 13.27 1.93
N VAL C 257 -17.09 13.69 2.22
CA VAL C 257 -16.67 13.96 3.62
C VAL C 257 -16.22 15.41 3.76
N TYR C 258 -15.13 15.81 3.13
CA TYR C 258 -14.55 17.16 3.27
C TYR C 258 -15.58 18.21 2.86
N LYS C 259 -16.20 18.03 1.70
CA LYS C 259 -17.14 19.04 1.19
C LYS C 259 -18.30 19.13 2.17
N VAL C 260 -18.79 18.00 2.64
CA VAL C 260 -19.97 17.96 3.54
C VAL C 260 -19.60 18.58 4.90
N ASP C 261 -18.44 18.23 5.46
CA ASP C 261 -18.04 18.77 6.78
C ASP C 261 -17.91 20.30 6.72
N THR C 262 -17.44 20.87 5.62
CA THR C 262 -17.30 22.34 5.44
C THR C 262 -18.68 22.99 5.70
N ALA C 263 -19.74 22.45 5.09
CA ALA C 263 -21.13 22.93 5.26
C ALA C 263 -21.63 22.69 6.69
N VAL C 264 -21.32 21.53 7.29
CA VAL C 264 -21.76 21.21 8.67
C VAL C 264 -21.14 22.21 9.64
N ILE C 265 -19.84 22.48 9.51
CA ILE C 265 -19.16 23.44 10.43
C ILE C 265 -19.83 24.80 10.25
N ALA C 266 -20.09 25.21 9.01
CA ALA C 266 -20.75 26.51 8.72
C ALA C 266 -22.12 26.57 9.42
N ALA C 267 -22.87 25.47 9.39
CA ALA C 267 -24.25 25.37 9.92
C ALA C 267 -24.30 25.67 11.41
N PHE C 268 -23.28 25.28 12.15
CA PHE C 268 -23.22 25.49 13.62
C PHE C 268 -22.49 26.77 14.00
N TYR C 269 -21.86 27.48 13.06
CA TYR C 269 -21.04 28.68 13.37
C TYR C 269 -21.40 29.82 12.42
N PRO C 270 -22.70 30.19 12.33
CA PRO C 270 -23.16 31.13 11.30
C PRO C 270 -22.60 32.55 11.46
N GLU C 271 -22.23 33.00 12.66
CA GLU C 271 -21.65 34.35 12.86
C GLU C 271 -20.23 34.42 12.28
N TRP C 272 -19.60 33.28 11.97
CA TRP C 272 -18.26 33.27 11.34
C TRP C 272 -18.35 33.46 9.82
N LEU C 273 -19.56 33.64 9.29
CA LEU C 273 -19.79 34.14 7.91
C LEU C 273 -19.87 35.68 7.91
N GLU C 274 -19.76 36.31 9.08
CA GLU C 274 -19.94 37.77 9.22
C GLU C 274 -18.74 38.44 9.90
N ARG C 275 -17.61 37.76 10.08
CA ARG C 275 -16.39 38.37 10.67
C ARG C 275 -15.19 37.73 9.99
N GLY C 276 -14.03 38.38 10.09
CA GLY C 276 -12.75 37.84 9.64
C GLY C 276 -12.44 38.22 8.23
N GLN C 277 -13.09 39.27 7.71
CA GLN C 277 -12.68 39.88 6.42
C GLN C 277 -11.26 40.41 6.55
N GLY C 278 -10.37 40.06 5.61
CA GLY C 278 -8.95 40.47 5.65
C GLY C 278 -8.61 41.61 4.70
N ALA C 279 -9.42 41.81 3.66
CA ALA C 279 -9.08 42.79 2.61
C ALA C 279 -10.29 43.02 1.70
N VAL C 280 -10.20 44.03 0.84
CA VAL C 280 -11.24 44.32 -0.19
C VAL C 280 -10.64 44.09 -1.57
N ASN C 281 -9.34 43.79 -1.60
CA ASN C 281 -8.61 43.51 -2.86
C ASN C 281 -8.13 42.07 -2.77
N TYR C 282 -8.19 41.36 -3.88
CA TYR C 282 -7.81 39.93 -3.99
C TYR C 282 -7.08 39.70 -5.31
N LEU C 283 -6.04 38.87 -5.26
CA LEU C 283 -5.17 38.50 -6.41
C LEU C 283 -5.06 36.97 -6.46
N SER C 284 -5.08 36.41 -7.66
CA SER C 284 -4.70 35.01 -7.92
C SER C 284 -4.08 34.94 -9.31
N ALA C 285 -3.17 34.00 -9.49
CA ALA C 285 -2.51 33.71 -10.77
C ALA C 285 -3.29 32.57 -11.39
N PRO C 286 -3.34 32.55 -12.74
CA PRO C 286 -3.98 31.44 -13.44
C PRO C 286 -3.05 30.22 -13.25
N GLU C 287 -3.58 29.02 -13.34
CA GLU C 287 -2.75 27.82 -13.00
C GLU C 287 -3.12 26.63 -13.87
N PHE C 288 -2.12 25.76 -14.07
CA PHE C 288 -2.20 24.49 -14.81
C PHE C 288 -2.17 24.81 -16.30
N PRO C 289 -1.01 25.20 -16.85
CA PRO C 289 -0.87 25.44 -18.29
C PRO C 289 -0.97 24.10 -19.02
N THR C 290 -1.60 24.11 -20.21
CA THR C 290 -1.86 22.86 -20.99
C THR C 290 -1.34 22.94 -22.42
N ASP C 291 -0.58 23.97 -22.81
CA ASP C 291 0.01 24.05 -24.18
C ASP C 291 1.52 23.94 -24.08
N GLY C 292 2.21 24.11 -25.21
CA GLY C 292 3.68 24.04 -25.24
C GLY C 292 4.31 25.42 -25.21
N LYS C 293 3.53 26.44 -24.82
CA LYS C 293 3.91 27.89 -24.76
C LYS C 293 3.67 28.48 -23.36
N ASN C 294 3.70 27.63 -22.32
CA ASN C 294 3.60 28.05 -20.91
C ASN C 294 2.26 28.74 -20.63
N GLY C 295 1.20 28.40 -21.35
CA GLY C 295 -0.13 29.04 -21.26
C GLY C 295 -1.25 28.05 -21.44
N SER C 296 -2.45 28.55 -21.74
CA SER C 296 -3.76 27.86 -21.81
C SER C 296 -4.05 27.18 -20.45
N PHE C 297 -4.28 28.01 -19.43
CA PHE C 297 -4.44 27.55 -18.02
C PHE C 297 -5.80 26.91 -17.83
N LEU C 298 -5.89 25.81 -17.05
CA LEU C 298 -7.22 25.24 -16.75
C LEU C 298 -7.95 26.19 -15.80
N PHE C 299 -7.22 26.83 -14.87
CA PHE C 299 -7.82 27.70 -13.85
C PHE C 299 -7.50 29.15 -14.18
N PRO C 300 -8.48 30.06 -14.25
CA PRO C 300 -8.21 31.46 -14.47
C PRO C 300 -7.72 32.15 -13.18
N GLY C 301 -7.07 33.29 -13.35
CA GLY C 301 -6.61 34.18 -12.27
C GLY C 301 -7.13 35.58 -12.50
N GLY C 302 -6.76 36.52 -11.64
CA GLY C 302 -7.10 37.94 -11.82
C GLY C 302 -7.02 38.73 -10.54
N TYR C 303 -7.54 39.96 -10.62
CA TYR C 303 -7.50 40.98 -9.56
C TYR C 303 -8.91 41.50 -9.35
N ILE C 304 -9.35 41.50 -8.09
CA ILE C 304 -10.67 42.07 -7.66
C ILE C 304 -10.40 43.20 -6.67
N THR C 305 -11.12 44.33 -6.81
CA THR C 305 -10.98 45.51 -5.91
C THR C 305 -12.33 45.83 -5.26
N ASP C 306 -12.28 46.62 -4.19
CA ASP C 306 -13.46 47.17 -3.46
C ASP C 306 -14.42 46.02 -3.09
N ALA C 307 -13.90 44.80 -2.81
CA ALA C 307 -14.66 43.55 -2.51
C ALA C 307 -15.81 43.35 -3.53
N ASP C 308 -15.64 43.83 -4.75
CA ASP C 308 -16.70 44.00 -5.78
C ASP C 308 -16.33 43.20 -7.04
N LEU C 309 -16.98 42.06 -7.24
CA LEU C 309 -16.64 41.10 -8.33
C LEU C 309 -16.88 41.73 -9.73
N SER C 310 -17.59 42.87 -9.83
CA SER C 310 -17.76 43.63 -11.11
C SER C 310 -16.40 44.20 -11.56
N THR C 311 -15.48 44.47 -10.62
CA THR C 311 -14.15 45.08 -10.93
C THR C 311 -13.18 44.03 -11.46
N TYR C 312 -13.59 42.78 -11.58
CA TYR C 312 -12.67 41.68 -11.93
C TYR C 312 -11.85 42.09 -13.16
N ARG C 313 -10.54 42.06 -13.01
CA ARG C 313 -9.56 42.18 -14.12
C ARG C 313 -8.89 40.83 -14.31
N PRO C 314 -9.22 40.11 -15.40
CA PRO C 314 -8.65 38.78 -15.63
C PRO C 314 -7.13 38.85 -15.87
N ILE C 315 -6.43 37.80 -15.46
CA ILE C 315 -4.99 37.53 -15.76
C ILE C 315 -4.92 36.12 -16.34
N THR C 316 -4.49 35.97 -17.60
CA THR C 316 -4.52 34.69 -18.34
C THR C 316 -3.12 34.35 -18.81
N SER C 317 -2.12 35.13 -18.43
CA SER C 317 -0.72 34.88 -18.81
C SER C 317 0.18 35.08 -17.57
N HIS C 318 1.17 34.22 -17.40
CA HIS C 318 2.24 34.44 -16.39
C HIS C 318 3.22 35.50 -16.89
N SER C 319 3.01 36.01 -18.10
CA SER C 319 3.85 37.10 -18.66
C SER C 319 3.11 38.45 -18.67
N ASP C 320 1.91 38.53 -18.09
CA ASP C 320 1.11 39.79 -18.06
C ASP C 320 1.88 40.90 -17.33
N GLU C 321 2.25 41.97 -18.06
CA GLU C 321 3.05 43.11 -17.53
C GLU C 321 2.23 43.84 -16.45
N TYR C 322 0.91 43.83 -16.56
CA TYR C 322 0.02 44.43 -15.55
C TYR C 322 0.24 43.77 -14.18
N LEU C 323 0.34 42.44 -14.14
CA LEU C 323 0.62 41.73 -12.87
C LEU C 323 2.07 42.01 -12.44
N ILE C 324 3.02 41.88 -13.36
CA ILE C 324 4.48 41.98 -13.10
C ILE C 324 4.79 43.36 -12.52
N LYS C 325 4.21 44.43 -13.05
CA LYS C 325 4.64 45.82 -12.69
C LYS C 325 3.96 46.30 -11.40
N GLY C 326 2.88 45.68 -10.89
CA GLY C 326 2.16 46.16 -9.69
C GLY C 326 2.85 45.73 -8.39
N ILE C 327 3.66 44.68 -8.45
CA ILE C 327 4.14 43.98 -7.22
C ILE C 327 5.35 44.71 -6.62
N GLN C 328 5.23 45.11 -5.36
CA GLN C 328 6.36 45.64 -4.58
C GLN C 328 6.27 45.09 -3.15
N GLU C 329 7.38 45.16 -2.41
CA GLU C 329 7.40 44.84 -0.98
C GLU C 329 8.06 45.95 -0.18
N SER C 330 7.62 46.17 1.05
CA SER C 330 8.21 47.18 1.92
C SER C 330 8.63 46.57 3.27
N ALA C 331 9.79 46.98 3.78
CA ALA C 331 10.29 46.58 5.11
C ALA C 331 10.22 47.75 6.09
N LYS C 332 9.30 48.70 5.89
CA LYS C 332 9.11 49.84 6.82
C LYS C 332 8.84 49.33 8.24
N HIS C 333 8.04 48.26 8.40
CA HIS C 333 7.70 47.65 9.71
C HIS C 333 8.26 46.24 9.83
N ALA C 334 9.30 45.91 9.06
CA ALA C 334 9.93 44.58 9.12
C ALA C 334 11.42 44.76 9.42
N TRP C 335 12.11 43.68 9.80
CA TRP C 335 13.50 43.68 10.32
C TRP C 335 14.50 43.59 9.17
N TYR C 336 14.36 44.49 8.18
CA TYR C 336 15.34 44.67 7.10
C TYR C 336 15.70 46.15 6.96
N LYS C 337 16.86 46.42 6.39
CA LYS C 337 17.47 47.77 6.29
C LYS C 337 16.67 48.65 5.30
N ASP C 338 16.37 48.17 4.11
CA ASP C 338 15.78 49.05 3.07
C ASP C 338 14.26 49.04 3.23
N GLU C 339 13.67 50.20 3.49
CA GLU C 339 12.25 50.32 3.94
C GLU C 339 11.29 50.78 2.83
N ALA C 340 11.77 51.43 1.78
CA ALA C 340 10.90 51.93 0.69
C ALA C 340 10.40 50.74 -0.13
N PRO C 341 9.19 50.78 -0.73
CA PRO C 341 8.71 49.67 -1.57
C PRO C 341 9.75 49.30 -2.65
N GLN C 342 10.00 48.01 -2.84
CA GLN C 342 10.96 47.50 -3.84
C GLN C 342 10.22 46.54 -4.78
N ALA C 343 10.38 46.73 -6.10
CA ALA C 343 10.08 45.69 -7.10
C ALA C 343 11.05 44.54 -6.86
N PRO C 344 10.57 43.27 -6.86
CA PRO C 344 11.44 42.14 -6.52
C PRO C 344 12.70 41.89 -7.35
N TRP C 345 12.71 42.23 -8.64
CA TRP C 345 13.96 42.13 -9.43
C TRP C 345 15.02 43.06 -8.86
N GLU C 346 14.62 44.11 -8.14
CA GLU C 346 15.57 45.06 -7.49
C GLU C 346 15.51 44.90 -5.97
N GLY C 347 14.95 43.81 -5.44
CA GLY C 347 14.77 43.65 -3.99
C GLY C 347 16.06 43.35 -3.29
N THR C 348 16.10 43.66 -2.01
CA THR C 348 17.20 43.34 -1.08
C THR C 348 16.56 42.71 0.15
N THR C 349 17.40 42.02 0.89
CA THR C 349 17.00 41.28 2.10
C THR C 349 18.15 41.39 3.08
N VAL C 350 18.37 42.59 3.61
CA VAL C 350 19.49 42.87 4.55
C VAL C 350 18.91 42.89 5.96
N PRO C 351 19.26 41.91 6.82
CA PRO C 351 18.64 41.83 8.15
C PRO C 351 18.95 43.08 8.95
N ASP C 352 17.99 43.53 9.75
CA ASP C 352 18.11 44.69 10.66
C ASP C 352 17.20 44.42 11.87
N TYR C 353 17.55 43.44 12.69
CA TYR C 353 16.75 43.11 13.90
C TYR C 353 16.96 44.22 14.95
N THR C 354 15.86 44.81 15.42
CA THR C 354 15.81 45.92 16.41
C THR C 354 14.93 45.52 17.59
N GLY C 355 14.43 44.29 17.60
CA GLY C 355 13.43 43.83 18.58
C GLY C 355 12.06 44.35 18.26
N TRP C 356 11.11 44.05 19.12
CA TRP C 356 9.69 44.43 18.93
C TRP C 356 9.48 45.91 19.20
N SER C 357 8.73 46.58 18.33
CA SER C 357 8.18 47.94 18.56
C SER C 357 6.77 48.01 17.95
N ASP C 358 5.76 48.31 18.76
CA ASP C 358 4.34 48.44 18.33
C ASP C 358 4.26 49.36 17.11
N ASP C 359 5.06 50.44 17.10
CA ASP C 359 5.00 51.56 16.14
C ASP C 359 6.08 51.38 15.05
N GLY C 360 7.13 50.60 15.32
CA GLY C 360 8.29 50.40 14.41
C GLY C 360 8.26 49.04 13.74
N LYS C 361 9.37 48.30 13.83
CA LYS C 361 9.60 47.02 13.13
C LYS C 361 9.21 45.85 14.03
N TYR C 362 8.46 44.86 13.53
CA TYR C 362 7.95 43.80 14.45
C TYR C 362 7.80 42.45 13.77
N SER C 363 8.43 42.24 12.62
CA SER C 363 8.27 40.96 11.89
C SER C 363 9.45 40.74 10.97
N TRP C 364 9.79 39.47 10.69
CA TRP C 364 10.65 39.06 9.55
C TRP C 364 9.85 38.99 8.22
N VAL C 365 8.56 39.23 8.26
CA VAL C 365 7.74 39.17 7.02
C VAL C 365 7.75 40.57 6.37
N LYS C 366 8.11 40.65 5.08
CA LYS C 366 7.97 41.92 4.33
C LYS C 366 6.48 42.20 4.08
N ALA C 367 6.13 43.43 3.70
CA ALA C 367 4.73 43.79 3.41
C ALA C 367 4.60 44.00 1.91
N PRO C 368 3.97 43.05 1.16
CA PRO C 368 3.73 43.24 -0.27
C PRO C 368 2.54 44.14 -0.53
N THR C 369 2.60 44.77 -1.71
CA THR C 369 1.50 45.59 -2.26
C THR C 369 1.38 45.33 -3.76
N PHE C 370 0.16 45.54 -4.24
CA PHE C 370 -0.19 45.54 -5.67
C PHE C 370 -0.65 46.94 -6.06
N TYR C 371 0.15 47.69 -6.81
CA TYR C 371 -0.11 49.13 -7.15
C TYR C 371 -0.48 49.89 -5.89
N GLY C 372 0.30 49.66 -4.83
CA GLY C 372 0.22 50.40 -3.57
C GLY C 372 -0.80 49.83 -2.59
N LYS C 373 -1.60 48.83 -3.00
CA LYS C 373 -2.76 48.35 -2.21
C LYS C 373 -2.44 47.03 -1.48
N THR C 374 -3.08 46.82 -0.35
N THR C 374 -3.02 46.82 -0.31
CA THR C 374 -2.99 45.54 0.41
CA THR C 374 -2.91 45.53 0.44
C THR C 374 -3.97 44.56 -0.20
C THR C 374 -3.94 44.57 -0.16
N VAL C 375 -3.53 43.33 -0.34
CA VAL C 375 -4.28 42.29 -1.10
C VAL C 375 -4.28 41.01 -0.28
N GLU C 376 -5.41 40.33 -0.24
CA GLU C 376 -5.47 38.94 0.24
C GLU C 376 -5.26 37.99 -0.95
N VAL C 377 -4.45 36.97 -0.73
CA VAL C 377 -4.23 35.85 -1.66
C VAL C 377 -4.75 34.56 -1.00
N GLY C 378 -4.92 33.53 -1.82
CA GLY C 378 -5.31 32.19 -1.34
C GLY C 378 -6.66 31.77 -1.89
N PRO C 379 -7.17 30.61 -1.39
CA PRO C 379 -8.37 29.99 -1.96
C PRO C 379 -9.60 30.91 -2.03
N LEU C 380 -9.78 31.84 -1.10
CA LEU C 380 -10.91 32.79 -1.20
C LEU C 380 -10.72 33.72 -2.42
N ALA C 381 -9.50 34.23 -2.60
CA ALA C 381 -9.07 35.06 -3.73
C ALA C 381 -9.26 34.26 -5.03
N ASN C 382 -8.85 32.99 -5.08
CA ASN C 382 -8.93 32.18 -6.32
C ASN C 382 -10.41 31.88 -6.53
N MET C 383 -11.16 31.64 -5.46
CA MET C 383 -12.61 31.36 -5.63
C MET C 383 -13.32 32.61 -6.18
N LEU C 384 -13.13 33.78 -5.57
CA LEU C 384 -13.79 35.04 -6.02
C LEU C 384 -13.42 35.35 -7.48
N CYS C 385 -12.17 35.16 -7.88
CA CYS C 385 -11.70 35.38 -9.28
C CYS C 385 -12.46 34.46 -10.24
N LYS C 386 -12.64 33.19 -9.87
CA LYS C 386 -13.28 32.17 -10.72
C LYS C 386 -14.77 32.47 -10.81
N LEU C 387 -15.39 32.89 -9.70
CA LEU C 387 -16.81 33.29 -9.71
C LEU C 387 -16.98 34.52 -10.58
N ALA C 388 -16.11 35.53 -10.46
CA ALA C 388 -16.19 36.78 -11.24
C ALA C 388 -16.00 36.43 -12.72
N ALA C 389 -15.20 35.39 -13.04
CA ALA C 389 -14.96 34.92 -14.40
C ALA C 389 -16.14 34.10 -14.92
N LYS C 390 -17.19 33.87 -14.11
CA LYS C 390 -18.40 33.07 -14.46
C LYS C 390 -17.94 31.66 -14.86
N ARG C 391 -16.93 31.11 -14.17
CA ARG C 391 -16.52 29.69 -14.33
C ARG C 391 -17.67 28.83 -13.80
N GLU C 392 -18.34 28.10 -14.68
CA GLU C 392 -19.53 27.29 -14.28
C GLU C 392 -19.14 26.29 -13.17
N SER C 393 -18.01 25.62 -13.32
CA SER C 393 -17.59 24.54 -12.40
C SER C 393 -17.48 25.11 -10.97
N THR C 394 -16.99 26.34 -10.80
CA THR C 394 -16.80 26.95 -9.45
C THR C 394 -18.16 27.34 -8.86
N HIS C 395 -19.03 27.99 -9.63
CA HIS C 395 -20.42 28.30 -9.22
C HIS C 395 -21.13 27.01 -8.76
N ALA C 396 -21.06 25.92 -9.56
CA ALA C 396 -21.76 24.64 -9.29
C ALA C 396 -21.21 24.07 -7.97
N LYS C 397 -19.90 24.11 -7.80
CA LYS C 397 -19.28 23.49 -6.58
C LYS C 397 -19.69 24.28 -5.35
N LEU C 398 -19.54 25.60 -5.40
CA LEU C 398 -19.97 26.45 -4.26
C LEU C 398 -21.45 26.17 -3.96
N ASN C 399 -22.31 26.05 -4.99
CA ASN C 399 -23.76 25.91 -4.77
C ASN C 399 -24.04 24.56 -4.08
N GLU C 400 -23.23 23.54 -4.33
CA GLU C 400 -23.38 22.21 -3.71
C GLU C 400 -23.16 22.36 -2.20
N ILE C 401 -22.10 23.06 -1.79
CA ILE C 401 -21.80 23.31 -0.36
C ILE C 401 -22.95 24.12 0.25
N VAL C 402 -23.38 25.17 -0.45
CA VAL C 402 -24.44 26.07 0.09
C VAL C 402 -25.73 25.23 0.21
N ALA C 403 -26.02 24.34 -0.74
CA ALA C 403 -27.27 23.54 -0.71
C ALA C 403 -27.26 22.66 0.55
N ILE C 404 -26.09 22.17 0.99
CA ILE C 404 -26.00 21.31 2.22
C ILE C 404 -26.29 22.19 3.43
N TYR C 405 -25.66 23.37 3.49
CA TYR C 405 -25.86 24.36 4.58
C TYR C 405 -27.36 24.71 4.70
N THR C 406 -28.01 25.01 3.57
CA THR C 406 -29.46 25.37 3.50
C THR C 406 -30.29 24.20 4.02
N LYS C 407 -30.02 22.98 3.53
CA LYS C 407 -30.64 21.74 4.06
C LYS C 407 -30.46 21.64 5.59
N LEU C 408 -29.36 22.08 6.19
CA LEU C 408 -29.14 21.96 7.67
C LEU C 408 -29.69 23.14 8.47
N THR C 409 -29.79 24.35 7.90
CA THR C 409 -30.04 25.60 8.67
C THR C 409 -31.35 26.28 8.26
N GLY C 410 -31.84 25.99 7.04
CA GLY C 410 -32.96 26.69 6.39
C GLY C 410 -32.51 28.00 5.76
N LYS C 411 -31.22 28.34 5.85
CA LYS C 411 -30.66 29.68 5.46
C LYS C 411 -29.82 29.51 4.19
N THR C 412 -29.35 30.62 3.63
CA THR C 412 -28.52 30.59 2.41
C THR C 412 -27.25 31.42 2.61
N ILE C 413 -26.33 31.33 1.65
CA ILE C 413 -25.05 32.07 1.73
C ILE C 413 -24.93 32.92 0.47
N GLU C 414 -24.84 34.23 0.63
CA GLU C 414 -24.68 35.20 -0.49
C GLU C 414 -23.19 35.51 -0.63
N VAL C 415 -22.77 35.94 -1.81
CA VAL C 415 -21.35 36.28 -2.13
C VAL C 415 -20.78 37.22 -1.05
N ALA C 416 -21.55 38.16 -0.50
CA ALA C 416 -21.08 39.10 0.54
C ALA C 416 -20.59 38.33 1.78
N GLN C 417 -21.21 37.20 2.13
CA GLN C 417 -20.84 36.44 3.35
C GLN C 417 -19.55 35.61 3.12
N LEU C 418 -19.07 35.48 1.87
CA LEU C 418 -17.82 34.76 1.54
C LEU C 418 -16.60 35.57 1.99
N HIS C 419 -16.75 36.88 2.24
CA HIS C 419 -15.65 37.77 2.70
C HIS C 419 -15.53 37.59 4.22
N SER C 420 -15.12 36.41 4.65
CA SER C 420 -15.27 36.00 6.06
C SER C 420 -14.36 34.80 6.35
N THR C 421 -14.10 34.56 7.62
CA THR C 421 -13.38 33.36 8.11
C THR C 421 -13.95 32.08 7.46
N LEU C 422 -15.26 31.85 7.49
CA LEU C 422 -15.87 30.64 6.89
C LEU C 422 -15.84 30.71 5.37
N GLY C 423 -15.93 31.90 4.80
CA GLY C 423 -15.92 32.03 3.34
C GLY C 423 -14.57 31.59 2.79
N ARG C 424 -13.52 31.88 3.56
CA ARG C 424 -12.11 31.54 3.25
C ARG C 424 -11.95 30.01 3.29
N ILE C 425 -12.49 29.37 4.33
CA ILE C 425 -12.54 27.89 4.46
C ILE C 425 -13.34 27.27 3.30
N ILE C 426 -14.45 27.86 2.92
CA ILE C 426 -15.29 27.37 1.80
C ILE C 426 -14.51 27.44 0.50
N GLY C 427 -13.79 28.53 0.25
CA GLY C 427 -12.93 28.69 -0.94
C GLY C 427 -11.95 27.55 -1.07
N ARG C 428 -11.33 27.16 0.05
CA ARG C 428 -10.33 26.07 0.08
C ARG C 428 -10.99 24.74 -0.27
N THR C 429 -12.18 24.47 0.26
CA THR C 429 -12.90 23.20 0.02
C THR C 429 -13.31 23.15 -1.47
N VAL C 430 -13.69 24.29 -2.00
CA VAL C 430 -14.11 24.42 -3.43
C VAL C 430 -12.90 24.12 -4.30
N HIS C 431 -11.76 24.70 -3.97
CA HIS C 431 -10.47 24.44 -4.66
C HIS C 431 -10.14 22.94 -4.66
N CYS C 432 -10.10 22.31 -3.48
CA CYS C 432 -9.81 20.87 -3.36
C CYS C 432 -10.76 20.04 -4.25
N CYS C 433 -12.06 20.34 -4.24
CA CYS C 433 -13.07 19.66 -5.07
C CYS C 433 -12.74 19.83 -6.57
N GLU C 434 -12.52 21.05 -7.07
CA GLU C 434 -12.21 21.30 -8.50
C GLU C 434 -10.89 20.62 -8.91
N LEU C 435 -9.94 20.47 -7.98
CA LEU C 435 -8.64 19.85 -8.32
C LEU C 435 -8.81 18.38 -8.71
N GLN C 436 -9.86 17.70 -8.28
CA GLN C 436 -10.04 16.25 -8.62
C GLN C 436 -10.30 16.11 -10.13
N ASN C 437 -11.07 17.02 -10.75
CA ASN C 437 -11.19 17.07 -12.23
C ASN C 437 -9.88 17.44 -12.91
N VAL C 438 -9.05 18.32 -12.32
CA VAL C 438 -7.71 18.62 -12.88
C VAL C 438 -6.87 17.34 -12.94
N LEU C 439 -6.84 16.53 -11.88
CA LEU C 439 -6.05 15.27 -11.88
C LEU C 439 -6.53 14.31 -12.99
N GLN C 440 -7.83 14.10 -13.14
CA GLN C 440 -8.40 13.19 -14.18
C GLN C 440 -8.06 13.74 -15.57
N ASP C 441 -8.29 15.05 -15.80
CA ASP C 441 -8.09 15.74 -17.11
C ASP C 441 -6.62 15.62 -17.52
N GLN C 442 -5.70 15.91 -16.61
CA GLN C 442 -4.28 15.96 -16.96
C GLN C 442 -3.73 14.55 -17.10
N TYR C 443 -4.21 13.59 -16.30
CA TYR C 443 -3.75 12.18 -16.47
C TYR C 443 -4.13 11.71 -17.90
N ASN C 444 -5.39 11.89 -18.27
N ASN C 444 -5.38 11.89 -18.26
CA ASN C 444 -5.92 11.47 -19.59
CA ASN C 444 -5.92 11.48 -19.59
C ASN C 444 -5.13 12.19 -20.70
C ASN C 444 -5.12 12.19 -20.70
N ALA C 445 -4.87 13.48 -20.56
CA ALA C 445 -4.14 14.27 -21.58
C ALA C 445 -2.74 13.68 -21.74
N LEU C 446 -2.10 13.28 -20.64
CA LEU C 446 -0.76 12.67 -20.70
C LEU C 446 -0.84 11.34 -21.45
N ILE C 447 -1.82 10.50 -21.14
CA ILE C 447 -1.99 9.14 -21.78
C ILE C 447 -2.20 9.35 -23.29
N VAL C 448 -3.04 10.33 -23.64
CA VAL C 448 -3.38 10.65 -25.06
C VAL C 448 -2.13 11.13 -25.80
N ASN C 449 -1.36 12.04 -25.19
CA ASN C 449 -0.17 12.65 -25.83
C ASN C 449 0.89 11.59 -26.05
N ILE C 450 1.12 10.73 -25.06
CA ILE C 450 2.15 9.66 -25.17
C ILE C 450 1.72 8.73 -26.31
N GLY C 451 0.40 8.52 -26.48
CA GLY C 451 -0.16 7.66 -27.54
C GLY C 451 0.15 8.17 -28.94
N LYS C 452 0.29 9.49 -29.12
CA LYS C 452 0.55 10.15 -30.44
C LYS C 452 2.02 10.12 -30.76
N GLY C 453 2.85 9.60 -29.86
CA GLY C 453 4.29 9.41 -30.08
C GLY C 453 5.11 10.50 -29.44
N ASP C 454 4.52 11.44 -28.70
CA ASP C 454 5.32 12.49 -28.03
C ASP C 454 5.80 11.98 -26.67
N HIS C 455 7.10 11.77 -26.54
CA HIS C 455 7.81 11.33 -25.31
C HIS C 455 8.77 12.43 -24.82
N THR C 456 8.68 13.64 -25.39
CA THR C 456 9.52 14.80 -25.03
C THR C 456 9.15 15.29 -23.63
N THR C 457 10.14 15.42 -22.76
CA THR C 457 9.95 15.89 -21.36
C THR C 457 10.89 17.06 -21.02
N PHE C 458 11.89 17.33 -21.85
CA PHE C 458 13.00 18.23 -21.49
C PHE C 458 13.52 18.97 -22.74
N VAL C 459 13.79 20.26 -22.59
CA VAL C 459 14.56 21.10 -23.55
C VAL C 459 15.78 21.66 -22.81
N LYS C 460 16.99 21.44 -23.32
CA LYS C 460 18.21 21.93 -22.63
C LYS C 460 18.18 23.46 -22.64
N PRO C 461 18.27 24.13 -21.47
CA PRO C 461 18.42 25.58 -21.42
C PRO C 461 19.79 26.04 -21.97
N ASP C 462 19.76 27.09 -22.80
CA ASP C 462 20.93 27.86 -23.28
C ASP C 462 21.13 29.04 -22.31
N ILE C 463 22.10 28.94 -21.41
CA ILE C 463 22.41 29.97 -20.38
C ILE C 463 23.59 30.79 -20.91
N PRO C 464 23.38 32.01 -21.47
CA PRO C 464 24.49 32.85 -21.94
C PRO C 464 25.52 33.19 -20.86
N ALA C 465 26.80 33.05 -21.19
CA ALA C 465 27.93 33.23 -20.25
C ALA C 465 28.08 34.70 -19.87
N THR C 466 27.48 35.60 -20.63
CA THR C 466 27.50 37.07 -20.39
C THR C 466 26.10 37.60 -20.64
N GLY C 467 25.78 38.75 -20.05
CA GLY C 467 24.48 39.42 -20.26
C GLY C 467 23.61 39.28 -19.02
N GLU C 468 22.55 40.09 -18.96
CA GLU C 468 21.61 40.14 -17.83
C GLU C 468 20.26 39.62 -18.32
N PHE C 469 19.67 38.68 -17.59
CA PHE C 469 18.31 38.17 -17.89
C PHE C 469 17.48 38.18 -16.60
N LYS C 470 16.23 38.61 -16.76
CA LYS C 470 15.30 38.81 -15.64
C LYS C 470 14.15 37.84 -15.86
N GLY C 471 13.77 37.04 -14.85
CA GLY C 471 12.62 36.14 -15.03
C GLY C 471 11.75 36.07 -13.80
N VAL C 472 10.49 35.79 -14.02
CA VAL C 472 9.50 35.62 -12.91
C VAL C 472 8.67 34.35 -13.17
N GLY C 473 8.53 33.53 -12.12
CA GLY C 473 7.69 32.33 -12.14
C GLY C 473 6.50 32.47 -11.20
N PHE C 474 5.30 32.50 -11.75
CA PHE C 474 4.05 32.56 -10.97
C PHE C 474 3.50 31.14 -10.79
N LEU C 475 2.82 30.93 -9.68
CA LEU C 475 2.21 29.63 -9.36
C LEU C 475 1.07 29.88 -8.38
N GLU C 476 -0.08 29.27 -8.60
CA GLU C 476 -1.20 29.36 -7.63
C GLU C 476 -1.02 28.21 -6.64
N ALA C 477 -0.33 28.49 -5.53
CA ALA C 477 -0.02 27.53 -4.47
C ALA C 477 -1.26 27.30 -3.62
N PRO C 478 -1.25 26.28 -2.74
CA PRO C 478 -2.40 26.06 -1.84
C PRO C 478 -2.81 27.31 -1.05
N ARG C 479 -1.86 28.20 -0.71
CA ARG C 479 -2.17 29.37 0.15
C ARG C 479 -2.30 30.64 -0.68
N GLY C 480 -2.05 30.57 -1.99
CA GLY C 480 -2.31 31.71 -2.89
C GLY C 480 -1.19 31.95 -3.89
N MET C 481 -1.20 33.13 -4.51
CA MET C 481 -0.22 33.46 -5.57
C MET C 481 1.21 33.51 -5.03
N LEU C 482 2.07 32.67 -5.58
CA LEU C 482 3.52 32.62 -5.37
C LEU C 482 4.22 33.22 -6.56
N SER C 483 5.29 33.96 -6.28
CA SER C 483 6.18 34.46 -7.34
C SER C 483 7.63 34.37 -6.91
N HIS C 484 8.45 33.81 -7.78
CA HIS C 484 9.91 33.71 -7.69
C HIS C 484 10.49 34.62 -8.77
N TRP C 485 11.40 35.49 -8.36
CA TRP C 485 12.00 36.56 -9.22
C TRP C 485 13.50 36.37 -9.29
N MET C 486 13.99 36.01 -10.48
CA MET C 486 15.40 35.64 -10.70
C MET C 486 16.07 36.65 -11.65
N VAL C 487 17.21 37.19 -11.24
CA VAL C 487 18.14 37.95 -12.12
C VAL C 487 19.40 37.10 -12.33
N ILE C 488 19.63 36.77 -13.58
CA ILE C 488 20.86 36.07 -14.05
C ILE C 488 21.81 37.15 -14.61
N LYS C 489 23.03 37.18 -14.09
CA LYS C 489 24.14 38.05 -14.63
C LYS C 489 25.36 37.17 -14.86
N ASP C 490 25.85 37.12 -16.11
CA ASP C 490 27.10 36.39 -16.46
C ASP C 490 27.01 34.94 -15.95
N GLY C 491 25.88 34.31 -16.28
CA GLY C 491 25.62 32.86 -16.14
C GLY C 491 25.22 32.45 -14.73
N ILE C 492 25.20 33.36 -13.75
CA ILE C 492 24.85 33.00 -12.35
C ILE C 492 23.72 33.90 -11.82
N ILE C 493 23.12 33.50 -10.71
CA ILE C 493 22.03 34.28 -10.05
C ILE C 493 22.69 35.47 -9.37
N SER C 494 22.39 36.69 -9.83
CA SER C 494 22.84 37.95 -9.17
C SER C 494 21.77 38.44 -8.17
N ASN C 495 20.50 38.08 -8.34
CA ASN C 495 19.44 38.43 -7.35
C ASN C 495 18.33 37.38 -7.40
N TYR C 496 17.76 37.09 -6.25
CA TYR C 496 16.68 36.10 -6.11
C TYR C 496 15.77 36.59 -5.01
N GLN C 497 14.51 36.81 -5.35
CA GLN C 497 13.49 37.26 -4.40
C GLN C 497 12.25 36.39 -4.57
N ALA C 498 11.72 35.91 -3.45
CA ALA C 498 10.49 35.12 -3.40
C ALA C 498 9.46 36.01 -2.69
N VAL C 499 8.33 36.19 -3.34
CA VAL C 499 7.12 36.82 -2.75
C VAL C 499 6.08 35.71 -2.62
N VAL C 500 5.74 35.33 -1.39
CA VAL C 500 5.09 34.04 -1.12
C VAL C 500 3.70 34.34 -0.60
N PRO C 501 2.67 33.51 -0.85
CA PRO C 501 1.31 33.87 -0.45
C PRO C 501 1.18 34.30 1.02
N SER C 502 1.81 33.57 1.95
CA SER C 502 1.66 33.96 3.38
C SER C 502 2.36 35.30 3.59
N THR C 503 3.34 35.69 2.78
CA THR C 503 3.92 37.06 2.82
C THR C 503 2.82 38.09 2.60
N TRP C 504 2.00 37.92 1.56
CA TRP C 504 0.89 38.86 1.31
C TRP C 504 -0.04 38.90 2.52
N ASN C 505 -0.40 37.75 3.10
CA ASN C 505 -1.52 37.72 4.07
C ASN C 505 -1.01 38.08 5.48
N SER C 506 0.18 37.62 5.85
CA SER C 506 0.75 37.78 7.22
C SER C 506 1.62 39.04 7.29
N GLY C 507 1.77 39.78 6.18
CA GLY C 507 2.67 40.94 6.13
C GLY C 507 2.32 41.94 7.21
N PRO C 508 3.30 42.66 7.80
CA PRO C 508 3.00 43.71 8.77
C PRO C 508 2.55 44.99 8.06
N ARG C 509 2.36 46.02 8.85
CA ARG C 509 1.94 47.35 8.31
C ARG C 509 2.89 47.73 7.18
N ASN C 510 2.36 48.27 6.07
CA ASN C 510 3.21 48.55 4.88
C ASN C 510 3.78 49.98 4.94
N PHE C 511 4.43 50.42 3.87
CA PHE C 511 5.02 51.77 3.79
C PHE C 511 3.98 52.87 4.07
N ASN C 512 2.71 52.67 3.75
CA ASN C 512 1.68 53.69 4.07
C ASN C 512 0.82 53.22 5.23
N ASP C 513 1.47 52.48 6.15
CA ASP C 513 0.96 52.08 7.50
C ASP C 513 -0.38 51.35 7.40
N GLU C 514 -0.70 50.73 6.26
CA GLU C 514 -1.94 49.91 6.15
C GLU C 514 -1.62 48.50 6.68
N VAL C 515 -2.49 47.95 7.50
CA VAL C 515 -2.30 46.62 8.14
C VAL C 515 -2.48 45.55 7.06
N GLY C 516 -1.80 44.41 7.23
CA GLY C 516 -1.99 43.24 6.35
C GLY C 516 -3.28 42.50 6.64
N PRO C 517 -3.64 41.51 5.80
CA PRO C 517 -4.90 40.78 5.94
C PRO C 517 -5.13 40.11 7.31
N TYR C 518 -4.12 39.44 7.84
CA TYR C 518 -4.23 38.79 9.19
C TYR C 518 -4.61 39.87 10.20
N GLU C 519 -3.84 40.96 10.21
CA GLU C 519 -4.03 42.08 11.19
C GLU C 519 -5.42 42.68 11.02
N ARG C 520 -5.89 42.87 9.79
CA ARG C 520 -7.24 43.46 9.57
C ARG C 520 -8.31 42.49 10.04
N SER C 521 -8.17 41.20 9.69
CA SER C 521 -9.20 40.14 9.93
C SER C 521 -9.54 40.07 11.41
N LEU C 522 -8.62 40.40 12.30
CA LEU C 522 -8.82 40.21 13.75
C LEU C 522 -9.67 41.33 14.37
N VAL C 523 -9.73 42.51 13.75
CA VAL C 523 -10.44 43.69 14.34
C VAL C 523 -11.92 43.31 14.49
N GLY C 524 -12.48 43.40 15.70
CA GLY C 524 -13.89 43.06 15.93
C GLY C 524 -14.07 41.62 16.39
N THR C 525 -13.00 40.84 16.51
CA THR C 525 -13.06 39.44 17.03
C THR C 525 -13.49 39.45 18.50
N PRO C 526 -14.62 38.80 18.88
CA PRO C 526 -15.01 38.69 20.28
C PRO C 526 -14.07 37.71 20.99
N ILE C 527 -13.68 38.06 22.23
CA ILE C 527 -12.78 37.24 23.07
C ILE C 527 -13.55 36.85 24.34
N ALA C 528 -13.88 35.57 24.55
CA ALA C 528 -14.62 35.11 25.74
C ALA C 528 -13.63 34.97 26.90
N ASP C 529 -12.37 34.65 26.60
CA ASP C 529 -11.30 34.44 27.60
C ASP C 529 -9.99 34.94 27.03
N PRO C 530 -9.46 36.07 27.53
CA PRO C 530 -8.24 36.65 26.97
C PRO C 530 -7.00 35.78 27.17
N ASN C 531 -7.03 34.82 28.08
CA ASN C 531 -5.88 33.88 28.28
C ASN C 531 -5.98 32.66 27.34
N LYS C 532 -7.13 32.42 26.71
CA LYS C 532 -7.34 31.34 25.71
C LYS C 532 -8.08 31.92 24.51
N PRO C 533 -7.45 32.79 23.69
CA PRO C 533 -8.12 33.48 22.59
C PRO C 533 -8.37 32.62 21.33
N LEU C 534 -9.21 31.63 21.54
CA LEU C 534 -9.57 30.63 20.51
C LEU C 534 -10.13 31.37 19.31
N GLU C 535 -10.87 32.47 19.54
CA GLU C 535 -11.58 33.20 18.45
C GLU C 535 -10.53 33.80 17.49
N VAL C 536 -9.39 34.21 18.03
CA VAL C 536 -8.30 34.79 17.23
C VAL C 536 -7.68 33.65 16.40
N VAL C 537 -7.42 32.51 17.03
CA VAL C 537 -6.72 31.40 16.33
C VAL C 537 -7.63 30.88 15.19
N ARG C 538 -8.95 30.86 15.38
CA ARG C 538 -9.91 30.46 14.35
C ARG C 538 -9.78 31.30 13.09
N THR C 539 -9.76 32.63 13.21
CA THR C 539 -9.64 33.53 12.05
C THR C 539 -8.27 33.35 11.41
N ILE C 540 -7.20 33.34 12.21
CA ILE C 540 -5.82 33.20 11.66
C ILE C 540 -5.67 31.85 10.95
N HIS C 541 -6.16 30.76 11.53
CA HIS C 541 -6.07 29.42 10.89
C HIS C 541 -6.83 29.42 9.55
N SER C 542 -7.91 30.21 9.41
CA SER C 542 -8.65 30.26 8.11
C SER C 542 -7.72 30.66 6.95
N PHE C 543 -6.61 31.37 7.19
CA PHE C 543 -5.66 31.83 6.13
C PHE C 543 -4.64 30.75 5.82
N ASP C 544 -4.62 29.67 6.62
CA ASP C 544 -3.63 28.57 6.46
C ASP C 544 -2.22 29.14 6.53
N PRO C 545 -1.80 29.78 7.67
CA PRO C 545 -0.49 30.42 7.74
C PRO C 545 0.66 29.45 7.49
N CYS C 546 1.64 29.90 6.74
CA CYS C 546 2.90 29.17 6.56
C CYS C 546 4.05 30.15 6.78
N MET C 547 4.70 30.14 7.95
CA MET C 547 5.63 31.25 8.23
C MET C 547 7.03 31.01 7.66
N SER C 548 7.45 29.77 7.46
CA SER C 548 8.67 29.46 6.68
C SER C 548 8.50 30.01 5.25
N CYS C 549 7.32 29.83 4.69
CA CYS C 549 6.93 30.47 3.39
C CYS C 549 6.96 32.01 3.47
N ALA C 550 6.33 32.60 4.50
CA ALA C 550 6.14 34.06 4.58
C ALA C 550 7.50 34.75 4.67
N VAL C 551 8.45 34.16 5.39
CA VAL C 551 9.74 34.81 5.72
C VAL C 551 10.87 34.32 4.83
N HIS C 552 10.96 33.01 4.63
CA HIS C 552 12.05 32.33 3.90
C HIS C 552 13.43 32.84 4.37
N PRO D 9 -1.31 0.16 29.39
CA PRO D 9 -0.05 0.73 29.94
C PRO D 9 0.27 2.14 29.39
N GLN D 10 1.27 2.79 29.98
CA GLN D 10 1.66 4.18 29.59
C GLN D 10 2.50 4.11 28.32
N ARG D 11 2.40 5.14 27.48
CA ARG D 11 3.17 5.22 26.22
C ARG D 11 4.40 6.08 26.43
N PRO D 12 5.55 5.71 25.83
CA PRO D 12 6.78 6.48 25.95
C PRO D 12 6.63 7.92 25.45
N PRO D 13 7.00 8.90 26.29
CA PRO D 13 6.88 10.32 25.93
C PRO D 13 7.93 10.84 24.94
N VAL D 14 7.44 11.70 24.05
CA VAL D 14 8.26 12.36 22.99
C VAL D 14 7.96 13.86 23.04
N ILE D 15 9.02 14.65 23.03
CA ILE D 15 8.98 16.12 22.95
C ILE D 15 9.70 16.54 21.68
N TRP D 16 8.98 17.25 20.82
CA TRP D 16 9.43 17.61 19.45
C TRP D 16 9.53 19.13 19.35
N ILE D 17 10.74 19.62 19.15
CA ILE D 17 11.04 21.09 19.05
C ILE D 17 11.55 21.41 17.64
N GLY D 18 10.84 22.29 16.93
CA GLY D 18 11.25 22.81 15.62
C GLY D 18 12.01 24.12 15.74
N ALA D 19 13.23 24.18 15.21
CA ALA D 19 14.09 25.37 15.13
C ALA D 19 13.90 26.01 13.74
N GLN D 20 14.96 26.20 12.94
CA GLN D 20 14.85 26.73 11.56
C GLN D 20 14.48 25.57 10.64
N GLU D 21 13.24 25.14 10.75
CA GLU D 21 12.74 23.95 10.03
C GLU D 21 11.76 24.41 8.95
N CYS D 22 11.70 23.68 7.84
CA CYS D 22 10.71 23.96 6.76
C CYS D 22 9.42 23.18 7.04
N THR D 23 9.43 22.30 8.05
CA THR D 23 8.32 21.38 8.45
C THR D 23 8.23 20.14 7.57
N GLY D 24 9.17 19.93 6.65
CA GLY D 24 9.25 18.69 5.85
C GLY D 24 9.51 17.46 6.70
N CYS D 25 10.29 17.58 7.77
CA CYS D 25 10.64 16.43 8.63
C CYS D 25 9.38 15.99 9.40
N THR D 26 8.58 16.92 9.89
CA THR D 26 7.24 16.58 10.45
C THR D 26 6.34 15.96 9.38
N GLU D 27 6.29 16.56 8.19
CA GLU D 27 5.43 16.10 7.09
C GLU D 27 5.78 14.67 6.68
N SER D 28 7.06 14.26 6.79
CA SER D 28 7.48 12.88 6.48
C SER D 28 6.58 11.91 7.26
N LEU D 29 6.22 12.23 8.51
CA LEU D 29 5.38 11.33 9.35
C LEU D 29 4.02 11.05 8.69
N LEU D 30 3.47 12.01 7.93
CA LEU D 30 2.15 11.84 7.27
C LEU D 30 2.24 10.87 6.10
N ARG D 31 3.44 10.49 5.64
CA ARG D 31 3.61 9.48 4.57
C ARG D 31 3.84 8.09 5.19
N ALA D 32 4.16 8.01 6.49
CA ALA D 32 4.55 6.75 7.15
C ALA D 32 3.39 5.76 7.18
N THR D 33 3.71 4.46 7.12
CA THR D 33 2.75 3.34 7.12
C THR D 33 3.03 2.32 8.22
N HIS D 34 4.16 2.41 8.93
CA HIS D 34 4.51 1.36 9.91
C HIS D 34 5.41 1.95 10.99
N PRO D 35 4.88 2.78 11.91
CA PRO D 35 3.44 3.10 11.96
C PRO D 35 2.97 4.31 11.17
N THR D 36 1.66 4.34 10.84
CA THR D 36 0.96 5.58 10.42
C THR D 36 1.00 6.61 11.53
N VAL D 37 0.86 7.87 11.16
CA VAL D 37 1.05 8.96 12.15
C VAL D 37 -0.07 8.80 13.19
N GLU D 38 -1.26 8.34 12.78
CA GLU D 38 -2.37 8.15 13.77
C GLU D 38 -2.06 7.00 14.74
N ASN D 39 -1.46 5.89 14.28
CA ASN D 39 -1.04 4.81 15.21
C ASN D 39 0.14 5.27 16.06
N LEU D 40 1.02 6.11 15.51
CA LEU D 40 2.20 6.62 16.25
C LEU D 40 1.71 7.34 17.52
N VAL D 41 0.83 8.32 17.35
CA VAL D 41 0.43 9.26 18.43
C VAL D 41 -0.66 8.61 19.32
N LEU D 42 -1.46 7.65 18.82
CA LEU D 42 -2.51 7.03 19.68
C LEU D 42 -1.98 5.74 20.32
N GLU D 43 -0.98 5.08 19.72
CA GLU D 43 -0.59 3.73 20.18
C GLU D 43 0.88 3.65 20.54
N THR D 44 1.82 4.23 19.81
CA THR D 44 3.24 3.81 20.06
C THR D 44 3.93 4.79 20.99
N ILE D 45 3.65 6.08 20.89
CA ILE D 45 4.29 7.12 21.71
C ILE D 45 3.18 7.97 22.35
N SER D 46 3.56 8.79 23.31
CA SER D 46 2.77 9.98 23.71
C SER D 46 3.50 11.21 23.20
N LEU D 47 2.97 11.85 22.17
CA LEU D 47 3.62 13.07 21.62
C LEU D 47 3.18 14.25 22.50
N GLU D 48 3.99 14.57 23.51
CA GLU D 48 3.63 15.50 24.61
C GLU D 48 3.75 16.93 24.11
N TYR D 49 4.58 17.19 23.10
CA TYR D 49 4.80 18.56 22.57
C TYR D 49 5.12 18.46 21.08
N HIS D 50 4.29 19.11 20.27
CA HIS D 50 4.49 19.25 18.80
C HIS D 50 3.61 20.41 18.31
N GLU D 51 4.24 21.50 17.89
CA GLU D 51 3.54 22.77 17.62
C GLU D 51 2.67 22.60 16.37
N VAL D 52 3.02 21.68 15.47
CA VAL D 52 2.27 21.55 14.19
C VAL D 52 0.92 20.86 14.46
N LEU D 53 0.85 19.93 15.42
CA LEU D 53 -0.35 19.06 15.65
C LEU D 53 -1.10 19.43 16.94
N SER D 54 -0.50 20.18 17.86
CA SER D 54 -1.09 20.42 19.23
C SER D 54 -2.38 21.24 19.17
N ALA D 55 -3.42 20.75 19.87
CA ALA D 55 -4.71 21.45 20.06
C ALA D 55 -4.42 22.79 20.79
N ALA D 56 -3.57 22.74 21.80
CA ALA D 56 -3.22 23.90 22.63
C ALA D 56 -2.38 24.86 21.80
N PHE D 57 -2.46 26.14 22.13
CA PHE D 57 -1.61 27.22 21.54
C PHE D 57 -1.14 28.14 22.66
N GLY D 58 -0.20 29.04 22.33
CA GLY D 58 0.25 30.17 23.16
C GLY D 58 0.62 29.73 24.56
N HIS D 59 -0.07 30.26 25.58
CA HIS D 59 0.29 29.99 27.02
C HIS D 59 0.00 28.52 27.36
N GLN D 60 -1.06 27.92 26.80
CA GLN D 60 -1.45 26.54 27.19
C GLN D 60 -0.45 25.53 26.60
N VAL D 61 0.10 25.80 25.42
CA VAL D 61 1.06 24.82 24.82
C VAL D 61 2.40 24.95 25.55
N GLU D 62 2.77 26.14 26.02
CA GLU D 62 4.02 26.30 26.81
C GLU D 62 3.83 25.61 28.18
N GLU D 63 2.64 25.68 28.77
CA GLU D 63 2.29 24.86 29.96
C GLU D 63 2.50 23.38 29.66
N ASN D 64 2.03 22.89 28.52
CA ASN D 64 2.13 21.45 28.18
C ASN D 64 3.60 21.06 28.17
N LYS D 65 4.48 21.91 27.62
CA LYS D 65 5.91 21.55 27.52
C LYS D 65 6.51 21.53 28.92
N HIS D 66 6.31 22.57 29.72
CA HIS D 66 6.94 22.61 31.07
C HIS D 66 6.35 21.46 31.90
N ASN D 67 5.06 21.13 31.77
CA ASN D 67 4.45 19.98 32.52
C ASN D 67 5.11 18.67 32.09
N ALA D 68 5.39 18.50 30.79
CA ALA D 68 6.00 17.26 30.25
C ALA D 68 7.47 17.15 30.66
N LEU D 69 8.20 18.27 30.64
CA LEU D 69 9.63 18.32 31.01
C LEU D 69 9.79 17.89 32.48
N GLU D 70 8.81 18.21 33.34
CA GLU D 70 8.80 17.86 34.79
C GLU D 70 8.30 16.42 34.98
N LYS D 71 7.10 16.10 34.51
CA LYS D 71 6.48 14.76 34.70
C LYS D 71 7.44 13.67 34.19
N TYR D 72 8.06 13.84 33.01
CA TYR D 72 8.75 12.74 32.29
C TYR D 72 10.25 12.99 32.27
N LYS D 73 10.71 13.83 33.18
CA LYS D 73 12.16 14.06 33.41
C LYS D 73 12.86 12.70 33.39
N GLY D 74 13.93 12.58 32.58
CA GLY D 74 14.74 11.35 32.42
C GLY D 74 14.10 10.27 31.55
N GLN D 75 12.87 10.44 31.02
CA GLN D 75 12.15 9.36 30.28
C GLN D 75 11.85 9.74 28.82
N TYR D 76 11.79 11.03 28.46
CA TYR D 76 11.31 11.45 27.11
C TYR D 76 12.44 11.35 26.10
N VAL D 77 12.06 11.05 24.85
CA VAL D 77 12.91 11.25 23.66
C VAL D 77 12.69 12.70 23.22
N LEU D 78 13.78 13.44 23.09
CA LEU D 78 13.80 14.81 22.54
C LEU D 78 14.15 14.70 21.06
N VAL D 79 13.28 15.25 20.21
CA VAL D 79 13.45 15.29 18.74
C VAL D 79 13.59 16.75 18.35
N VAL D 80 14.58 17.07 17.56
CA VAL D 80 14.74 18.45 17.02
C VAL D 80 14.81 18.36 15.49
N ASP D 81 13.99 19.15 14.80
CA ASP D 81 14.24 19.42 13.35
C ASP D 81 14.60 20.89 13.19
N GLY D 82 15.25 21.17 12.08
CA GLY D 82 15.71 22.49 11.66
C GLY D 82 17.08 22.77 12.26
N SER D 83 17.81 23.70 11.65
CA SER D 83 19.13 24.15 12.16
C SER D 83 18.93 25.12 13.32
N ILE D 84 19.99 25.39 14.09
CA ILE D 84 19.91 26.33 15.24
C ILE D 84 20.81 27.51 14.89
N PRO D 85 20.24 28.73 14.82
CA PRO D 85 21.00 29.89 14.36
C PRO D 85 21.76 30.54 15.52
N LEU D 86 23.08 30.53 15.49
CA LEU D 86 23.88 31.12 16.63
C LEU D 86 24.17 32.61 16.41
N LYS D 87 24.14 33.14 15.18
CA LYS D 87 24.49 34.56 14.92
C LYS D 87 23.63 35.50 15.79
N ASP D 88 24.23 36.60 16.28
CA ASP D 88 23.50 37.71 16.95
C ASP D 88 22.67 37.15 18.12
N ASN D 89 23.25 36.23 18.88
CA ASN D 89 22.72 35.72 20.18
C ASN D 89 21.36 35.04 20.01
N GLY D 90 21.13 34.37 18.88
CA GLY D 90 19.97 33.49 18.68
C GLY D 90 18.70 34.17 18.16
N ILE D 91 18.73 35.44 17.76
CA ILE D 91 17.46 36.21 17.48
C ILE D 91 16.82 35.75 16.13
N TYR D 92 17.52 34.95 15.30
CA TYR D 92 16.95 34.50 14.00
C TYR D 92 15.93 33.35 14.20
N CYS D 93 15.75 32.83 15.41
CA CYS D 93 14.61 31.93 15.72
C CYS D 93 14.20 32.10 17.18
N MET D 94 13.07 32.78 17.37
CA MET D 94 12.53 33.20 18.69
C MET D 94 11.16 32.55 18.82
N VAL D 95 10.97 31.72 19.84
CA VAL D 95 9.64 31.17 20.20
C VAL D 95 9.24 31.64 21.62
N ALA D 96 8.02 32.15 21.77
CA ALA D 96 7.52 32.67 23.06
C ALA D 96 8.55 33.65 23.65
N GLY D 97 9.19 34.48 22.82
CA GLY D 97 10.08 35.58 23.22
C GLY D 97 11.48 35.13 23.64
N GLU D 98 11.86 33.87 23.38
CA GLU D 98 13.20 33.37 23.74
C GLU D 98 13.87 32.66 22.56
N PRO D 99 15.21 32.78 22.43
CA PRO D 99 15.93 32.06 21.39
C PRO D 99 15.63 30.55 21.49
N ILE D 100 15.46 29.92 20.33
CA ILE D 100 15.13 28.47 20.28
C ILE D 100 16.29 27.68 20.92
N VAL D 101 17.51 28.17 20.84
CA VAL D 101 18.68 27.44 21.40
C VAL D 101 18.47 27.24 22.91
N ASP D 102 17.79 28.17 23.58
CA ASP D 102 17.54 28.14 25.04
C ASP D 102 16.48 27.08 25.34
N HIS D 103 15.40 27.03 24.54
CA HIS D 103 14.35 25.98 24.63
C HIS D 103 15.01 24.61 24.51
N ILE D 104 15.96 24.48 23.59
CA ILE D 104 16.58 23.17 23.23
C ILE D 104 17.50 22.72 24.38
N ARG D 105 18.32 23.62 24.93
CA ARG D 105 19.27 23.25 26.01
C ARG D 105 18.49 22.89 27.27
N ARG D 106 17.45 23.62 27.59
CA ARG D 106 16.50 23.30 28.70
C ARG D 106 15.91 21.89 28.50
N ALA D 107 15.34 21.58 27.33
CA ALA D 107 14.70 20.28 27.06
C ALA D 107 15.74 19.14 27.07
N ALA D 108 16.94 19.38 26.56
CA ALA D 108 18.00 18.36 26.43
C ALA D 108 18.48 17.90 27.82
N GLU D 109 18.33 18.72 28.85
CA GLU D 109 18.82 18.37 30.21
C GLU D 109 18.16 17.08 30.72
N GLY D 110 16.85 16.90 30.49
CA GLY D 110 16.05 15.82 31.09
C GLY D 110 15.76 14.67 30.14
N ALA D 111 16.43 14.60 28.99
CA ALA D 111 16.07 13.68 27.87
C ALA D 111 16.69 12.31 28.12
N ALA D 112 15.95 11.22 27.88
CA ALA D 112 16.46 9.83 27.89
C ALA D 112 17.29 9.61 26.62
N ALA D 113 16.90 10.22 25.50
CA ALA D 113 17.63 10.12 24.21
C ALA D 113 17.31 11.37 23.40
N ILE D 114 18.23 11.75 22.54
CA ILE D 114 18.13 13.01 21.73
C ILE D 114 18.37 12.65 20.28
N ILE D 115 17.40 13.00 19.43
CA ILE D 115 17.42 12.73 17.97
C ILE D 115 17.40 14.05 17.19
N ALA D 116 18.40 14.24 16.32
CA ALA D 116 18.39 15.28 15.27
C ALA D 116 17.79 14.62 14.03
N ILE D 117 16.57 14.99 13.68
CA ILE D 117 15.90 14.46 12.45
C ILE D 117 16.12 15.48 11.33
N GLY D 118 16.57 15.02 10.18
CA GLY D 118 16.79 15.87 8.99
C GLY D 118 18.20 16.45 8.96
N SER D 119 18.66 16.73 7.76
CA SER D 119 20.01 17.27 7.44
C SER D 119 20.26 18.61 8.14
N CYS D 120 19.22 19.44 8.34
CA CYS D 120 19.31 20.77 8.98
C CYS D 120 19.74 20.53 10.44
N ALA D 121 19.04 19.68 11.15
CA ALA D 121 19.35 19.39 12.57
C ALA D 121 20.64 18.57 12.67
N ALA D 122 20.87 17.64 11.77
CA ALA D 122 22.02 16.70 11.80
C ALA D 122 23.32 17.47 11.54
N TRP D 123 23.37 18.43 10.61
CA TRP D 123 24.65 19.12 10.28
C TRP D 123 24.47 20.57 9.81
N GLY D 124 23.27 21.15 9.92
CA GLY D 124 22.99 22.54 9.50
C GLY D 124 22.20 22.59 8.20
N GLY D 125 22.43 21.64 7.30
CA GLY D 125 21.64 21.50 6.07
C GLY D 125 21.59 22.76 5.24
N VAL D 126 20.51 22.91 4.49
CA VAL D 126 20.33 24.00 3.51
C VAL D 126 20.43 25.37 4.23
N ALA D 127 19.89 25.51 5.45
CA ALA D 127 19.84 26.77 6.23
C ALA D 127 21.26 27.28 6.54
N ALA D 128 22.25 26.39 6.53
CA ALA D 128 23.67 26.70 6.84
C ALA D 128 24.50 26.67 5.56
N ALA D 129 23.89 26.56 4.39
CA ALA D 129 24.64 26.53 3.11
C ALA D 129 25.02 27.96 2.66
N GLY D 130 25.68 28.10 1.51
CA GLY D 130 26.21 29.38 1.00
C GLY D 130 26.85 30.23 2.09
N VAL D 131 26.52 31.51 2.14
CA VAL D 131 27.12 32.48 3.12
C VAL D 131 26.55 32.20 4.52
N ASN D 132 25.57 31.31 4.69
CA ASN D 132 25.01 31.00 6.02
C ASN D 132 24.65 32.30 6.74
N PRO D 133 23.61 33.02 6.29
CA PRO D 133 23.24 34.30 6.89
C PRO D 133 22.98 34.26 8.41
N THR D 134 22.49 33.15 8.99
CA THR D 134 22.03 33.17 10.40
C THR D 134 23.01 32.45 11.32
N GLY D 135 24.16 32.03 10.81
CA GLY D 135 25.12 31.20 11.53
C GLY D 135 24.46 29.93 12.06
N ALA D 136 23.66 29.28 11.20
CA ALA D 136 22.95 28.02 11.49
C ALA D 136 23.97 26.94 11.74
N VAL D 137 23.70 26.07 12.70
CA VAL D 137 24.57 24.89 13.02
C VAL D 137 23.67 23.67 13.27
N GLY D 138 24.26 22.49 13.36
CA GLY D 138 23.61 21.23 13.73
C GLY D 138 23.41 21.11 15.23
N LEU D 139 22.56 20.17 15.64
CA LEU D 139 22.17 20.02 17.06
C LEU D 139 23.38 19.59 17.93
N GLN D 140 24.28 18.76 17.39
CA GLN D 140 25.44 18.21 18.15
C GLN D 140 26.33 19.39 18.59
N GLU D 141 26.43 20.43 17.77
CA GLU D 141 27.25 21.64 18.04
C GLU D 141 26.67 22.46 19.18
N VAL D 142 25.36 22.47 19.34
CA VAL D 142 24.62 23.19 20.40
C VAL D 142 24.69 22.41 21.72
N LEU D 143 24.83 21.09 21.64
CA LEU D 143 24.68 20.20 22.81
C LEU D 143 25.96 19.38 22.91
N PRO D 144 27.15 20.01 23.01
CA PRO D 144 28.41 19.28 22.83
C PRO D 144 28.65 18.15 23.85
N GLY D 145 28.01 18.17 25.02
CA GLY D 145 28.19 17.12 26.04
C GLY D 145 27.25 15.92 25.90
N LYS D 146 26.38 15.89 24.88
CA LYS D 146 25.33 14.83 24.76
C LYS D 146 25.61 13.98 23.53
N THR D 147 25.20 12.72 23.56
CA THR D 147 25.19 11.80 22.39
C THR D 147 23.92 12.10 21.60
N ILE D 148 24.05 12.70 20.41
CA ILE D 148 22.94 13.01 19.49
C ILE D 148 22.85 11.91 18.42
N ILE D 149 21.68 11.29 18.26
CA ILE D 149 21.42 10.34 17.14
C ILE D 149 21.01 11.19 15.92
N ASN D 150 21.78 11.11 14.85
CA ASN D 150 21.53 11.89 13.62
C ASN D 150 20.78 11.02 12.62
N ILE D 151 19.70 11.55 12.06
CA ILE D 151 18.84 10.86 11.06
C ILE D 151 18.71 11.83 9.90
N PRO D 152 19.77 11.94 9.07
CA PRO D 152 19.82 12.97 8.05
C PRO D 152 19.00 12.61 6.81
N GLY D 153 18.96 13.55 5.87
CA GLY D 153 18.09 13.52 4.69
C GLY D 153 17.16 14.71 4.74
N CYS D 154 16.58 15.08 3.63
CA CYS D 154 15.91 16.37 3.53
C CYS D 154 14.57 16.19 2.85
N PRO D 155 13.56 15.55 3.48
CA PRO D 155 13.70 14.87 4.77
C PRO D 155 14.05 13.41 4.58
N PRO D 156 14.53 12.73 5.64
CA PRO D 156 14.73 11.29 5.55
C PRO D 156 13.40 10.55 5.35
N ASN D 157 13.47 9.33 4.86
CA ASN D 157 12.32 8.39 4.98
C ASN D 157 11.90 8.38 6.44
N PRO D 158 10.61 8.59 6.77
CA PRO D 158 10.17 8.71 8.16
C PRO D 158 10.49 7.45 8.98
N HIS D 159 10.55 6.29 8.32
CA HIS D 159 10.85 5.00 9.00
C HIS D 159 12.30 4.96 9.49
N ASN D 160 13.21 5.75 8.92
CA ASN D 160 14.60 5.88 9.45
C ASN D 160 14.53 6.39 10.89
N PHE D 161 13.63 7.34 11.13
CA PHE D 161 13.30 7.91 12.44
C PHE D 161 12.46 6.91 13.25
N LEU D 162 11.35 6.43 12.69
CA LEU D 162 10.41 5.58 13.46
C LEU D 162 11.07 4.27 13.95
N ALA D 163 11.92 3.61 13.16
CA ALA D 163 12.57 2.34 13.54
C ALA D 163 13.69 2.63 14.57
N THR D 164 14.24 3.84 14.57
CA THR D 164 15.19 4.25 15.63
C THR D 164 14.45 4.35 16.96
N VAL D 165 13.33 5.07 16.98
CA VAL D 165 12.46 5.23 18.18
C VAL D 165 11.97 3.85 18.64
N ALA D 166 11.53 3.00 17.71
CA ALA D 166 11.02 1.64 18.03
C ALA D 166 12.13 0.83 18.71
N HIS D 167 13.37 0.93 18.23
CA HIS D 167 14.51 0.20 18.81
C HIS D 167 14.64 0.60 20.29
N ILE D 168 14.66 1.91 20.54
CA ILE D 168 14.76 2.47 21.93
C ILE D 168 13.60 1.93 22.76
N ILE D 169 12.38 2.02 22.25
CA ILE D 169 11.19 1.54 22.99
C ILE D 169 11.29 0.02 23.20
N THR D 170 11.51 -0.76 22.14
CA THR D 170 11.35 -2.24 22.21
C THR D 170 12.53 -2.87 22.96
N TYR D 171 13.75 -2.43 22.69
CA TYR D 171 15.00 -3.07 23.19
C TYR D 171 15.72 -2.20 24.23
N GLY D 172 15.13 -1.08 24.64
CA GLY D 172 15.66 -0.21 25.72
C GLY D 172 16.99 0.45 25.42
N LYS D 173 17.43 0.52 24.16
CA LYS D 173 18.67 1.26 23.80
C LYS D 173 18.62 1.70 22.34
N PRO D 174 19.44 2.68 21.93
CA PRO D 174 19.49 3.07 20.52
C PRO D 174 19.99 1.93 19.64
N PRO D 175 19.70 2.03 18.34
CA PRO D 175 20.24 1.09 17.37
C PRO D 175 21.74 1.37 17.24
N LYS D 176 22.45 0.47 16.57
CA LYS D 176 23.89 0.61 16.27
C LYS D 176 24.12 1.87 15.42
N LEU D 177 25.11 2.68 15.79
CA LEU D 177 25.39 3.98 15.12
C LEU D 177 26.77 3.89 14.46
N ASP D 178 26.97 4.58 13.33
CA ASP D 178 28.29 4.76 12.68
C ASP D 178 29.07 5.88 13.43
N ALA D 179 30.18 6.31 12.88
CA ALA D 179 31.12 7.28 13.50
C ALA D 179 30.46 8.66 13.60
N LYS D 180 29.51 8.97 12.71
CA LYS D 180 28.73 10.24 12.74
C LYS D 180 27.42 10.04 13.51
N ASN D 181 27.28 8.98 14.29
CA ASN D 181 26.08 8.77 15.15
C ASN D 181 24.79 8.60 14.30
N ARG D 182 24.90 8.09 13.07
CA ARG D 182 23.76 7.70 12.19
C ARG D 182 23.44 6.21 12.37
N PRO D 183 22.18 5.79 12.57
CA PRO D 183 21.85 4.36 12.57
C PRO D 183 22.34 3.61 11.33
N THR D 184 23.09 2.51 11.53
CA THR D 184 23.74 1.71 10.45
C THR D 184 22.68 1.05 9.55
N PHE D 185 21.50 0.73 10.07
CA PHE D 185 20.46 0.04 9.26
C PHE D 185 20.01 0.96 8.11
N ALA D 186 20.12 2.28 8.28
CA ALA D 186 19.67 3.29 7.28
C ALA D 186 20.86 3.97 6.60
N TYR D 187 22.02 4.16 7.27
CA TYR D 187 23.09 5.05 6.74
C TYR D 187 24.45 4.32 6.67
N GLY D 188 24.46 3.00 6.82
CA GLY D 188 25.73 2.25 6.95
C GLY D 188 26.43 2.05 5.62
N ARG D 189 25.83 2.44 4.49
CA ARG D 189 26.38 2.13 3.15
C ARG D 189 26.12 3.29 2.19
N LEU D 190 27.10 3.56 1.31
CA LEU D 190 26.95 4.49 0.18
C LEU D 190 25.78 4.01 -0.65
N ILE D 191 24.97 4.94 -1.11
CA ILE D 191 23.87 4.69 -2.10
C ILE D 191 24.45 3.94 -3.31
N HIS D 192 25.58 4.39 -3.82
CA HIS D 192 26.29 3.83 -5.00
C HIS D 192 26.76 2.38 -4.75
N GLU D 193 26.98 1.97 -3.49
CA GLU D 193 27.41 0.58 -3.13
C GLU D 193 26.19 -0.30 -2.93
N HIS D 194 24.99 0.18 -3.30
CA HIS D 194 23.77 -0.66 -3.26
C HIS D 194 22.72 -0.08 -4.22
N CYS D 195 23.16 0.34 -5.39
CA CYS D 195 22.31 1.01 -6.39
C CYS D 195 22.09 0.06 -7.53
N GLU D 196 20.81 -0.11 -7.92
CA GLU D 196 20.44 -1.02 -9.02
C GLU D 196 20.89 -0.53 -10.41
N ARG D 197 21.42 0.69 -10.56
CA ARG D 197 22.00 1.14 -11.86
C ARG D 197 23.52 0.89 -11.92
N ARG D 198 24.10 0.34 -10.88
CA ARG D 198 25.54 0.03 -10.83
C ARG D 198 25.94 -0.75 -12.09
N PRO D 199 25.15 -1.71 -12.60
CA PRO D 199 25.55 -2.42 -13.80
C PRO D 199 25.75 -1.46 -14.97
N HIS D 200 24.87 -0.47 -15.15
CA HIS D 200 25.01 0.55 -16.23
C HIS D 200 26.29 1.36 -16.01
N PHE D 201 26.56 1.76 -14.76
CA PHE D 201 27.78 2.52 -14.40
C PHE D 201 28.99 1.73 -14.91
N ASP D 202 29.02 0.44 -14.55
CA ASP D 202 30.13 -0.51 -14.80
C ASP D 202 30.35 -0.68 -16.30
N ALA D 203 29.28 -0.69 -17.09
CA ALA D 203 29.33 -0.93 -18.54
C ALA D 203 29.58 0.40 -19.29
N GLY D 204 29.70 1.53 -18.58
CA GLY D 204 29.71 2.89 -19.16
C GLY D 204 28.41 3.22 -19.87
N ARG D 205 27.27 2.72 -19.39
CA ARG D 205 25.94 3.03 -19.97
C ARG D 205 25.35 4.21 -19.19
N PHE D 206 25.51 5.42 -19.72
CA PHE D 206 25.24 6.69 -19.01
C PHE D 206 24.20 7.51 -19.77
N ALA D 207 23.21 8.03 -19.05
CA ALA D 207 22.36 9.13 -19.52
C ALA D 207 23.25 10.38 -19.58
N LYS D 208 23.15 11.17 -20.64
CA LYS D 208 23.95 12.43 -20.65
C LYS D 208 23.00 13.65 -20.61
N GLU D 209 21.74 13.51 -21.07
CA GLU D 209 20.70 14.56 -20.98
C GLU D 209 19.38 13.90 -20.56
N PHE D 210 18.57 14.58 -19.73
CA PHE D 210 17.18 14.12 -19.45
C PHE D 210 16.49 13.99 -20.81
N GLY D 211 15.74 12.91 -21.03
CA GLY D 211 14.93 12.72 -22.25
C GLY D 211 15.71 12.02 -23.36
N ASP D 212 17.01 11.77 -23.19
CA ASP D 212 17.85 11.13 -24.24
C ASP D 212 17.69 9.61 -24.17
N GLU D 213 18.34 8.87 -25.07
CA GLU D 213 17.99 7.45 -25.28
C GLU D 213 18.44 6.66 -24.03
N GLY D 214 19.65 6.91 -23.52
CA GLY D 214 20.18 6.31 -22.28
C GLY D 214 19.25 6.56 -21.09
N HIS D 215 18.86 7.81 -20.91
CA HIS D 215 17.92 8.21 -19.82
C HIS D 215 16.62 7.39 -19.92
N ARG D 216 16.07 7.22 -21.13
CA ARG D 216 14.77 6.54 -21.36
C ARG D 216 14.90 5.01 -21.31
N GLU D 217 16.08 4.51 -20.98
CA GLU D 217 16.39 3.06 -20.80
C GLU D 217 16.75 2.78 -19.34
N GLY D 218 16.75 3.82 -18.49
CA GLY D 218 17.06 3.66 -17.06
C GLY D 218 18.53 3.47 -16.80
N TRP D 219 19.40 4.12 -17.60
CA TRP D 219 20.86 3.98 -17.40
C TRP D 219 21.31 4.82 -16.20
N CYS D 220 22.59 4.67 -15.84
CA CYS D 220 23.24 5.35 -14.70
C CYS D 220 23.22 6.88 -14.91
N LEU D 221 23.00 7.64 -13.83
CA LEU D 221 22.84 9.11 -13.88
C LEU D 221 24.12 9.82 -13.40
N TYR D 222 25.25 9.11 -13.31
CA TYR D 222 26.54 9.67 -12.82
C TYR D 222 26.83 11.00 -13.58
N HIS D 223 26.60 11.02 -14.88
CA HIS D 223 27.02 12.12 -15.78
C HIS D 223 25.94 13.20 -15.80
N LEU D 224 24.85 13.03 -15.06
CA LEU D 224 23.89 14.13 -14.83
C LEU D 224 24.20 14.77 -13.47
N GLY D 225 25.19 14.26 -12.75
CA GLY D 225 25.68 14.71 -11.43
C GLY D 225 25.18 13.90 -10.24
N CYS D 226 24.98 12.59 -10.40
CA CYS D 226 24.57 11.73 -9.27
C CYS D 226 25.59 11.80 -8.13
N LYS D 227 25.14 12.06 -6.90
CA LYS D 227 25.97 12.11 -5.69
C LYS D 227 25.93 10.78 -4.93
N GLY D 228 25.27 9.76 -5.48
CA GLY D 228 25.22 8.41 -4.87
C GLY D 228 26.60 7.94 -4.43
N PRO D 229 27.66 8.14 -5.26
CA PRO D 229 29.01 7.73 -4.89
C PRO D 229 29.60 8.34 -3.60
N GLU D 230 29.03 9.43 -3.06
CA GLU D 230 29.58 10.10 -1.85
C GLU D 230 28.48 10.34 -0.81
N THR D 231 27.32 9.70 -0.98
CA THR D 231 26.16 9.89 -0.07
C THR D 231 25.80 8.57 0.63
N TYR D 232 25.89 8.51 1.98
CA TYR D 232 25.44 7.37 2.81
C TYR D 232 23.91 7.43 2.97
N GLY D 233 23.24 6.30 2.78
CA GLY D 233 21.79 6.23 3.03
C GLY D 233 21.17 4.97 2.45
N ASN D 234 19.83 4.89 2.46
CA ASN D 234 19.08 3.67 2.10
C ASN D 234 18.06 4.01 1.02
N CYS D 235 18.29 5.11 0.32
CA CYS D 235 17.36 5.60 -0.74
C CYS D 235 17.12 4.53 -1.79
N SER D 236 18.10 3.71 -2.12
CA SER D 236 17.99 2.74 -3.25
C SER D 236 17.26 1.48 -2.80
N THR D 237 17.25 1.19 -1.50
CA THR D 237 16.69 -0.08 -0.93
C THR D 237 15.35 0.21 -0.25
N LEU D 238 15.37 0.98 0.84
CA LEU D 238 14.10 1.34 1.50
C LEU D 238 13.28 2.27 0.60
N GLN D 239 13.94 3.18 -0.13
CA GLN D 239 13.27 4.11 -1.07
C GLN D 239 12.26 4.95 -0.28
N PHE D 240 11.14 5.33 -0.89
CA PHE D 240 10.22 6.32 -0.27
C PHE D 240 8.76 5.91 -0.54
N CYS D 241 7.91 6.24 0.44
CA CYS D 241 6.42 6.22 0.39
C CYS D 241 5.85 4.80 0.35
N ASP D 242 6.69 3.75 0.42
CA ASP D 242 6.25 2.33 0.58
C ASP D 242 5.28 1.93 -0.55
N VAL D 243 5.44 2.46 -1.76
CA VAL D 243 4.61 2.02 -2.92
C VAL D 243 5.42 1.07 -3.82
N GLY D 244 6.74 1.08 -3.68
CA GLY D 244 7.63 0.26 -4.52
C GLY D 244 8.17 1.06 -5.70
N GLY D 245 9.50 1.10 -5.77
CA GLY D 245 10.29 1.64 -6.89
C GLY D 245 10.40 3.14 -6.90
N VAL D 246 10.17 3.84 -5.78
CA VAL D 246 10.18 5.33 -5.71
C VAL D 246 11.37 5.85 -4.92
N TRP D 247 12.36 6.35 -5.67
CA TRP D 247 13.42 7.22 -5.14
C TRP D 247 13.89 8.09 -6.29
N PRO D 248 14.64 9.17 -6.02
CA PRO D 248 14.97 10.11 -7.09
C PRO D 248 15.60 9.44 -8.33
N VAL D 249 16.59 8.57 -8.15
CA VAL D 249 17.28 7.88 -9.28
C VAL D 249 16.29 7.01 -10.06
N ALA D 250 15.42 6.23 -9.37
CA ALA D 250 14.38 5.44 -10.07
C ALA D 250 13.50 6.34 -10.90
N ILE D 251 13.15 7.55 -10.46
CA ILE D 251 12.16 8.29 -11.28
C ILE D 251 12.92 9.09 -12.38
N GLY D 252 14.25 9.14 -12.31
CA GLY D 252 15.12 9.57 -13.42
C GLY D 252 15.91 10.83 -13.15
N HIS D 253 16.11 11.19 -11.87
CA HIS D 253 16.94 12.32 -11.43
C HIS D 253 18.08 11.86 -10.53
N PRO D 254 19.30 12.41 -10.74
CA PRO D 254 20.44 12.05 -9.92
C PRO D 254 20.18 12.35 -8.44
N CYS D 255 20.79 11.56 -7.57
CA CYS D 255 20.92 11.91 -6.14
C CYS D 255 21.68 13.24 -6.04
N TYR D 256 21.21 14.15 -5.19
CA TYR D 256 21.77 15.51 -4.95
C TYR D 256 22.69 15.46 -3.73
N GLY D 257 22.71 14.32 -3.03
CA GLY D 257 23.47 14.16 -1.77
C GLY D 257 22.84 14.94 -0.63
N CYS D 258 21.51 15.00 -0.56
CA CYS D 258 20.84 15.74 0.54
C CYS D 258 21.18 15.17 1.93
N ASN D 259 21.49 13.88 2.03
CA ASN D 259 21.85 13.26 3.34
C ASN D 259 23.20 13.77 3.86
N GLU D 260 24.09 14.20 2.98
CA GLU D 260 25.56 14.17 3.26
C GLU D 260 26.12 15.60 3.39
N GLU D 261 26.69 15.94 4.54
CA GLU D 261 27.36 17.25 4.78
C GLU D 261 28.43 17.52 3.72
N GLY D 262 28.37 18.67 3.04
CA GLY D 262 29.36 19.09 2.03
C GLY D 262 28.96 18.69 0.62
N ILE D 263 27.92 17.86 0.48
CA ILE D 263 27.47 17.42 -0.87
C ILE D 263 26.17 18.18 -1.15
N GLY D 264 25.03 17.74 -0.59
CA GLY D 264 23.75 18.45 -0.76
C GLY D 264 23.89 19.92 -0.38
N PHE D 265 23.35 20.82 -1.21
CA PHE D 265 23.23 22.29 -1.01
C PHE D 265 24.61 22.95 -1.13
N HIS D 266 25.67 22.19 -1.41
CA HIS D 266 27.03 22.74 -1.62
C HIS D 266 27.44 22.49 -3.08
N LYS D 267 27.40 21.25 -3.55
CA LYS D 267 27.74 20.95 -4.96
C LYS D 267 26.51 21.23 -5.86
N GLY D 268 26.74 21.69 -7.09
CA GLY D 268 25.71 21.85 -8.12
C GLY D 268 25.01 20.53 -8.46
N ILE D 269 23.73 20.60 -8.88
CA ILE D 269 22.99 19.38 -9.31
C ILE D 269 23.83 18.59 -10.35
N HIS D 270 24.42 19.30 -11.33
CA HIS D 270 25.12 18.67 -12.48
C HIS D 270 26.64 18.61 -12.25
N GLN D 271 27.13 19.15 -11.14
CA GLN D 271 28.53 18.93 -10.71
C GLN D 271 28.74 17.43 -10.45
N LEU D 272 29.75 16.82 -11.09
CA LEU D 272 30.01 15.36 -11.01
C LEU D 272 30.60 15.06 -9.62
N ALA D 273 30.47 13.81 -9.14
CA ALA D 273 30.79 13.40 -7.75
C ALA D 273 32.29 13.55 -7.46
N HIS D 274 33.13 13.41 -8.48
CA HIS D 274 34.62 13.52 -8.39
C HIS D 274 35.14 14.97 -8.55
N VAL D 275 34.27 15.99 -8.70
CA VAL D 275 34.67 17.42 -8.85
C VAL D 275 34.34 18.19 -7.56
N GLU D 276 35.30 18.98 -7.04
CA GLU D 276 35.24 19.72 -5.74
C GLU D 276 34.97 21.22 -5.97
MG MG E . 1.37 -38.73 -4.41
FE NFU F . -3.11 -28.13 -1.11
NI NFU F . -3.54 -26.79 -3.34
C1 NFU F . -4.43 -29.54 -0.99
N1 NFU F . -5.18 -30.39 -0.99
C2 NFU F . -3.88 -27.32 0.43
N2 NFU F . -4.27 -26.80 1.38
C3 NFU F . -1.82 -28.96 0.03
O3 NFU F . -1.14 -29.47 0.73
C CMO G . -4.89 -25.68 -2.75
O CMO G . -5.78 -24.99 -2.81
C1 GOL H . -34.21 -29.33 2.07
O1 GOL H . -34.00 -30.13 3.25
C2 GOL H . -32.91 -28.87 1.46
O2 GOL H . -32.19 -28.02 2.37
C3 GOL H . -33.12 -28.17 0.13
O3 GOL H . -31.93 -28.14 -0.65
C1 GOL I . 7.62 -4.41 18.92
O1 GOL I . 6.71 -5.48 19.18
C2 GOL I . 7.98 -4.32 17.45
O2 GOL I . 6.81 -4.29 16.63
C3 GOL I . 8.84 -3.10 17.15
O3 GOL I . 8.08 -1.88 17.12
C1 GOL J . 25.15 -22.74 0.02
O1 GOL J . 25.69 -23.71 -0.88
C2 GOL J . 24.20 -23.40 0.99
O2 GOL J . 24.90 -23.94 2.10
C3 GOL J . 23.09 -22.46 1.45
O3 GOL J . 23.42 -21.73 2.62
C1 GOL K . 21.06 -2.23 -22.64
O1 GOL K . 20.24 -1.08 -22.41
C2 GOL K . 21.14 -3.10 -21.40
O2 GOL K . 19.82 -3.42 -21.01
C3 GOL K . 21.93 -4.38 -21.60
O3 GOL K . 22.23 -5.02 -20.36
FE1 SF4 L . 24.51 -10.69 -7.35
FE2 SF4 L . 22.25 -9.36 -7.99
FE3 SF4 L . 23.81 -10.44 -9.83
FE4 SF4 L . 22.25 -12.02 -8.26
S1 SF4 L . 21.45 -10.56 -9.79
S2 SF4 L . 24.43 -12.35 -8.92
S3 SF4 L . 22.42 -10.90 -6.32
S4 SF4 L . 24.43 -8.75 -8.48
FE1 F3S M . 11.79 -15.94 -10.63
FE3 F3S M . 12.31 -13.28 -10.38
FE4 F3S M . 14.35 -15.05 -10.21
S1 F3S M . 10.51 -14.41 -9.51
S2 F3S M . 13.37 -16.96 -9.37
S3 F3S M . 13.18 -14.72 -11.98
S4 F3S M . 13.91 -13.33 -8.88
FE1 SF4 N . 1.99 -22.51 -11.58
FE2 SF4 N . 3.11 -22.88 -14.00
FE3 SF4 N . 4.37 -21.40 -12.14
FE4 SF4 N . 2.04 -20.36 -13.24
S1 SF4 N . 3.97 -20.77 -14.34
S2 SF4 N . 2.72 -20.34 -11.05
S3 SF4 N . 0.96 -22.43 -13.58
S4 SF4 N . 3.86 -23.62 -12.01
MG MG O . 11.07 37.50 -0.20
FE NFU P . 3.62 28.11 0.91
NI NFU P . 4.52 26.70 2.97
C1 NFU P . 2.84 29.69 1.56
N1 NFU P . 2.35 30.64 1.97
C2 NFU P . 1.93 27.59 0.20
N2 NFU P . 0.94 27.23 -0.17
C3 NFU P . 4.02 28.79 -0.79
O3 NFU P . 4.07 29.18 -1.84
C CMO Q . 2.92 25.99 3.46
O CMO Q . 2.20 25.33 4.02
FE1 SF4 R . 24.91 5.52 -11.12
FE2 SF4 R . 23.37 4.62 -9.08
FE3 SF4 R . 25.97 5.21 -8.79
FE4 SF4 R . 24.08 7.18 -9.07
S1 SF4 R . 24.26 5.75 -7.28
S2 SF4 R . 26.22 7.06 -10.01
S3 SF4 R . 22.73 6.20 -10.55
S4 SF4 R . 25.16 3.56 -10.15
FE1 F3S S . 18.59 12.77 -0.77
FE3 F3S S . 18.35 10.14 -1.14
FE4 F3S S . 20.04 11.49 -2.65
S1 F3S S . 16.65 11.58 -0.64
S2 F3S S . 19.25 13.61 -2.79
S3 F3S S . 20.28 11.23 -0.45
S4 F3S S . 18.59 9.91 -3.33
FE1 SF4 T . 13.17 20.93 5.89
FE2 SF4 T . 15.65 20.90 6.96
FE3 SF4 T . 15.08 19.37 4.86
FE4 SF4 T . 13.91 18.71 7.25
S1 SF4 T . 16.13 18.67 6.76
S2 SF4 T . 12.91 18.70 5.21
S3 SF4 T . 13.78 20.86 8.10
S4 SF4 T . 15.00 21.62 4.91
#